data_9BTQ
# 
_entry.id   9BTQ 
# 
_audit_conform.dict_name       mmcif_pdbx.dic 
_audit_conform.dict_version    5.406 
_audit_conform.dict_location   http://mmcif.pdb.org/dictionaries/ascii/mmcif_pdbx.dic 
# 
loop_
_database_2.database_id 
_database_2.database_code 
_database_2.pdbx_database_accession 
_database_2.pdbx_DOI 
PDB   9BTQ         pdb_00009btq 10.2210/pdb9btq/pdb 
WWPDB D_1000284061 ?            ?                   
EMDB  EMD-44895    ?            ?                   
# 
loop_
_pdbx_audit_revision_history.ordinal 
_pdbx_audit_revision_history.data_content_type 
_pdbx_audit_revision_history.major_revision 
_pdbx_audit_revision_history.minor_revision 
_pdbx_audit_revision_history.revision_date 
_pdbx_audit_revision_history.part_number 
1 'Structure model' 1 0 2025-05-14 ? 
2 'EM metadata'     1 0 2025-05-14 ? 
3 'Half map'        1 0 2025-05-14 1 
4 'Half map'        1 0 2025-05-14 2 
5 Image             1 0 2025-05-14 ? 
6 'Primary map'     1 0 2025-05-14 ? 
7 'Structure model' 1 1 2025-09-17 ? 
# 
loop_
_pdbx_audit_revision_details.ordinal 
_pdbx_audit_revision_details.revision_ordinal 
_pdbx_audit_revision_details.data_content_type 
_pdbx_audit_revision_details.provider 
_pdbx_audit_revision_details.type 
_pdbx_audit_revision_details.description 
_pdbx_audit_revision_details.details 
1 1 'Structure model' repository 'Initial release' ? ? 
2 2 'EM metadata'     repository 'Initial release' ? ? 
3 3 'Half map'        repository 'Initial release' ? ? 
4 4 'Half map'        repository 'Initial release' ? ? 
5 5 Image             repository 'Initial release' ? ? 
6 6 'Primary map'     repository 'Initial release' ? ? 
# 
loop_
_pdbx_audit_revision_group.ordinal 
_pdbx_audit_revision_group.revision_ordinal 
_pdbx_audit_revision_group.data_content_type 
_pdbx_audit_revision_group.group 
1 7 'Structure model' 'Data collection'     
2 7 'Structure model' 'Database references' 
# 
loop_
_pdbx_audit_revision_category.ordinal 
_pdbx_audit_revision_category.revision_ordinal 
_pdbx_audit_revision_category.data_content_type 
_pdbx_audit_revision_category.category 
1 7 'Structure model' citation        
2 7 'Structure model' citation_author 
3 7 'Structure model' em_admin        
# 
loop_
_pdbx_audit_revision_item.ordinal 
_pdbx_audit_revision_item.revision_ordinal 
_pdbx_audit_revision_item.data_content_type 
_pdbx_audit_revision_item.item 
1  7 'Structure model' '_citation.country'                 
2  7 'Structure model' '_citation.journal_abbrev'          
3  7 'Structure model' '_citation.journal_id_CSD'          
4  7 'Structure model' '_citation.journal_id_ISSN'         
5  7 'Structure model' '_citation.journal_volume'          
6  7 'Structure model' '_citation.page_first'              
7  7 'Structure model' '_citation.page_last'               
8  7 'Structure model' '_citation.pdbx_database_id_DOI'    
9  7 'Structure model' '_citation.pdbx_database_id_PubMed' 
10 7 'Structure model' '_citation.title'                   
11 7 'Structure model' '_citation.year'                    
12 7 'Structure model' '_em_admin.last_update'             
# 
_pdbx_database_status.status_code                     REL 
_pdbx_database_status.status_code_sf                  ? 
_pdbx_database_status.status_code_mr                  ? 
_pdbx_database_status.entry_id                        9BTQ 
_pdbx_database_status.recvd_initial_deposition_date   2024-05-15 
_pdbx_database_status.SG_entry                        N 
_pdbx_database_status.deposit_site                    RCSB 
_pdbx_database_status.process_site                    RCSB 
_pdbx_database_status.status_code_cs                  ? 
_pdbx_database_status.status_code_nmr_data            ? 
_pdbx_database_status.methods_development_category    ? 
_pdbx_database_status.pdb_format_compatible           Y 
# 
_pdbx_database_related.db_name        EMDB 
_pdbx_database_related.details        'Cryo-EM structure of extracellular tube from Microcystis Aeruginosa pcc 7806SL' 
_pdbx_database_related.db_id          EMD-44895 
_pdbx_database_related.content_type   'associated EM volume' 
# 
_pdbx_contact_author.id                 2 
_pdbx_contact_author.email              fw2@uab.edu 
_pdbx_contact_author.name_first         Fengbin 
_pdbx_contact_author.name_last          Wang 
_pdbx_contact_author.name_mi            ? 
_pdbx_contact_author.role               'principal investigator/group leader' 
_pdbx_contact_author.identifier_ORCID   0000-0003-1008-663X 
# 
loop_
_audit_author.name 
_audit_author.pdbx_ordinal 
_audit_author.identifier_ORCID 
'Petersen, H.A.' 1 ? 
'Ricca, J.G.'    2 ? 
'Louda, J.W.'    3 ? 
'Wang, F.'       4 ? 
# 
_citation.abstract                  ? 
_citation.abstract_id_CAS           ? 
_citation.book_id_ISBN              ? 
_citation.book_publisher            ? 
_citation.book_publisher_city       ? 
_citation.book_title                ? 
_citation.coordinate_linkage        ? 
_citation.country                   UK 
_citation.database_id_Medline       ? 
_citation.details                   ? 
_citation.id                        primary 
_citation.journal_abbrev            'Nat Commun' 
_citation.journal_id_ASTM           ? 
_citation.journal_id_CSD            ? 
_citation.journal_id_ISSN           2041-1723 
_citation.journal_full              ? 
_citation.journal_issue             ? 
_citation.journal_volume            16 
_citation.language                  ? 
_citation.page_first                8082 
_citation.page_last                 8082 
_citation.title                     
'A family of tubular pili from harmful algal bloom forming cyanobacterium Microcystis aeruginosa.' 
_citation.year                      2025 
_citation.database_id_CSD           ? 
_citation.pdbx_database_id_DOI      10.1038/s41467-025-63379-1 
_citation.pdbx_database_id_PubMed   40883291 
_citation.pdbx_database_id_patent   ? 
_citation.unpublished_flag          ? 
# 
loop_
_citation_author.citation_id 
_citation_author.name 
_citation_author.ordinal 
_citation_author.identifier_ORCID 
primary 'Ricca, J.G.'         1  0000-0002-2528-4471 
primary 'Petersen, H.A.'      2  ?                   
primary 'Grosvirt-Dramen, A.' 3  ?                   
primary 'Mayali, X.'          4  0000-0002-2170-0773 
primary 'Naylon, S.H.'        5  ?                   
primary 'Duersch, B.G.'       6  ?                   
primary 'Dufresne, C.P.'      7  ?                   
primary 'Weber, P.K.'         8  0000-0001-6022-6050 
primary 'Sonani, R.R.'        9  ?                   
primary 'Prevelige, P.E.'     10 ?                   
primary 'Hochbaum, A.I.'      11 0000-0002-5377-8065 
primary 'Merk, V.'            12 0000-0003-0685-048X 
primary 'Louda, J.W.'         13 0000-0001-7280-9907 
primary 'Wang, F.'            14 0000-0003-1008-663X 
# 
_entity.id                         1 
_entity.type                       polymer 
_entity.src_method                 nat 
_entity.pdbx_description           pilin 
_entity.formula_weight             15515.277 
_entity.pdbx_number_of_molecules   1 
_entity.pdbx_ec                    ? 
_entity.pdbx_mutation              ? 
_entity.pdbx_fragment              ? 
_entity.details                    ? 
# 
_entity_poly.entity_id                      1 
_entity_poly.type                           'polypeptide(L)' 
_entity_poly.nstd_linkage                   no 
_entity_poly.nstd_monomer                   no 
_entity_poly.pdbx_seq_one_letter_code       
;MKASNYQEIAKAAILAGGLAAAGVLSVGESAQAQFIGTASQSRVSAAVTSILTDGNAAATNSFAVEQVLPSSDYVFSGVV
AVQVSYATTISVGVGTAGALTPVITAAELTAPVVVNAGTQLTVERATADAISKAATGSRFGDVSGIVRAWSAGTSVLD
;
_entity_poly.pdbx_seq_one_letter_code_can   
;MKASNYQEIAKAAILAGGLAAAGVLSVGESAQAQFIGTASQSRVSAAVTSILTDGNAAATNSFAVEQVLPSSDYVFSGVV
AVQVSYATTISVGVGTAGALTPVITAAELTAPVVVNAGTQLTVERATADAISKAATGSRFGDVSGIVRAWSAGTSVLD
;
_entity_poly.pdbx_strand_id                 A 
_entity_poly.pdbx_target_identifier         ? 
# 
loop_
_entity_poly_seq.entity_id 
_entity_poly_seq.num 
_entity_poly_seq.mon_id 
_entity_poly_seq.hetero 
1 1   MET n 
1 2   LYS n 
1 3   ALA n 
1 4   SER n 
1 5   ASN n 
1 6   TYR n 
1 7   GLN n 
1 8   GLU n 
1 9   ILE n 
1 10  ALA n 
1 11  LYS n 
1 12  ALA n 
1 13  ALA n 
1 14  ILE n 
1 15  LEU n 
1 16  ALA n 
1 17  GLY n 
1 18  GLY n 
1 19  LEU n 
1 20  ALA n 
1 21  ALA n 
1 22  ALA n 
1 23  GLY n 
1 24  VAL n 
1 25  LEU n 
1 26  SER n 
1 27  VAL n 
1 28  GLY n 
1 29  GLU n 
1 30  SER n 
1 31  ALA n 
1 32  GLN n 
1 33  ALA n 
1 34  GLN n 
1 35  PHE n 
1 36  ILE n 
1 37  GLY n 
1 38  THR n 
1 39  ALA n 
1 40  SER n 
1 41  GLN n 
1 42  SER n 
1 43  ARG n 
1 44  VAL n 
1 45  SER n 
1 46  ALA n 
1 47  ALA n 
1 48  VAL n 
1 49  THR n 
1 50  SER n 
1 51  ILE n 
1 52  LEU n 
1 53  THR n 
1 54  ASP n 
1 55  GLY n 
1 56  ASN n 
1 57  ALA n 
1 58  ALA n 
1 59  ALA n 
1 60  THR n 
1 61  ASN n 
1 62  SER n 
1 63  PHE n 
1 64  ALA n 
1 65  VAL n 
1 66  GLU n 
1 67  GLN n 
1 68  VAL n 
1 69  LEU n 
1 70  PRO n 
1 71  SER n 
1 72  SER n 
1 73  ASP n 
1 74  TYR n 
1 75  VAL n 
1 76  PHE n 
1 77  SER n 
1 78  GLY n 
1 79  VAL n 
1 80  VAL n 
1 81  ALA n 
1 82  VAL n 
1 83  GLN n 
1 84  VAL n 
1 85  SER n 
1 86  TYR n 
1 87  ALA n 
1 88  THR n 
1 89  THR n 
1 90  ILE n 
1 91  SER n 
1 92  VAL n 
1 93  GLY n 
1 94  VAL n 
1 95  GLY n 
1 96  THR n 
1 97  ALA n 
1 98  GLY n 
1 99  ALA n 
1 100 LEU n 
1 101 THR n 
1 102 PRO n 
1 103 VAL n 
1 104 ILE n 
1 105 THR n 
1 106 ALA n 
1 107 ALA n 
1 108 GLU n 
1 109 LEU n 
1 110 THR n 
1 111 ALA n 
1 112 PRO n 
1 113 VAL n 
1 114 VAL n 
1 115 VAL n 
1 116 ASN n 
1 117 ALA n 
1 118 GLY n 
1 119 THR n 
1 120 GLN n 
1 121 LEU n 
1 122 THR n 
1 123 VAL n 
1 124 GLU n 
1 125 ARG n 
1 126 ALA n 
1 127 THR n 
1 128 ALA n 
1 129 ASP n 
1 130 ALA n 
1 131 ILE n 
1 132 SER n 
1 133 LYS n 
1 134 ALA n 
1 135 ALA n 
1 136 THR n 
1 137 GLY n 
1 138 SER n 
1 139 ARG n 
1 140 PHE n 
1 141 GLY n 
1 142 ASP n 
1 143 VAL n 
1 144 SER n 
1 145 GLY n 
1 146 ILE n 
1 147 VAL n 
1 148 ARG n 
1 149 ALA n 
1 150 TRP n 
1 151 SER n 
1 152 ALA n 
1 153 GLY n 
1 154 THR n 
1 155 SER n 
1 156 VAL n 
1 157 LEU n 
1 158 ASP n 
# 
_entity_src_nat.entity_id                  1 
_entity_src_nat.pdbx_src_id                1 
_entity_src_nat.pdbx_alt_source_flag       sample 
_entity_src_nat.pdbx_beg_seq_num           1 
_entity_src_nat.pdbx_end_seq_num           158 
_entity_src_nat.common_name                ? 
_entity_src_nat.pdbx_organism_scientific   'Microcystis aeruginosa PCC 7806SL' 
_entity_src_nat.pdbx_ncbi_taxonomy_id      1903187 
_entity_src_nat.genus                      ? 
_entity_src_nat.species                    ? 
_entity_src_nat.strain                     ? 
_entity_src_nat.tissue                     ? 
_entity_src_nat.tissue_fraction            ? 
_entity_src_nat.pdbx_secretion             ? 
_entity_src_nat.pdbx_fragment              ? 
_entity_src_nat.pdbx_variant               ? 
_entity_src_nat.pdbx_cell_line             ? 
_entity_src_nat.pdbx_atcc                  ? 
_entity_src_nat.pdbx_cellular_location     ? 
_entity_src_nat.pdbx_organ                 ? 
_entity_src_nat.pdbx_organelle             ? 
_entity_src_nat.pdbx_cell                  ? 
_entity_src_nat.pdbx_plasmid_name          ? 
_entity_src_nat.pdbx_plasmid_details       ? 
_entity_src_nat.details                    ? 
# 
loop_
_chem_comp.id 
_chem_comp.type 
_chem_comp.mon_nstd_flag 
_chem_comp.name 
_chem_comp.pdbx_synonyms 
_chem_comp.formula 
_chem_comp.formula_weight 
ALA 'L-peptide linking' y ALANINE         ? 'C3 H7 N O2'     89.093  
ARG 'L-peptide linking' y ARGININE        ? 'C6 H15 N4 O2 1' 175.209 
ASN 'L-peptide linking' y ASPARAGINE      ? 'C4 H8 N2 O3'    132.118 
ASP 'L-peptide linking' y 'ASPARTIC ACID' ? 'C4 H7 N O4'     133.103 
GLN 'L-peptide linking' y GLUTAMINE       ? 'C5 H10 N2 O3'   146.144 
GLU 'L-peptide linking' y 'GLUTAMIC ACID' ? 'C5 H9 N O4'     147.129 
GLY 'peptide linking'   y GLYCINE         ? 'C2 H5 N O2'     75.067  
ILE 'L-peptide linking' y ISOLEUCINE      ? 'C6 H13 N O2'    131.173 
LEU 'L-peptide linking' y LEUCINE         ? 'C6 H13 N O2'    131.173 
LYS 'L-peptide linking' y LYSINE          ? 'C6 H15 N2 O2 1' 147.195 
MET 'L-peptide linking' y METHIONINE      ? 'C5 H11 N O2 S'  149.211 
PHE 'L-peptide linking' y PHENYLALANINE   ? 'C9 H11 N O2'    165.189 
PRO 'L-peptide linking' y PROLINE         ? 'C5 H9 N O2'     115.130 
SER 'L-peptide linking' y SERINE          ? 'C3 H7 N O3'     105.093 
THR 'L-peptide linking' y THREONINE       ? 'C4 H9 N O3'     119.119 
TRP 'L-peptide linking' y TRYPTOPHAN      ? 'C11 H12 N2 O2'  204.225 
TYR 'L-peptide linking' y TYROSINE        ? 'C9 H11 N O3'    181.189 
VAL 'L-peptide linking' y VALINE          ? 'C5 H11 N O2'    117.146 
# 
loop_
_pdbx_poly_seq_scheme.asym_id 
_pdbx_poly_seq_scheme.entity_id 
_pdbx_poly_seq_scheme.seq_id 
_pdbx_poly_seq_scheme.mon_id 
_pdbx_poly_seq_scheme.ndb_seq_num 
_pdbx_poly_seq_scheme.pdb_seq_num 
_pdbx_poly_seq_scheme.auth_seq_num 
_pdbx_poly_seq_scheme.pdb_mon_id 
_pdbx_poly_seq_scheme.auth_mon_id 
_pdbx_poly_seq_scheme.pdb_strand_id 
_pdbx_poly_seq_scheme.pdb_ins_code 
_pdbx_poly_seq_scheme.hetero 
A 1 1   MET 1   1   ?   ?   ?   A . n 
A 1 2   LYS 2   2   ?   ?   ?   A . n 
A 1 3   ALA 3   3   ?   ?   ?   A . n 
A 1 4   SER 4   4   ?   ?   ?   A . n 
A 1 5   ASN 5   5   ?   ?   ?   A . n 
A 1 6   TYR 6   6   ?   ?   ?   A . n 
A 1 7   GLN 7   7   ?   ?   ?   A . n 
A 1 8   GLU 8   8   ?   ?   ?   A . n 
A 1 9   ILE 9   9   ?   ?   ?   A . n 
A 1 10  ALA 10  10  ?   ?   ?   A . n 
A 1 11  LYS 11  11  ?   ?   ?   A . n 
A 1 12  ALA 12  12  ?   ?   ?   A . n 
A 1 13  ALA 13  13  ?   ?   ?   A . n 
A 1 14  ILE 14  14  ?   ?   ?   A . n 
A 1 15  LEU 15  15  ?   ?   ?   A . n 
A 1 16  ALA 16  16  ?   ?   ?   A . n 
A 1 17  GLY 17  17  ?   ?   ?   A . n 
A 1 18  GLY 18  18  ?   ?   ?   A . n 
A 1 19  LEU 19  19  ?   ?   ?   A . n 
A 1 20  ALA 20  20  ?   ?   ?   A . n 
A 1 21  ALA 21  21  ?   ?   ?   A . n 
A 1 22  ALA 22  22  ?   ?   ?   A . n 
A 1 23  GLY 23  23  ?   ?   ?   A . n 
A 1 24  VAL 24  24  ?   ?   ?   A . n 
A 1 25  LEU 25  25  ?   ?   ?   A . n 
A 1 26  SER 26  26  ?   ?   ?   A . n 
A 1 27  VAL 27  27  ?   ?   ?   A . n 
A 1 28  GLY 28  28  ?   ?   ?   A . n 
A 1 29  GLU 29  29  ?   ?   ?   A . n 
A 1 30  SER 30  30  ?   ?   ?   A . n 
A 1 31  ALA 31  31  ?   ?   ?   A . n 
A 1 32  GLN 32  32  ?   ?   ?   A . n 
A 1 33  ALA 33  33  ?   ?   ?   A . n 
A 1 34  GLN 34  34  ?   ?   ?   A . n 
A 1 35  PHE 35  35  35  PHE PHE A . n 
A 1 36  ILE 36  36  36  ILE ILE A . n 
A 1 37  GLY 37  37  37  GLY GLY A . n 
A 1 38  THR 38  38  38  THR THR A . n 
A 1 39  ALA 39  39  39  ALA ALA A . n 
A 1 40  SER 40  40  40  SER SER A . n 
A 1 41  GLN 41  41  41  GLN GLN A . n 
A 1 42  SER 42  42  42  SER SER A . n 
A 1 43  ARG 43  43  43  ARG ARG A . n 
A 1 44  VAL 44  44  44  VAL VAL A . n 
A 1 45  SER 45  45  45  SER SER A . n 
A 1 46  ALA 46  46  46  ALA ALA A . n 
A 1 47  ALA 47  47  47  ALA ALA A . n 
A 1 48  VAL 48  48  48  VAL VAL A . n 
A 1 49  THR 49  49  49  THR THR A . n 
A 1 50  SER 50  50  50  SER SER A . n 
A 1 51  ILE 51  51  51  ILE ILE A . n 
A 1 52  LEU 52  52  52  LEU LEU A . n 
A 1 53  THR 53  53  53  THR THR A . n 
A 1 54  ASP 54  54  54  ASP ASP A . n 
A 1 55  GLY 55  55  55  GLY GLY A . n 
A 1 56  ASN 56  56  56  ASN ASN A . n 
A 1 57  ALA 57  57  57  ALA ALA A . n 
A 1 58  ALA 58  58  58  ALA ALA A . n 
A 1 59  ALA 59  59  59  ALA ALA A . n 
A 1 60  THR 60  60  60  THR THR A . n 
A 1 61  ASN 61  61  61  ASN ASN A . n 
A 1 62  SER 62  62  62  SER SER A . n 
A 1 63  PHE 63  63  63  PHE PHE A . n 
A 1 64  ALA 64  64  64  ALA ALA A . n 
A 1 65  VAL 65  65  65  VAL VAL A . n 
A 1 66  GLU 66  66  66  GLU GLU A . n 
A 1 67  GLN 67  67  67  GLN GLN A . n 
A 1 68  VAL 68  68  68  VAL VAL A . n 
A 1 69  LEU 69  69  69  LEU LEU A . n 
A 1 70  PRO 70  70  70  PRO PRO A . n 
A 1 71  SER 71  71  71  SER SER A . n 
A 1 72  SER 72  72  72  SER SER A . n 
A 1 73  ASP 73  73  73  ASP ASP A . n 
A 1 74  TYR 74  74  74  TYR TYR A . n 
A 1 75  VAL 75  75  75  VAL VAL A . n 
A 1 76  PHE 76  76  76  PHE PHE A . n 
A 1 77  SER 77  77  77  SER SER A . n 
A 1 78  GLY 78  78  78  GLY GLY A . n 
A 1 79  VAL 79  79  79  VAL VAL A . n 
A 1 80  VAL 80  80  80  VAL VAL A . n 
A 1 81  ALA 81  81  81  ALA ALA A . n 
A 1 82  VAL 82  82  82  VAL VAL A . n 
A 1 83  GLN 83  83  83  GLN GLN A . n 
A 1 84  VAL 84  84  84  VAL VAL A . n 
A 1 85  SER 85  85  85  SER SER A . n 
A 1 86  TYR 86  86  86  TYR TYR A . n 
A 1 87  ALA 87  87  87  ALA ALA A . n 
A 1 88  THR 88  88  88  THR THR A . n 
A 1 89  THR 89  89  89  THR THR A . n 
A 1 90  ILE 90  90  90  ILE ILE A . n 
A 1 91  SER 91  91  91  SER SER A . n 
A 1 92  VAL 92  92  92  VAL VAL A . n 
A 1 93  GLY 93  93  93  GLY GLY A . n 
A 1 94  VAL 94  94  94  VAL VAL A . n 
A 1 95  GLY 95  95  95  GLY GLY A . n 
A 1 96  THR 96  96  96  THR THR A . n 
A 1 97  ALA 97  97  97  ALA ALA A . n 
A 1 98  GLY 98  98  98  GLY GLY A . n 
A 1 99  ALA 99  99  99  ALA ALA A . n 
A 1 100 LEU 100 100 100 LEU LEU A . n 
A 1 101 THR 101 101 101 THR THR A . n 
A 1 102 PRO 102 102 102 PRO PRO A . n 
A 1 103 VAL 103 103 103 VAL VAL A . n 
A 1 104 ILE 104 104 104 ILE ILE A . n 
A 1 105 THR 105 105 105 THR THR A . n 
A 1 106 ALA 106 106 106 ALA ALA A . n 
A 1 107 ALA 107 107 107 ALA ALA A . n 
A 1 108 GLU 108 108 108 GLU GLU A . n 
A 1 109 LEU 109 109 109 LEU LEU A . n 
A 1 110 THR 110 110 110 THR THR A . n 
A 1 111 ALA 111 111 111 ALA ALA A . n 
A 1 112 PRO 112 112 112 PRO PRO A . n 
A 1 113 VAL 113 113 113 VAL VAL A . n 
A 1 114 VAL 114 114 114 VAL VAL A . n 
A 1 115 VAL 115 115 115 VAL VAL A . n 
A 1 116 ASN 116 116 116 ASN ASN A . n 
A 1 117 ALA 117 117 117 ALA ALA A . n 
A 1 118 GLY 118 118 118 GLY GLY A . n 
A 1 119 THR 119 119 119 THR THR A . n 
A 1 120 GLN 120 120 120 GLN GLN A . n 
A 1 121 LEU 121 121 121 LEU LEU A . n 
A 1 122 THR 122 122 122 THR THR A . n 
A 1 123 VAL 123 123 123 VAL VAL A . n 
A 1 124 GLU 124 124 124 GLU GLU A . n 
A 1 125 ARG 125 125 125 ARG ARG A . n 
A 1 126 ALA 126 126 126 ALA ALA A . n 
A 1 127 THR 127 127 127 THR THR A . n 
A 1 128 ALA 128 128 128 ALA ALA A . n 
A 1 129 ASP 129 129 129 ASP ASP A . n 
A 1 130 ALA 130 130 130 ALA ALA A . n 
A 1 131 ILE 131 131 131 ILE ILE A . n 
A 1 132 SER 132 132 132 SER SER A . n 
A 1 133 LYS 133 133 133 LYS LYS A . n 
A 1 134 ALA 134 134 134 ALA ALA A . n 
A 1 135 ALA 135 135 135 ALA ALA A . n 
A 1 136 THR 136 136 136 THR THR A . n 
A 1 137 GLY 137 137 137 GLY GLY A . n 
A 1 138 SER 138 138 138 SER SER A . n 
A 1 139 ARG 139 139 139 ARG ARG A . n 
A 1 140 PHE 140 140 140 PHE PHE A . n 
A 1 141 GLY 141 141 141 GLY GLY A . n 
A 1 142 ASP 142 142 142 ASP ASP A . n 
A 1 143 VAL 143 143 143 VAL VAL A . n 
A 1 144 SER 144 144 144 SER SER A . n 
A 1 145 GLY 145 145 145 GLY GLY A . n 
A 1 146 ILE 146 146 146 ILE ILE A . n 
A 1 147 VAL 147 147 147 VAL VAL A . n 
A 1 148 ARG 148 148 148 ARG ARG A . n 
A 1 149 ALA 149 149 149 ALA ALA A . n 
A 1 150 TRP 150 150 150 TRP TRP A . n 
A 1 151 SER 151 151 151 SER SER A . n 
A 1 152 ALA 152 152 152 ALA ALA A . n 
A 1 153 GLY 153 153 153 GLY GLY A . n 
A 1 154 THR 154 154 154 THR THR A . n 
A 1 155 SER 155 155 155 SER SER A . n 
A 1 156 VAL 156 156 156 VAL VAL A . n 
A 1 157 LEU 157 157 157 LEU LEU A . n 
A 1 158 ASP 158 158 158 ASP ASP A . n 
# 
_exptl.absorpt_coefficient_mu     ? 
_exptl.absorpt_correction_T_max   ? 
_exptl.absorpt_correction_T_min   ? 
_exptl.absorpt_correction_type    ? 
_exptl.absorpt_process_details    ? 
_exptl.entry_id                   9BTQ 
_exptl.crystals_number            ? 
_exptl.details                    ? 
_exptl.method                     'ELECTRON MICROSCOPY' 
_exptl.method_details             ? 
# 
_refine.aniso_B[1][1]                            ? 
_refine.aniso_B[1][2]                            ? 
_refine.aniso_B[1][3]                            ? 
_refine.aniso_B[2][2]                            ? 
_refine.aniso_B[2][3]                            ? 
_refine.aniso_B[3][3]                            ? 
_refine.B_iso_max                                ? 
_refine.B_iso_mean                               ? 
_refine.B_iso_min                                ? 
_refine.correlation_coeff_Fo_to_Fc               ? 
_refine.correlation_coeff_Fo_to_Fc_free          ? 
_refine.details                                  ? 
_refine.diff_density_max                         ? 
_refine.diff_density_max_esd                     ? 
_refine.diff_density_min                         ? 
_refine.diff_density_min_esd                     ? 
_refine.diff_density_rms                         ? 
_refine.diff_density_rms_esd                     ? 
_refine.entry_id                                 9BTQ 
_refine.pdbx_refine_id                           'ELECTRON MICROSCOPY' 
_refine.ls_abs_structure_details                 ? 
_refine.ls_abs_structure_Flack                   ? 
_refine.ls_abs_structure_Flack_esd               ? 
_refine.ls_abs_structure_Rogers                  ? 
_refine.ls_abs_structure_Rogers_esd              ? 
_refine.ls_d_res_high                            2.40 
_refine.ls_d_res_low                             ? 
_refine.ls_extinction_coef                       ? 
_refine.ls_extinction_coef_esd                   ? 
_refine.ls_extinction_expression                 ? 
_refine.ls_extinction_method                     ? 
_refine.ls_goodness_of_fit_all                   ? 
_refine.ls_goodness_of_fit_all_esd               ? 
_refine.ls_goodness_of_fit_obs                   ? 
_refine.ls_goodness_of_fit_obs_esd               ? 
_refine.ls_hydrogen_treatment                    ? 
_refine.ls_matrix_type                           ? 
_refine.ls_number_constraints                    ? 
_refine.ls_number_parameters                     ? 
_refine.ls_number_reflns_all                     ? 
_refine.ls_number_reflns_obs                     ? 
_refine.ls_number_reflns_R_free                  ? 
_refine.ls_number_reflns_R_work                  ? 
_refine.ls_number_restraints                     ? 
_refine.ls_percent_reflns_obs                    ? 
_refine.ls_percent_reflns_R_free                 ? 
_refine.ls_R_factor_all                          ? 
_refine.ls_R_factor_obs                          ? 
_refine.ls_R_factor_R_free                       ? 
_refine.ls_R_factor_R_free_error                 ? 
_refine.ls_R_factor_R_free_error_details         ? 
_refine.ls_R_factor_R_work                       ? 
_refine.ls_R_Fsqd_factor_obs                     ? 
_refine.ls_R_I_factor_obs                        ? 
_refine.ls_redundancy_reflns_all                 ? 
_refine.ls_redundancy_reflns_obs                 ? 
_refine.ls_restrained_S_all                      ? 
_refine.ls_restrained_S_obs                      ? 
_refine.ls_shift_over_esd_max                    ? 
_refine.ls_shift_over_esd_mean                   ? 
_refine.ls_structure_factor_coef                 ? 
_refine.ls_weighting_details                     ? 
_refine.ls_weighting_scheme                      ? 
_refine.ls_wR_factor_all                         ? 
_refine.ls_wR_factor_obs                         ? 
_refine.ls_wR_factor_R_free                      ? 
_refine.ls_wR_factor_R_work                      ? 
_refine.occupancy_max                            ? 
_refine.occupancy_min                            ? 
_refine.solvent_model_details                    ? 
_refine.solvent_model_param_bsol                 ? 
_refine.solvent_model_param_ksol                 ? 
_refine.correlation_coeff_I_to_Fcsqd_work        ? 
_refine.correlation_coeff_I_to_Fcsqd_free        ? 
_refine.pdbx_R_complete                          ? 
_refine.ls_R_factor_gt                           ? 
_refine.ls_goodness_of_fit_gt                    ? 
_refine.ls_goodness_of_fit_ref                   ? 
_refine.ls_shift_over_su_max                     ? 
_refine.ls_shift_over_su_max_lt                  ? 
_refine.ls_shift_over_su_mean                    ? 
_refine.ls_shift_over_su_mean_lt                 ? 
_refine.pdbx_ls_sigma_I                          ? 
_refine.pdbx_ls_sigma_F                          ? 
_refine.pdbx_ls_sigma_Fsqd                       ? 
_refine.pdbx_data_cutoff_high_absF               ? 
_refine.pdbx_data_cutoff_high_rms_absF           ? 
_refine.pdbx_data_cutoff_low_absF                ? 
_refine.pdbx_isotropic_thermal_model             ? 
_refine.pdbx_ls_cross_valid_method               ? 
_refine.pdbx_method_to_determine_struct          ? 
_refine.pdbx_starting_model                      ? 
_refine.pdbx_stereochemistry_target_values       'REAL-SPACE (WEIGHTED MAP SUM AT ATOM CENTERS)' 
_refine.pdbx_R_Free_selection_details            ? 
_refine.pdbx_stereochem_target_val_spec_case     ? 
_refine.pdbx_overall_ESU_R                       ? 
_refine.pdbx_overall_ESU_R_Free                  ? 
_refine.pdbx_solvent_vdw_probe_radii             ? 
_refine.pdbx_solvent_ion_probe_radii             ? 
_refine.pdbx_solvent_shrinkage_radii             ? 
_refine.pdbx_real_space_R                        ? 
_refine.pdbx_density_correlation                 ? 
_refine.pdbx_pd_number_of_powder_patterns        ? 
_refine.pdbx_pd_number_of_points                 ? 
_refine.pdbx_pd_meas_number_of_points            ? 
_refine.pdbx_pd_proc_ls_prof_R_factor            ? 
_refine.pdbx_pd_proc_ls_prof_wR_factor           ? 
_refine.pdbx_pd_Marquardt_correlation_coeff      ? 
_refine.pdbx_pd_Fsqrd_R_factor                   ? 
_refine.pdbx_pd_ls_matrix_band_width             ? 
_refine.pdbx_overall_phase_error                 ? 
_refine.pdbx_overall_SU_R_free_Cruickshank_DPI   ? 
_refine.pdbx_overall_SU_R_free_Blow_DPI          ? 
_refine.pdbx_overall_SU_R_Blow_DPI               ? 
_refine.pdbx_TLS_residual_ADP_flag               ? 
_refine.pdbx_diffrn_id                           ? 
_refine.overall_SU_B                             ? 
_refine.overall_SU_ML                            ? 
_refine.overall_SU_R_Cruickshank_DPI             ? 
_refine.overall_SU_R_free                        ? 
_refine.overall_FOM_free_R_set                   ? 
_refine.overall_FOM_work_R_set                   ? 
_refine.pdbx_average_fsc_overall                 ? 
_refine.pdbx_average_fsc_work                    ? 
_refine.pdbx_average_fsc_free                    ? 
# 
loop_
_refine_ls_restr.pdbx_refine_id 
_refine_ls_restr.criterion 
_refine_ls_restr.dev_ideal 
_refine_ls_restr.dev_ideal_target 
_refine_ls_restr.number 
_refine_ls_restr.rejects 
_refine_ls_restr.type 
_refine_ls_restr.weight 
_refine_ls_restr.pdbx_Zscore 
_refine_ls_restr.pdbx_restraint_function 
'ELECTRON MICROSCOPY' ? 0.006 ? 40440 ? f_bond_d           ? ? ? 
'ELECTRON MICROSCOPY' ? 1.128 ? 55440 ? f_angle_d          ? ? ? 
'ELECTRON MICROSCOPY' ? 5.056 ? 5160  ? f_dihedral_angle_d ? ? ? 
'ELECTRON MICROSCOPY' ? 0.058 ? 7960  ? f_chiral_restr     ? ? ? 
'ELECTRON MICROSCOPY' ? 0.004 ? 6480  ? f_plane_restr      ? ? ? 
# 
_struct.entry_id                     9BTQ 
_struct.title                        'Cryo-EM structure of extracellular tube from Microcystis Aeruginosa pcc 7806SL' 
_struct.pdbx_model_details           ? 
_struct.pdbx_formula_weight          ? 
_struct.pdbx_formula_weight_method   ? 
_struct.pdbx_model_type_details      ? 
_struct.pdbx_CASP_flag               N 
# 
_struct_keywords.entry_id        9BTQ 
_struct_keywords.text            'extracellular tube, filament, pili, helical symmetry, PROTEIN FIBRIL' 
_struct_keywords.pdbx_keywords   'PROTEIN FIBRIL' 
# 
_struct_asym.id                            A 
_struct_asym.pdbx_blank_PDB_chainid_flag   N 
_struct_asym.pdbx_modified                 N 
_struct_asym.entity_id                     1 
_struct_asym.details                       ? 
# 
_struct_ref.id                         1 
_struct_ref.db_name                    UNP 
_struct_ref.db_code                    L7EE41_MICAE 
_struct_ref.pdbx_db_accession          L7EE41 
_struct_ref.pdbx_db_isoform            ? 
_struct_ref.entity_id                  1 
_struct_ref.pdbx_seq_one_letter_code   
;MKASNYQEIAKAAILAGGLAAAGVLSVGESAQAQFIGTASQSRVSAAVTSILTDGNAAATNSFAVEQVLPPSDYVFSGVV
AVQVSYATTISVGVGTAGALTPVITAAQLTAPVVVNAGTQLTVERATADAISRAAGGSRFGDVSGIVRAWSAGTSVLD
;
_struct_ref.pdbx_align_begin           1 
# 
_struct_ref_seq.align_id                      1 
_struct_ref_seq.ref_id                        1 
_struct_ref_seq.pdbx_PDB_id_code              9BTQ 
_struct_ref_seq.pdbx_strand_id                A 
_struct_ref_seq.seq_align_beg                 1 
_struct_ref_seq.pdbx_seq_align_beg_ins_code   ? 
_struct_ref_seq.seq_align_end                 158 
_struct_ref_seq.pdbx_seq_align_end_ins_code   ? 
_struct_ref_seq.pdbx_db_accession             L7EE41 
_struct_ref_seq.db_align_beg                  1 
_struct_ref_seq.pdbx_db_align_beg_ins_code    ? 
_struct_ref_seq.db_align_end                  158 
_struct_ref_seq.pdbx_db_align_end_ins_code    ? 
_struct_ref_seq.pdbx_auth_seq_align_beg       1 
_struct_ref_seq.pdbx_auth_seq_align_end       158 
# 
loop_
_struct_ref_seq_dif.align_id 
_struct_ref_seq_dif.pdbx_pdb_id_code 
_struct_ref_seq_dif.mon_id 
_struct_ref_seq_dif.pdbx_pdb_strand_id 
_struct_ref_seq_dif.seq_num 
_struct_ref_seq_dif.pdbx_pdb_ins_code 
_struct_ref_seq_dif.pdbx_seq_db_name 
_struct_ref_seq_dif.pdbx_seq_db_accession_code 
_struct_ref_seq_dif.db_mon_id 
_struct_ref_seq_dif.pdbx_seq_db_seq_num 
_struct_ref_seq_dif.details 
_struct_ref_seq_dif.pdbx_auth_seq_num 
_struct_ref_seq_dif.pdbx_ordinal 
1 9BTQ SER A 71  ? UNP L7EE41 PRO 71  conflict 71  1 
1 9BTQ GLU A 108 ? UNP L7EE41 GLN 108 conflict 108 2 
1 9BTQ LYS A 133 ? UNP L7EE41 ARG 133 conflict 133 3 
1 9BTQ THR A 136 ? UNP L7EE41 GLY 136 conflict 136 4 
# 
loop_
_pdbx_struct_assembly.id 
_pdbx_struct_assembly.details 
_pdbx_struct_assembly.method_details 
_pdbx_struct_assembly.oligomeric_details 
_pdbx_struct_assembly.oligomeric_count 
1 'representative helical assembly'            ? 40-meric  40 
2 'helical asymmetric unit'                    ? monomeric 1  
3 'helical asymmetric unit, std helical frame' ? monomeric 1  
# 
loop_
_pdbx_struct_assembly_gen.assembly_id 
_pdbx_struct_assembly_gen.oper_expression 
_pdbx_struct_assembly_gen.asym_id_list 
1 '(1-40)' A 
2 21       A 
3 H        A 
# 
_pdbx_struct_assembly_auth_evidence.id                     1 
_pdbx_struct_assembly_auth_evidence.assembly_id            1 
_pdbx_struct_assembly_auth_evidence.experimental_support   'electron microscopy' 
_pdbx_struct_assembly_auth_evidence.details                'not applicable' 
# 
loop_
_pdbx_struct_oper_list.id 
_pdbx_struct_oper_list.type 
_pdbx_struct_oper_list.name 
_pdbx_struct_oper_list.symmetry_operation 
_pdbx_struct_oper_list.matrix[1][1] 
_pdbx_struct_oper_list.matrix[1][2] 
_pdbx_struct_oper_list.matrix[1][3] 
_pdbx_struct_oper_list.vector[1] 
_pdbx_struct_oper_list.matrix[2][1] 
_pdbx_struct_oper_list.matrix[2][2] 
_pdbx_struct_oper_list.matrix[2][3] 
_pdbx_struct_oper_list.vector[2] 
_pdbx_struct_oper_list.matrix[3][1] 
_pdbx_struct_oper_list.matrix[3][2] 
_pdbx_struct_oper_list.matrix[3][3] 
_pdbx_struct_oper_list.vector[3] 
H  'identity operation'         1_555 x,y,z 1.00000000  0.00000000  0.00000000  0.00000   0.00000000  1.00000000 0.00000000  0.00000   0.00000000  0.00000000  1.00000000  0.00000  
1  'helical symmetry operation' ?     ?     0.50360381  -0.13997393 0.85252009  -62.19624 -0.26986287 0.91192401 0.30914175  54.23097  -0.82070533 -0.38574848 0.42147464  11.03471 
2  'helical symmetry operation' ?     ?     0.29462911  -0.22076500 0.92976153  -64.90072 -0.36160640 0.87484546 0.32231386  49.83142  -0.88455327 -0.43117077 0.17792491  19.84399 
3  'helical symmetry operation' ?     ?     0.07589877  -0.31021648 0.94763132  -65.48609 -0.45274402 0.83603596 0.30994633  46.37254  -0.88840432 -0.45255896 -0.07699455 29.43393 
4  'helical symmetry operation' ?     ?     -0.13819637 -0.40244312 0.90495376  -63.82204 -0.53727955 0.79804888 0.27285284  43.86080  -0.83200508 -0.44850587 -0.32651191 39.19075 
5  'helical symmetry operation' ?     ?     -0.33357043 -0.49137710 0.80453670  -59.92622 -0.60965116 0.76338350 0.21347387  42.24037  -0.71906622 -0.41927816 -0.55421078 48.48970 
6  'helical symmetry operation' ?     ?     -0.49736923 -0.57116720 0.65298689  -53.96313 -0.66509734 0.73432055 0.13571614  41.39677  -0.55701830 -0.36679881 -0.74511023 56.73612 
7  'helical symmetry operation' ?     ?     -0.61881602 -0.63656384 0.46027514  -46.23328 -0.69997013 0.71277214 0.04469552  41.16441  -0.35652285 -0.29452055 -0.88665050 63.40463 
8  'helical symmetry operation' ?     ?     -0.68992050 -0.68326439 0.23908050  -37.15342 -0.71197517 0.70015601 -0.05359951 41.33750  -0.13077101 -0.20719878 -0.96951927 68.07364 
9  'helical symmetry operation' ?     ?     -0.70600451 -0.70819629 0.00395593  -27.22912 -0.70032262 0.69730222 -0.15270185 41.68355  0.10538441  -0.11057862 -0.98826439 70.45315 
10 'helical symmetry operation' ?     ?     -0.66600984 -0.70971922 -0.22962911 -17.02150 -0.66577911 0.70439850 -0.24609130 41.95872  0.33640612  -0.01101696 -0.94165257 70.40375 
11 'helical symmetry operation' ?     ?     -0.57256784 -0.68773298 -0.44630642 -7.11034  -0.61061737 0.72097799 -0.32762351 41.92380  0.54709460  0.08493576  -0.83275051 67.94586 
12 'helical symmetry operation' ?     ?     -0.43182632 -0.64368409 -0.63182024 1.94410   -0.53846662 0.74594988 -0.39193428 41.36000  0.72358809  0.17096657  -0.66872319 63.25835 
13 'helical symmetry operation' ?     ?     -0.25304503 -0.58047066 -0.77396514 9.63793   -0.45407386 0.77767119 -0.43479242 40.08334  0.85427463  0.24141528  -0.46036238 56.66679 
14 'helical symmetry operation' ?     ?     -0.04798646 -0.50225165 -0.86338901 15.55676  -0.36299151 0.81405490 -0.45337819 37.95670  0.93055600  0.29164687  -0.22137670 48.62201 
15 'helical symmetry operation' ?     ?     0.16985804  -0.41417332 -0.89420842 19.40301  -0.27121212 0.85270723 -0.44646877 34.89894  0.94741344  0.31835647  0.03251035  39.67048 
16 'helical symmetry operation' ?     ?     0.38615592  -0.32203055 -0.86439570 21.01542  -0.18477409 0.89108514 -0.41451877 30.89012  0.90373787  0.31978681  0.28459490  30.41828 
17 'helical symmetry operation' ?     ?     0.58667635  -0.23188567 -0.77591229 20.37974  -0.10936441 0.92666364 -0.35963024 25.97292  0.80240281  0.29584375  0.51829160  21.49132 
18 'helical symmetry operation' ?     ?     0.75822659  -0.14966954 -0.63457977 17.62961  -0.04994449 0.95710194 -0.28541447 20.24976  0.65007538  0.24810260  0.71822497  13.49409 
19 'helical symmetry operation' ?     ?     0.88951987  -0.08079138 -0.44969674 13.03779  -0.01042371 0.98039742 -0.19675428 13.87609  0.45677757  0.17970435  0.87124084  6.96990  
20 'helical symmetry operation' ?     ?     0.97191807  -0.02978288 -0.23342717 6.99819   0.00659775  0.99501740 -0.09948288 7.05017   0.23522699  0.09514911  0.96727189  2.36516  
21 'identity operation'         1_555 x,y,z 1.00000000  0.00000000  0.00000000  0.00000   0.00000000  1.00000000 0.00000000  0.00000   0.00000000  0.00000000  1.00000000  0.00000  
22 'helical symmetry operation' ?     ?     0.97191807  0.00659775  0.23522699  -7.40453  -0.02978288 0.99501740 0.09514911  -7.03166  -0.23342717 -0.09948288 0.96727189  0.04718  
23 'helical symmetry operation' ?     ?     0.88951987  -0.01042371 0.45677757  -14.63642 -0.08079138 0.98039742 0.17970435  -13.80327 -0.44969674 -0.19675428 0.87124084  2.52077  
24 'helical symmetry operation' ?     ?     0.75822659  -0.04994449 0.65007538  -21.12805 -0.14966954 0.95710194 0.24810260  -20.09039 -0.63457977 -0.28541447 0.71822497  7.27518  
25 'helical symmetry operation' ?     ?     0.58667635  -0.10936441 0.80240281  -26.36050 -0.23188567 0.92666364 0.29584375  -25.70047 -0.77591229 -0.35963024 0.51829160  14.01477 
26 'helical symmetry operation' ?     ?     0.38615592  -0.18477409 0.90373787  -29.89769 -0.32203055 0.89108514 0.31978681  -30.48549 -0.86439570 -0.41451877 0.28459490  22.31329 
27 'helical symmetry operation' ?     ?     0.16985804  -0.27121212 0.94741344  -31.41508 -0.41417332 0.85270723 0.31835647  -34.35172 -0.89420842 -0.44646877 0.03251035  31.64192 
28 'helical symmetry operation' ?     ?     -0.04798646 -0.36299151 0.93055600  -30.72103 -0.50225165 0.81405490 0.29164687  -37.26589 -0.86338901 -0.45337819 -0.22137670 41.40406 
29 'helical symmetry operation' ?     ?     -0.25304503 -0.45407386 0.85427463  -27.76937 -0.58047066 0.77767119 0.24141528  -39.25735 -0.77396514 -0.43479242 -0.46036238 50.97461 
30 'helical symmetry operation' ?     ?     -0.43182632 -0.53846662 0.72358809  -22.66249 -0.64368409 0.74594988 0.17096657  -40.41617 -0.63182024 -0.39193428 -0.66872319 59.74105 
31 'helical symmetry operation' ?     ?     -0.57256784 -0.61061737 0.54709460  -15.64457 -0.68773298 0.72097799 0.08493576  -40.88719 -0.44630642 -0.32762351 -0.83275051 67.14378 
32 'helical symmetry operation' ?     ?     -0.66600984 -0.66577911 0.33640612  -7.08550  -0.70971922 0.70439850 -0.01101696 -40.86051 -0.22962911 -0.24609130 -0.94165257 72.71291 
33 'helical symmetry operation' ?     ?     -0.70600451 -0.70032262 0.10538441  2.54339   -0.70819629 0.69730222 -0.11057862 -40.55898 0.00395593  -0.15270185 -0.98826439 76.09921 
34 'helical symmetry operation' ?     ?     -0.68992050 -0.71197517 -0.13077101 12.70043  -0.68326439 0.70015601 -0.20719878 -40.22353 0.23908050  -0.05359951 -0.96951927 77.09704 
35 'helical symmetry operation' ?     ?     -0.61881602 -0.69997013 -0.35652285 22.80916  -0.63656384 0.71277214 -0.29452055 -40.09732 0.46027514  0.04469552  -0.88665050 75.65791 
36 'helical symmetry operation' ?     ?     -0.49736923 -0.66509734 -0.55701830 32.29634  -0.57116720 0.73432055 -0.36679881 -40.40973 0.65298689  0.13571614  -0.74511023 71.89367 
37 'helical symmetry operation' ?     ?     -0.33357043 -0.60965116 -0.71906622 40.62958  -0.49137710 0.76338350 -0.41927816 -41.36130 0.80453670  0.21347387  -0.55421078 66.06914 
38 'helical symmetry operation' ?     ?     -0.13819637 -0.53727955 -0.83200508 47.35244  -0.40244312 0.79804888 -0.44850587 -43.11052 0.90495376  0.27285284  -0.32651191 58.58470 
39 'helical symmetry operation' ?     ?     0.07589877  -0.45274402 -0.88840432 52.11443  -0.31021648 0.83603596 -0.45255896 -45.76339 0.94763132  0.30994633  -0.07699455 49.94993 
40 'helical symmetry operation' ?     ?     0.29462911  -0.36160640 -0.88455327 54.69407  -0.22076500 0.87484546 -0.43117077 -49.36646 0.92976153  0.32231386  0.17792491  40.75009  
# 
loop_
_struct_conf.conf_type_id 
_struct_conf.id 
_struct_conf.pdbx_PDB_helix_id 
_struct_conf.beg_label_comp_id 
_struct_conf.beg_label_asym_id 
_struct_conf.beg_label_seq_id 
_struct_conf.pdbx_beg_PDB_ins_code 
_struct_conf.end_label_comp_id 
_struct_conf.end_label_asym_id 
_struct_conf.end_label_seq_id 
_struct_conf.pdbx_end_PDB_ins_code 
_struct_conf.beg_auth_comp_id 
_struct_conf.beg_auth_asym_id 
_struct_conf.beg_auth_seq_id 
_struct_conf.end_auth_comp_id 
_struct_conf.end_auth_asym_id 
_struct_conf.end_auth_seq_id 
_struct_conf.pdbx_PDB_helix_class 
_struct_conf.details 
_struct_conf.pdbx_PDB_helix_length 
HELX_P HELX_P1 AA1 VAL A 94  ? GLY A 98  ? VAL A 94  GLY A 98  5 ? 5  
HELX_P HELX_P2 AA2 THR A 122 ? GLY A 137 ? THR A 122 GLY A 137 1 ? 16 
HELX_P HELX_P3 AA3 ARG A 139 ? GLY A 153 ? ARG A 139 GLY A 153 1 ? 15 
# 
_struct_conf_type.id          HELX_P 
_struct_conf_type.criteria    ? 
_struct_conf_type.reference   ? 
# 
loop_
_struct_sheet.id 
_struct_sheet.type 
_struct_sheet.number_strands 
_struct_sheet.details 
AA1 ? 2 ? 
AA2 ? 2 ? 
AA3 ? 2 ? 
AA4 ? 2 ? 
# 
loop_
_struct_sheet_order.sheet_id 
_struct_sheet_order.range_id_1 
_struct_sheet_order.range_id_2 
_struct_sheet_order.offset 
_struct_sheet_order.sense 
AA1 1 2 ? anti-parallel 
AA2 1 2 ? anti-parallel 
AA3 1 2 ? anti-parallel 
AA4 1 2 ? anti-parallel 
# 
loop_
_struct_sheet_range.sheet_id 
_struct_sheet_range.id 
_struct_sheet_range.beg_label_comp_id 
_struct_sheet_range.beg_label_asym_id 
_struct_sheet_range.beg_label_seq_id 
_struct_sheet_range.pdbx_beg_PDB_ins_code 
_struct_sheet_range.end_label_comp_id 
_struct_sheet_range.end_label_asym_id 
_struct_sheet_range.end_label_seq_id 
_struct_sheet_range.pdbx_end_PDB_ins_code 
_struct_sheet_range.beg_auth_comp_id 
_struct_sheet_range.beg_auth_asym_id 
_struct_sheet_range.beg_auth_seq_id 
_struct_sheet_range.end_auth_comp_id 
_struct_sheet_range.end_auth_asym_id 
_struct_sheet_range.end_auth_seq_id 
AA1 1 ARG A 43  ? THR A 53  ? ARG A 43  THR A 53  
AA1 2 ALA A 58  ? VAL A 68  ? ALA A 58  VAL A 68  
AA2 1 TYR A 74  ? PHE A 76  ? TYR A 74  PHE A 76  
AA2 2 VAL A 113 ? VAL A 115 ? VAL A 113 VAL A 115 
AA3 1 ALA A 81  ? ALA A 87  ? ALA A 81  ALA A 87  
AA3 2 VAL A 103 ? THR A 110 ? VAL A 103 THR A 110 
AA4 1 SER A 91  ? VAL A 92  ? SER A 91  VAL A 92  
AA4 2 ALA A 99  ? LEU A 100 ? ALA A 99  LEU A 100 
# 
loop_
_pdbx_struct_sheet_hbond.sheet_id 
_pdbx_struct_sheet_hbond.range_id_1 
_pdbx_struct_sheet_hbond.range_id_2 
_pdbx_struct_sheet_hbond.range_1_label_atom_id 
_pdbx_struct_sheet_hbond.range_1_label_comp_id 
_pdbx_struct_sheet_hbond.range_1_label_asym_id 
_pdbx_struct_sheet_hbond.range_1_label_seq_id 
_pdbx_struct_sheet_hbond.range_1_PDB_ins_code 
_pdbx_struct_sheet_hbond.range_1_auth_atom_id 
_pdbx_struct_sheet_hbond.range_1_auth_comp_id 
_pdbx_struct_sheet_hbond.range_1_auth_asym_id 
_pdbx_struct_sheet_hbond.range_1_auth_seq_id 
_pdbx_struct_sheet_hbond.range_2_label_atom_id 
_pdbx_struct_sheet_hbond.range_2_label_comp_id 
_pdbx_struct_sheet_hbond.range_2_label_asym_id 
_pdbx_struct_sheet_hbond.range_2_label_seq_id 
_pdbx_struct_sheet_hbond.range_2_PDB_ins_code 
_pdbx_struct_sheet_hbond.range_2_auth_atom_id 
_pdbx_struct_sheet_hbond.range_2_auth_comp_id 
_pdbx_struct_sheet_hbond.range_2_auth_asym_id 
_pdbx_struct_sheet_hbond.range_2_auth_seq_id 
AA1 1 2 N LEU A 52 ? N LEU A 52 O ALA A 59  ? O ALA A 59  
AA2 1 2 N VAL A 75 ? N VAL A 75 O VAL A 114 ? O VAL A 114 
AA3 1 2 N ALA A 81 ? N ALA A 81 O THR A 110 ? O THR A 110 
AA4 1 2 N VAL A 92 ? N VAL A 92 O ALA A 99  ? O ALA A 99  
# 
_pdbx_entry_details.entry_id                   9BTQ 
_pdbx_entry_details.nonpolymer_details         ? 
_pdbx_entry_details.sequence_details           ? 
_pdbx_entry_details.compound_details           ? 
_pdbx_entry_details.source_details             ? 
_pdbx_entry_details.has_ligand_of_interest     N 
_pdbx_entry_details.has_protein_modification   N 
# 
_pdbx_helical_symmetry.entry_id                  9BTQ 
_pdbx_helical_symmetry.number_of_operations      40 
_pdbx_helical_symmetry.rotation_per_n_subunits   -14.737000 
_pdbx_helical_symmetry.rise_per_n_subunits       3.648000 
_pdbx_helical_symmetry.n_subunits_divisor        1 
_pdbx_helical_symmetry.dyad_axis                 no 
_pdbx_helical_symmetry.circular_symmetry         1 
# 
_em_3d_fitting.id                1 
_em_3d_fitting.entry_id          9BTQ 
_em_3d_fitting.method            ? 
_em_3d_fitting.target_criteria   ? 
_em_3d_fitting.details           ? 
_em_3d_fitting.overall_b_value   ? 
_em_3d_fitting.ref_space         ? 
_em_3d_fitting.ref_protocol      ? 
# 
_em_3d_reconstruction.entry_id                    9BTQ 
_em_3d_reconstruction.id                          1 
_em_3d_reconstruction.method                      ? 
_em_3d_reconstruction.algorithm                   ? 
_em_3d_reconstruction.citation_id                 ? 
_em_3d_reconstruction.details                     ? 
_em_3d_reconstruction.resolution                  2.4 
_em_3d_reconstruction.resolution_method           'FSC 0.143 CUT-OFF' 
_em_3d_reconstruction.magnification_calibration   ? 
_em_3d_reconstruction.nominal_pixel_size          ? 
_em_3d_reconstruction.actual_pixel_size           ? 
_em_3d_reconstruction.num_particles               1875465 
_em_3d_reconstruction.euler_angles_details        ? 
_em_3d_reconstruction.num_class_averages          ? 
_em_3d_reconstruction.refinement_type             ? 
_em_3d_reconstruction.image_processing_id         1 
_em_3d_reconstruction.symmetry_type               HELICAL 
# 
_em_buffer.id            1 
_em_buffer.specimen_id   1 
_em_buffer.name          ? 
_em_buffer.details       ? 
_em_buffer.pH            7.4 
# 
_em_entity_assembly.id                   1 
_em_entity_assembly.parent_id            0 
_em_entity_assembly.source               NATURAL 
_em_entity_assembly.type                 COMPLEX 
_em_entity_assembly.name                 'pili filaments' 
_em_entity_assembly.details              ? 
_em_entity_assembly.synonym              ? 
_em_entity_assembly.oligomeric_details   ? 
_em_entity_assembly.entity_id_list       1 
# 
_em_imaging.entry_id                        9BTQ 
_em_imaging.id                              1 
_em_imaging.astigmatism                     ? 
_em_imaging.electron_beam_tilt_params       ? 
_em_imaging.residual_tilt                   ? 
_em_imaging.microscope_model                'TFS KRIOS' 
_em_imaging.specimen_holder_type            ? 
_em_imaging.specimen_holder_model           ? 
_em_imaging.details                         ? 
_em_imaging.date                            ? 
_em_imaging.accelerating_voltage            300 
_em_imaging.illumination_mode               'FLOOD BEAM' 
_em_imaging.mode                            'BRIGHT FIELD' 
_em_imaging.nominal_cs                      ? 
_em_imaging.nominal_defocus_min             1000 
_em_imaging.nominal_defocus_max             2000 
_em_imaging.calibrated_defocus_min          ? 
_em_imaging.calibrated_defocus_max          ? 
_em_imaging.tilt_angle_min                  ? 
_em_imaging.tilt_angle_max                  ? 
_em_imaging.nominal_magnification           ? 
_em_imaging.calibrated_magnification        ? 
_em_imaging.electron_source                 'FIELD EMISSION GUN' 
_em_imaging.citation_id                     ? 
_em_imaging.temperature                     ? 
_em_imaging.detector_distance               ? 
_em_imaging.recording_temperature_minimum   ? 
_em_imaging.recording_temperature_maximum   ? 
_em_imaging.alignment_procedure             ? 
_em_imaging.c2_aperture_diameter            ? 
_em_imaging.specimen_id                     1 
_em_imaging.cryogen                         ? 
_em_imaging.objective_aperture              ? 
_em_imaging.microscope_serial_number        ? 
_em_imaging.microscope_version              ? 
# 
_em_vitrification.entry_id              9BTQ 
_em_vitrification.id                    1 
_em_vitrification.specimen_id           1 
_em_vitrification.cryogen_name          ETHANE 
_em_vitrification.humidity              ? 
_em_vitrification.temp                  ? 
_em_vitrification.chamber_temperature   ? 
_em_vitrification.instrument            ? 
_em_vitrification.method                ? 
_em_vitrification.time_resolved_state   ? 
_em_vitrification.citation_id           ? 
_em_vitrification.details               ? 
# 
_em_experiment.entry_id                9BTQ 
_em_experiment.id                      1 
_em_experiment.reconstruction_method   HELICAL 
_em_experiment.aggregation_state       FILAMENT 
_em_experiment.entity_assembly_id      1 
# 
loop_
_pdbx_unobs_or_zero_occ_residues.id 
_pdbx_unobs_or_zero_occ_residues.PDB_model_num 
_pdbx_unobs_or_zero_occ_residues.polymer_flag 
_pdbx_unobs_or_zero_occ_residues.occupancy_flag 
_pdbx_unobs_or_zero_occ_residues.auth_asym_id 
_pdbx_unobs_or_zero_occ_residues.auth_comp_id 
_pdbx_unobs_or_zero_occ_residues.auth_seq_id 
_pdbx_unobs_or_zero_occ_residues.PDB_ins_code 
_pdbx_unobs_or_zero_occ_residues.label_asym_id 
_pdbx_unobs_or_zero_occ_residues.label_comp_id 
_pdbx_unobs_or_zero_occ_residues.label_seq_id 
1  1 Y 1 A MET 1  ? A MET 1  
2  1 Y 1 A LYS 2  ? A LYS 2  
3  1 Y 1 A ALA 3  ? A ALA 3  
4  1 Y 1 A SER 4  ? A SER 4  
5  1 Y 1 A ASN 5  ? A ASN 5  
6  1 Y 1 A TYR 6  ? A TYR 6  
7  1 Y 1 A GLN 7  ? A GLN 7  
8  1 Y 1 A GLU 8  ? A GLU 8  
9  1 Y 1 A ILE 9  ? A ILE 9  
10 1 Y 1 A ALA 10 ? A ALA 10 
11 1 Y 1 A LYS 11 ? A LYS 11 
12 1 Y 1 A ALA 12 ? A ALA 12 
13 1 Y 1 A ALA 13 ? A ALA 13 
14 1 Y 1 A ILE 14 ? A ILE 14 
15 1 Y 1 A LEU 15 ? A LEU 15 
16 1 Y 1 A ALA 16 ? A ALA 16 
17 1 Y 1 A GLY 17 ? A GLY 17 
18 1 Y 1 A GLY 18 ? A GLY 18 
19 1 Y 1 A LEU 19 ? A LEU 19 
20 1 Y 1 A ALA 20 ? A ALA 20 
21 1 Y 1 A ALA 21 ? A ALA 21 
22 1 Y 1 A ALA 22 ? A ALA 22 
23 1 Y 1 A GLY 23 ? A GLY 23 
24 1 Y 1 A VAL 24 ? A VAL 24 
25 1 Y 1 A LEU 25 ? A LEU 25 
26 1 Y 1 A SER 26 ? A SER 26 
27 1 Y 1 A VAL 27 ? A VAL 27 
28 1 Y 1 A GLY 28 ? A GLY 28 
29 1 Y 1 A GLU 29 ? A GLU 29 
30 1 Y 1 A SER 30 ? A SER 30 
31 1 Y 1 A ALA 31 ? A ALA 31 
32 1 Y 1 A GLN 32 ? A GLN 32 
33 1 Y 1 A ALA 33 ? A ALA 33 
34 1 Y 1 A GLN 34 ? A GLN 34 
# 
loop_
_chem_comp_atom.comp_id 
_chem_comp_atom.atom_id 
_chem_comp_atom.type_symbol 
_chem_comp_atom.pdbx_aromatic_flag 
_chem_comp_atom.pdbx_stereo_config 
_chem_comp_atom.pdbx_ordinal 
ALA N    N N N 1   
ALA CA   C N S 2   
ALA C    C N N 3   
ALA O    O N N 4   
ALA CB   C N N 5   
ALA OXT  O N N 6   
ALA H    H N N 7   
ALA H2   H N N 8   
ALA HA   H N N 9   
ALA HB1  H N N 10  
ALA HB2  H N N 11  
ALA HB3  H N N 12  
ALA HXT  H N N 13  
ARG N    N N N 14  
ARG CA   C N S 15  
ARG C    C N N 16  
ARG O    O N N 17  
ARG CB   C N N 18  
ARG CG   C N N 19  
ARG CD   C N N 20  
ARG NE   N N N 21  
ARG CZ   C N N 22  
ARG NH1  N N N 23  
ARG NH2  N N N 24  
ARG OXT  O N N 25  
ARG H    H N N 26  
ARG H2   H N N 27  
ARG HA   H N N 28  
ARG HB2  H N N 29  
ARG HB3  H N N 30  
ARG HG2  H N N 31  
ARG HG3  H N N 32  
ARG HD2  H N N 33  
ARG HD3  H N N 34  
ARG HE   H N N 35  
ARG HH11 H N N 36  
ARG HH12 H N N 37  
ARG HH21 H N N 38  
ARG HH22 H N N 39  
ARG HXT  H N N 40  
ASN N    N N N 41  
ASN CA   C N S 42  
ASN C    C N N 43  
ASN O    O N N 44  
ASN CB   C N N 45  
ASN CG   C N N 46  
ASN OD1  O N N 47  
ASN ND2  N N N 48  
ASN OXT  O N N 49  
ASN H    H N N 50  
ASN H2   H N N 51  
ASN HA   H N N 52  
ASN HB2  H N N 53  
ASN HB3  H N N 54  
ASN HD21 H N N 55  
ASN HD22 H N N 56  
ASN HXT  H N N 57  
ASP N    N N N 58  
ASP CA   C N S 59  
ASP C    C N N 60  
ASP O    O N N 61  
ASP CB   C N N 62  
ASP CG   C N N 63  
ASP OD1  O N N 64  
ASP OD2  O N N 65  
ASP OXT  O N N 66  
ASP H    H N N 67  
ASP H2   H N N 68  
ASP HA   H N N 69  
ASP HB2  H N N 70  
ASP HB3  H N N 71  
ASP HD2  H N N 72  
ASP HXT  H N N 73  
GLN N    N N N 74  
GLN CA   C N S 75  
GLN C    C N N 76  
GLN O    O N N 77  
GLN CB   C N N 78  
GLN CG   C N N 79  
GLN CD   C N N 80  
GLN OE1  O N N 81  
GLN NE2  N N N 82  
GLN OXT  O N N 83  
GLN H    H N N 84  
GLN H2   H N N 85  
GLN HA   H N N 86  
GLN HB2  H N N 87  
GLN HB3  H N N 88  
GLN HG2  H N N 89  
GLN HG3  H N N 90  
GLN HE21 H N N 91  
GLN HE22 H N N 92  
GLN HXT  H N N 93  
GLU N    N N N 94  
GLU CA   C N S 95  
GLU C    C N N 96  
GLU O    O N N 97  
GLU CB   C N N 98  
GLU CG   C N N 99  
GLU CD   C N N 100 
GLU OE1  O N N 101 
GLU OE2  O N N 102 
GLU OXT  O N N 103 
GLU H    H N N 104 
GLU H2   H N N 105 
GLU HA   H N N 106 
GLU HB2  H N N 107 
GLU HB3  H N N 108 
GLU HG2  H N N 109 
GLU HG3  H N N 110 
GLU HE2  H N N 111 
GLU HXT  H N N 112 
GLY N    N N N 113 
GLY CA   C N N 114 
GLY C    C N N 115 
GLY O    O N N 116 
GLY OXT  O N N 117 
GLY H    H N N 118 
GLY H2   H N N 119 
GLY HA2  H N N 120 
GLY HA3  H N N 121 
GLY HXT  H N N 122 
ILE N    N N N 123 
ILE CA   C N S 124 
ILE C    C N N 125 
ILE O    O N N 126 
ILE CB   C N S 127 
ILE CG1  C N N 128 
ILE CG2  C N N 129 
ILE CD1  C N N 130 
ILE OXT  O N N 131 
ILE H    H N N 132 
ILE H2   H N N 133 
ILE HA   H N N 134 
ILE HB   H N N 135 
ILE HG12 H N N 136 
ILE HG13 H N N 137 
ILE HG21 H N N 138 
ILE HG22 H N N 139 
ILE HG23 H N N 140 
ILE HD11 H N N 141 
ILE HD12 H N N 142 
ILE HD13 H N N 143 
ILE HXT  H N N 144 
LEU N    N N N 145 
LEU CA   C N S 146 
LEU C    C N N 147 
LEU O    O N N 148 
LEU CB   C N N 149 
LEU CG   C N N 150 
LEU CD1  C N N 151 
LEU CD2  C N N 152 
LEU OXT  O N N 153 
LEU H    H N N 154 
LEU H2   H N N 155 
LEU HA   H N N 156 
LEU HB2  H N N 157 
LEU HB3  H N N 158 
LEU HG   H N N 159 
LEU HD11 H N N 160 
LEU HD12 H N N 161 
LEU HD13 H N N 162 
LEU HD21 H N N 163 
LEU HD22 H N N 164 
LEU HD23 H N N 165 
LEU HXT  H N N 166 
LYS N    N N N 167 
LYS CA   C N S 168 
LYS C    C N N 169 
LYS O    O N N 170 
LYS CB   C N N 171 
LYS CG   C N N 172 
LYS CD   C N N 173 
LYS CE   C N N 174 
LYS NZ   N N N 175 
LYS OXT  O N N 176 
LYS H    H N N 177 
LYS H2   H N N 178 
LYS HA   H N N 179 
LYS HB2  H N N 180 
LYS HB3  H N N 181 
LYS HG2  H N N 182 
LYS HG3  H N N 183 
LYS HD2  H N N 184 
LYS HD3  H N N 185 
LYS HE2  H N N 186 
LYS HE3  H N N 187 
LYS HZ1  H N N 188 
LYS HZ2  H N N 189 
LYS HZ3  H N N 190 
LYS HXT  H N N 191 
MET N    N N N 192 
MET CA   C N S 193 
MET C    C N N 194 
MET O    O N N 195 
MET CB   C N N 196 
MET CG   C N N 197 
MET SD   S N N 198 
MET CE   C N N 199 
MET OXT  O N N 200 
MET H    H N N 201 
MET H2   H N N 202 
MET HA   H N N 203 
MET HB2  H N N 204 
MET HB3  H N N 205 
MET HG2  H N N 206 
MET HG3  H N N 207 
MET HE1  H N N 208 
MET HE2  H N N 209 
MET HE3  H N N 210 
MET HXT  H N N 211 
PHE N    N N N 212 
PHE CA   C N S 213 
PHE C    C N N 214 
PHE O    O N N 215 
PHE CB   C N N 216 
PHE CG   C Y N 217 
PHE CD1  C Y N 218 
PHE CD2  C Y N 219 
PHE CE1  C Y N 220 
PHE CE2  C Y N 221 
PHE CZ   C Y N 222 
PHE OXT  O N N 223 
PHE H    H N N 224 
PHE H2   H N N 225 
PHE HA   H N N 226 
PHE HB2  H N N 227 
PHE HB3  H N N 228 
PHE HD1  H N N 229 
PHE HD2  H N N 230 
PHE HE1  H N N 231 
PHE HE2  H N N 232 
PHE HZ   H N N 233 
PHE HXT  H N N 234 
PRO N    N N N 235 
PRO CA   C N S 236 
PRO C    C N N 237 
PRO O    O N N 238 
PRO CB   C N N 239 
PRO CG   C N N 240 
PRO CD   C N N 241 
PRO OXT  O N N 242 
PRO H    H N N 243 
PRO HA   H N N 244 
PRO HB2  H N N 245 
PRO HB3  H N N 246 
PRO HG2  H N N 247 
PRO HG3  H N N 248 
PRO HD2  H N N 249 
PRO HD3  H N N 250 
PRO HXT  H N N 251 
SER N    N N N 252 
SER CA   C N S 253 
SER C    C N N 254 
SER O    O N N 255 
SER CB   C N N 256 
SER OG   O N N 257 
SER OXT  O N N 258 
SER H    H N N 259 
SER H2   H N N 260 
SER HA   H N N 261 
SER HB2  H N N 262 
SER HB3  H N N 263 
SER HG   H N N 264 
SER HXT  H N N 265 
THR N    N N N 266 
THR CA   C N S 267 
THR C    C N N 268 
THR O    O N N 269 
THR CB   C N R 270 
THR OG1  O N N 271 
THR CG2  C N N 272 
THR OXT  O N N 273 
THR H    H N N 274 
THR H2   H N N 275 
THR HA   H N N 276 
THR HB   H N N 277 
THR HG1  H N N 278 
THR HG21 H N N 279 
THR HG22 H N N 280 
THR HG23 H N N 281 
THR HXT  H N N 282 
TRP N    N N N 283 
TRP CA   C N S 284 
TRP C    C N N 285 
TRP O    O N N 286 
TRP CB   C N N 287 
TRP CG   C Y N 288 
TRP CD1  C Y N 289 
TRP CD2  C Y N 290 
TRP NE1  N Y N 291 
TRP CE2  C Y N 292 
TRP CE3  C Y N 293 
TRP CZ2  C Y N 294 
TRP CZ3  C Y N 295 
TRP CH2  C Y N 296 
TRP OXT  O N N 297 
TRP H    H N N 298 
TRP H2   H N N 299 
TRP HA   H N N 300 
TRP HB2  H N N 301 
TRP HB3  H N N 302 
TRP HD1  H N N 303 
TRP HE1  H N N 304 
TRP HE3  H N N 305 
TRP HZ2  H N N 306 
TRP HZ3  H N N 307 
TRP HH2  H N N 308 
TRP HXT  H N N 309 
TYR N    N N N 310 
TYR CA   C N S 311 
TYR C    C N N 312 
TYR O    O N N 313 
TYR CB   C N N 314 
TYR CG   C Y N 315 
TYR CD1  C Y N 316 
TYR CD2  C Y N 317 
TYR CE1  C Y N 318 
TYR CE2  C Y N 319 
TYR CZ   C Y N 320 
TYR OH   O N N 321 
TYR OXT  O N N 322 
TYR H    H N N 323 
TYR H2   H N N 324 
TYR HA   H N N 325 
TYR HB2  H N N 326 
TYR HB3  H N N 327 
TYR HD1  H N N 328 
TYR HD2  H N N 329 
TYR HE1  H N N 330 
TYR HE2  H N N 331 
TYR HH   H N N 332 
TYR HXT  H N N 333 
VAL N    N N N 334 
VAL CA   C N S 335 
VAL C    C N N 336 
VAL O    O N N 337 
VAL CB   C N N 338 
VAL CG1  C N N 339 
VAL CG2  C N N 340 
VAL OXT  O N N 341 
VAL H    H N N 342 
VAL H2   H N N 343 
VAL HA   H N N 344 
VAL HB   H N N 345 
VAL HG11 H N N 346 
VAL HG12 H N N 347 
VAL HG13 H N N 348 
VAL HG21 H N N 349 
VAL HG22 H N N 350 
VAL HG23 H N N 351 
VAL HXT  H N N 352 
# 
loop_
_chem_comp_bond.comp_id 
_chem_comp_bond.atom_id_1 
_chem_comp_bond.atom_id_2 
_chem_comp_bond.value_order 
_chem_comp_bond.pdbx_aromatic_flag 
_chem_comp_bond.pdbx_stereo_config 
_chem_comp_bond.pdbx_ordinal 
ALA N   CA   sing N N 1   
ALA N   H    sing N N 2   
ALA N   H2   sing N N 3   
ALA CA  C    sing N N 4   
ALA CA  CB   sing N N 5   
ALA CA  HA   sing N N 6   
ALA C   O    doub N N 7   
ALA C   OXT  sing N N 8   
ALA CB  HB1  sing N N 9   
ALA CB  HB2  sing N N 10  
ALA CB  HB3  sing N N 11  
ALA OXT HXT  sing N N 12  
ARG N   CA   sing N N 13  
ARG N   H    sing N N 14  
ARG N   H2   sing N N 15  
ARG CA  C    sing N N 16  
ARG CA  CB   sing N N 17  
ARG CA  HA   sing N N 18  
ARG C   O    doub N N 19  
ARG C   OXT  sing N N 20  
ARG CB  CG   sing N N 21  
ARG CB  HB2  sing N N 22  
ARG CB  HB3  sing N N 23  
ARG CG  CD   sing N N 24  
ARG CG  HG2  sing N N 25  
ARG CG  HG3  sing N N 26  
ARG CD  NE   sing N N 27  
ARG CD  HD2  sing N N 28  
ARG CD  HD3  sing N N 29  
ARG NE  CZ   sing N N 30  
ARG NE  HE   sing N N 31  
ARG CZ  NH1  sing N N 32  
ARG CZ  NH2  doub N N 33  
ARG NH1 HH11 sing N N 34  
ARG NH1 HH12 sing N N 35  
ARG NH2 HH21 sing N N 36  
ARG NH2 HH22 sing N N 37  
ARG OXT HXT  sing N N 38  
ASN N   CA   sing N N 39  
ASN N   H    sing N N 40  
ASN N   H2   sing N N 41  
ASN CA  C    sing N N 42  
ASN CA  CB   sing N N 43  
ASN CA  HA   sing N N 44  
ASN C   O    doub N N 45  
ASN C   OXT  sing N N 46  
ASN CB  CG   sing N N 47  
ASN CB  HB2  sing N N 48  
ASN CB  HB3  sing N N 49  
ASN CG  OD1  doub N N 50  
ASN CG  ND2  sing N N 51  
ASN ND2 HD21 sing N N 52  
ASN ND2 HD22 sing N N 53  
ASN OXT HXT  sing N N 54  
ASP N   CA   sing N N 55  
ASP N   H    sing N N 56  
ASP N   H2   sing N N 57  
ASP CA  C    sing N N 58  
ASP CA  CB   sing N N 59  
ASP CA  HA   sing N N 60  
ASP C   O    doub N N 61  
ASP C   OXT  sing N N 62  
ASP CB  CG   sing N N 63  
ASP CB  HB2  sing N N 64  
ASP CB  HB3  sing N N 65  
ASP CG  OD1  doub N N 66  
ASP CG  OD2  sing N N 67  
ASP OD2 HD2  sing N N 68  
ASP OXT HXT  sing N N 69  
GLN N   CA   sing N N 70  
GLN N   H    sing N N 71  
GLN N   H2   sing N N 72  
GLN CA  C    sing N N 73  
GLN CA  CB   sing N N 74  
GLN CA  HA   sing N N 75  
GLN C   O    doub N N 76  
GLN C   OXT  sing N N 77  
GLN CB  CG   sing N N 78  
GLN CB  HB2  sing N N 79  
GLN CB  HB3  sing N N 80  
GLN CG  CD   sing N N 81  
GLN CG  HG2  sing N N 82  
GLN CG  HG3  sing N N 83  
GLN CD  OE1  doub N N 84  
GLN CD  NE2  sing N N 85  
GLN NE2 HE21 sing N N 86  
GLN NE2 HE22 sing N N 87  
GLN OXT HXT  sing N N 88  
GLU N   CA   sing N N 89  
GLU N   H    sing N N 90  
GLU N   H2   sing N N 91  
GLU CA  C    sing N N 92  
GLU CA  CB   sing N N 93  
GLU CA  HA   sing N N 94  
GLU C   O    doub N N 95  
GLU C   OXT  sing N N 96  
GLU CB  CG   sing N N 97  
GLU CB  HB2  sing N N 98  
GLU CB  HB3  sing N N 99  
GLU CG  CD   sing N N 100 
GLU CG  HG2  sing N N 101 
GLU CG  HG3  sing N N 102 
GLU CD  OE1  doub N N 103 
GLU CD  OE2  sing N N 104 
GLU OE2 HE2  sing N N 105 
GLU OXT HXT  sing N N 106 
GLY N   CA   sing N N 107 
GLY N   H    sing N N 108 
GLY N   H2   sing N N 109 
GLY CA  C    sing N N 110 
GLY CA  HA2  sing N N 111 
GLY CA  HA3  sing N N 112 
GLY C   O    doub N N 113 
GLY C   OXT  sing N N 114 
GLY OXT HXT  sing N N 115 
ILE N   CA   sing N N 116 
ILE N   H    sing N N 117 
ILE N   H2   sing N N 118 
ILE CA  C    sing N N 119 
ILE CA  CB   sing N N 120 
ILE CA  HA   sing N N 121 
ILE C   O    doub N N 122 
ILE C   OXT  sing N N 123 
ILE CB  CG1  sing N N 124 
ILE CB  CG2  sing N N 125 
ILE CB  HB   sing N N 126 
ILE CG1 CD1  sing N N 127 
ILE CG1 HG12 sing N N 128 
ILE CG1 HG13 sing N N 129 
ILE CG2 HG21 sing N N 130 
ILE CG2 HG22 sing N N 131 
ILE CG2 HG23 sing N N 132 
ILE CD1 HD11 sing N N 133 
ILE CD1 HD12 sing N N 134 
ILE CD1 HD13 sing N N 135 
ILE OXT HXT  sing N N 136 
LEU N   CA   sing N N 137 
LEU N   H    sing N N 138 
LEU N   H2   sing N N 139 
LEU CA  C    sing N N 140 
LEU CA  CB   sing N N 141 
LEU CA  HA   sing N N 142 
LEU C   O    doub N N 143 
LEU C   OXT  sing N N 144 
LEU CB  CG   sing N N 145 
LEU CB  HB2  sing N N 146 
LEU CB  HB3  sing N N 147 
LEU CG  CD1  sing N N 148 
LEU CG  CD2  sing N N 149 
LEU CG  HG   sing N N 150 
LEU CD1 HD11 sing N N 151 
LEU CD1 HD12 sing N N 152 
LEU CD1 HD13 sing N N 153 
LEU CD2 HD21 sing N N 154 
LEU CD2 HD22 sing N N 155 
LEU CD2 HD23 sing N N 156 
LEU OXT HXT  sing N N 157 
LYS N   CA   sing N N 158 
LYS N   H    sing N N 159 
LYS N   H2   sing N N 160 
LYS CA  C    sing N N 161 
LYS CA  CB   sing N N 162 
LYS CA  HA   sing N N 163 
LYS C   O    doub N N 164 
LYS C   OXT  sing N N 165 
LYS CB  CG   sing N N 166 
LYS CB  HB2  sing N N 167 
LYS CB  HB3  sing N N 168 
LYS CG  CD   sing N N 169 
LYS CG  HG2  sing N N 170 
LYS CG  HG3  sing N N 171 
LYS CD  CE   sing N N 172 
LYS CD  HD2  sing N N 173 
LYS CD  HD3  sing N N 174 
LYS CE  NZ   sing N N 175 
LYS CE  HE2  sing N N 176 
LYS CE  HE3  sing N N 177 
LYS NZ  HZ1  sing N N 178 
LYS NZ  HZ2  sing N N 179 
LYS NZ  HZ3  sing N N 180 
LYS OXT HXT  sing N N 181 
MET N   CA   sing N N 182 
MET N   H    sing N N 183 
MET N   H2   sing N N 184 
MET CA  C    sing N N 185 
MET CA  CB   sing N N 186 
MET CA  HA   sing N N 187 
MET C   O    doub N N 188 
MET C   OXT  sing N N 189 
MET CB  CG   sing N N 190 
MET CB  HB2  sing N N 191 
MET CB  HB3  sing N N 192 
MET CG  SD   sing N N 193 
MET CG  HG2  sing N N 194 
MET CG  HG3  sing N N 195 
MET SD  CE   sing N N 196 
MET CE  HE1  sing N N 197 
MET CE  HE2  sing N N 198 
MET CE  HE3  sing N N 199 
MET OXT HXT  sing N N 200 
PHE N   CA   sing N N 201 
PHE N   H    sing N N 202 
PHE N   H2   sing N N 203 
PHE CA  C    sing N N 204 
PHE CA  CB   sing N N 205 
PHE CA  HA   sing N N 206 
PHE C   O    doub N N 207 
PHE C   OXT  sing N N 208 
PHE CB  CG   sing N N 209 
PHE CB  HB2  sing N N 210 
PHE CB  HB3  sing N N 211 
PHE CG  CD1  doub Y N 212 
PHE CG  CD2  sing Y N 213 
PHE CD1 CE1  sing Y N 214 
PHE CD1 HD1  sing N N 215 
PHE CD2 CE2  doub Y N 216 
PHE CD2 HD2  sing N N 217 
PHE CE1 CZ   doub Y N 218 
PHE CE1 HE1  sing N N 219 
PHE CE2 CZ   sing Y N 220 
PHE CE2 HE2  sing N N 221 
PHE CZ  HZ   sing N N 222 
PHE OXT HXT  sing N N 223 
PRO N   CA   sing N N 224 
PRO N   CD   sing N N 225 
PRO N   H    sing N N 226 
PRO CA  C    sing N N 227 
PRO CA  CB   sing N N 228 
PRO CA  HA   sing N N 229 
PRO C   O    doub N N 230 
PRO C   OXT  sing N N 231 
PRO CB  CG   sing N N 232 
PRO CB  HB2  sing N N 233 
PRO CB  HB3  sing N N 234 
PRO CG  CD   sing N N 235 
PRO CG  HG2  sing N N 236 
PRO CG  HG3  sing N N 237 
PRO CD  HD2  sing N N 238 
PRO CD  HD3  sing N N 239 
PRO OXT HXT  sing N N 240 
SER N   CA   sing N N 241 
SER N   H    sing N N 242 
SER N   H2   sing N N 243 
SER CA  C    sing N N 244 
SER CA  CB   sing N N 245 
SER CA  HA   sing N N 246 
SER C   O    doub N N 247 
SER C   OXT  sing N N 248 
SER CB  OG   sing N N 249 
SER CB  HB2  sing N N 250 
SER CB  HB3  sing N N 251 
SER OG  HG   sing N N 252 
SER OXT HXT  sing N N 253 
THR N   CA   sing N N 254 
THR N   H    sing N N 255 
THR N   H2   sing N N 256 
THR CA  C    sing N N 257 
THR CA  CB   sing N N 258 
THR CA  HA   sing N N 259 
THR C   O    doub N N 260 
THR C   OXT  sing N N 261 
THR CB  OG1  sing N N 262 
THR CB  CG2  sing N N 263 
THR CB  HB   sing N N 264 
THR OG1 HG1  sing N N 265 
THR CG2 HG21 sing N N 266 
THR CG2 HG22 sing N N 267 
THR CG2 HG23 sing N N 268 
THR OXT HXT  sing N N 269 
TRP N   CA   sing N N 270 
TRP N   H    sing N N 271 
TRP N   H2   sing N N 272 
TRP CA  C    sing N N 273 
TRP CA  CB   sing N N 274 
TRP CA  HA   sing N N 275 
TRP C   O    doub N N 276 
TRP C   OXT  sing N N 277 
TRP CB  CG   sing N N 278 
TRP CB  HB2  sing N N 279 
TRP CB  HB3  sing N N 280 
TRP CG  CD1  doub Y N 281 
TRP CG  CD2  sing Y N 282 
TRP CD1 NE1  sing Y N 283 
TRP CD1 HD1  sing N N 284 
TRP CD2 CE2  doub Y N 285 
TRP CD2 CE3  sing Y N 286 
TRP NE1 CE2  sing Y N 287 
TRP NE1 HE1  sing N N 288 
TRP CE2 CZ2  sing Y N 289 
TRP CE3 CZ3  doub Y N 290 
TRP CE3 HE3  sing N N 291 
TRP CZ2 CH2  doub Y N 292 
TRP CZ2 HZ2  sing N N 293 
TRP CZ3 CH2  sing Y N 294 
TRP CZ3 HZ3  sing N N 295 
TRP CH2 HH2  sing N N 296 
TRP OXT HXT  sing N N 297 
TYR N   CA   sing N N 298 
TYR N   H    sing N N 299 
TYR N   H2   sing N N 300 
TYR CA  C    sing N N 301 
TYR CA  CB   sing N N 302 
TYR CA  HA   sing N N 303 
TYR C   O    doub N N 304 
TYR C   OXT  sing N N 305 
TYR CB  CG   sing N N 306 
TYR CB  HB2  sing N N 307 
TYR CB  HB3  sing N N 308 
TYR CG  CD1  doub Y N 309 
TYR CG  CD2  sing Y N 310 
TYR CD1 CE1  sing Y N 311 
TYR CD1 HD1  sing N N 312 
TYR CD2 CE2  doub Y N 313 
TYR CD2 HD2  sing N N 314 
TYR CE1 CZ   doub Y N 315 
TYR CE1 HE1  sing N N 316 
TYR CE2 CZ   sing Y N 317 
TYR CE2 HE2  sing N N 318 
TYR CZ  OH   sing N N 319 
TYR OH  HH   sing N N 320 
TYR OXT HXT  sing N N 321 
VAL N   CA   sing N N 322 
VAL N   H    sing N N 323 
VAL N   H2   sing N N 324 
VAL CA  C    sing N N 325 
VAL CA  CB   sing N N 326 
VAL CA  HA   sing N N 327 
VAL C   O    doub N N 328 
VAL C   OXT  sing N N 329 
VAL CB  CG1  sing N N 330 
VAL CB  CG2  sing N N 331 
VAL CB  HB   sing N N 332 
VAL CG1 HG11 sing N N 333 
VAL CG1 HG12 sing N N 334 
VAL CG1 HG13 sing N N 335 
VAL CG2 HG21 sing N N 336 
VAL CG2 HG22 sing N N 337 
VAL CG2 HG23 sing N N 338 
VAL OXT HXT  sing N N 339 
# 
_em_admin.current_status     REL 
_em_admin.deposition_date    2024-05-15 
_em_admin.deposition_site    RCSB 
_em_admin.entry_id           9BTQ 
_em_admin.last_update        2025-09-17 
_em_admin.map_release_date   2025-05-14 
_em_admin.title              'Cryo-EM structure of extracellular tube from Microcystis Aeruginosa pcc 7806SL' 
# 
_em_ctf_correction.details                  ? 
_em_ctf_correction.em_image_processing_id   1 
_em_ctf_correction.id                       1 
_em_ctf_correction.type                     'PHASE FLIPPING AND AMPLITUDE CORRECTION' 
# 
_em_entity_assembly_naturalsource.cell                 ? 
_em_entity_assembly_naturalsource.cellular_location    ? 
_em_entity_assembly_naturalsource.entity_assembly_id   1 
_em_entity_assembly_naturalsource.id                   2 
_em_entity_assembly_naturalsource.ncbi_tax_id          1903187 
_em_entity_assembly_naturalsource.organism             'Microcystis aeruginosa PCC 7806SL' 
_em_entity_assembly_naturalsource.organelle            ? 
_em_entity_assembly_naturalsource.organ                ? 
_em_entity_assembly_naturalsource.strain               ? 
_em_entity_assembly_naturalsource.tissue               ? 
_em_entity_assembly_naturalsource.details              ? 
# 
_em_helical_entity.id                             1 
_em_helical_entity.image_processing_id            1 
_em_helical_entity.details                        ? 
_em_helical_entity.axial_symmetry                 C1 
_em_helical_entity.angular_rotation_per_subunit   -14.74 
_em_helical_entity.axial_rise_per_subunit         3.69 
# 
_em_image_processing.details              ? 
_em_image_processing.id                   1 
_em_image_processing.image_recording_id   1 
# 
_em_image_recording.average_exposure_time               ? 
_em_image_recording.avg_electron_dose_per_subtomogram   ? 
_em_image_recording.avg_electron_dose_per_image         50 
_em_image_recording.details                             ? 
_em_image_recording.detector_mode                       ? 
_em_image_recording.film_or_detector_model              'GATAN K3 (6k x 4k)' 
_em_image_recording.id                                  1 
_em_image_recording.imaging_id                          1 
_em_image_recording.num_diffraction_images              ? 
_em_image_recording.num_grids_imaged                    ? 
_em_image_recording.num_real_images                     ? 
# 
loop_
_em_software.category 
_em_software.details 
_em_software.id 
_em_software.image_processing_id 
_em_software.fitting_id 
_em_software.imaging_id 
_em_software.name 
_em_software.version 
_em_software.reference_DOI 
'PARTICLE SELECTION'            ? 1  1 ? ? ?      ? ? 
'IMAGE ACQUISITION'             ? 2  ? ? 1 ?      ? ? 
MASKING                         ? 3  ? ? ? ?      ? ? 
'CTF CORRECTION'                ? 4  1 ? ? ?      ? ? 
'LAYERLINE INDEXING'            ? 5  ? ? ? ?      ? ? 
'DIFFRACTION INDEXING'          ? 6  ? ? ? ?      ? ? 
'MODEL FITTING'                 ? 7  ? ? ? ?      ? ? 
'MODEL REFINEMENT'              ? 8  ? ? ? PHENIX ? ? 
OTHER                           ? 9  ? ? ? ?      ? ? 
'INITIAL EULER ASSIGNMENT'      ? 10 1 ? ? ?      ? ? 
'FINAL EULER ASSIGNMENT'        ? 11 1 ? ? ?      ? ? 
CLASSIFICATION                  ? 12 1 ? ? ?      ? ? 
RECONSTRUCTION                  ? 13 1 ? ? ?      ? ? 
'VOLUME SELECTION'              ? 14 1 1 1 ?      ? ? 
'SERIES ALIGNMENT'              ? 15 1 1 1 ?      ? ? 
'MOLECULAR REPLACEMENT'         ? 16 1 1 1 ?      ? ? 
'LATTICE DISTORTION CORRECTION' ? 17 1 1 1 ?      ? ? 
'SYMMETRY DETERMINATION'        ? 18 1 1 1 ?      ? ? 
'CRYSTALLOGRAPHY MERGING'       ? 19 1 1 1 ?      ? ? 
# 
_em_specimen.concentration           ? 
_em_specimen.details                 ? 
_em_specimen.embedding_applied       NO 
_em_specimen.experiment_id           1 
_em_specimen.id                      1 
_em_specimen.shadowing_applied       NO 
_em_specimen.staining_applied        NO 
_em_specimen.vitrification_applied   YES 
# 
_pdbx_audit_support.funding_organization   
'National Institutes of Health/National Institute of General Medical Sciences (NIH/NIGMS)' 
_pdbx_audit_support.country                'United States' 
_pdbx_audit_support.grant_number           GM138756 
_pdbx_audit_support.ordinal                1 
# 
_atom_sites.entry_id                    9BTQ 
_atom_sites.Cartn_transf_matrix[1][1]   ? 
_atom_sites.Cartn_transf_matrix[1][2]   ? 
_atom_sites.Cartn_transf_matrix[1][3]   ? 
_atom_sites.Cartn_transf_matrix[2][1]   ? 
_atom_sites.Cartn_transf_matrix[2][2]   ? 
_atom_sites.Cartn_transf_matrix[2][3]   ? 
_atom_sites.Cartn_transf_matrix[3][1]   ? 
_atom_sites.Cartn_transf_matrix[3][2]   ? 
_atom_sites.Cartn_transf_matrix[3][3]   ? 
_atom_sites.Cartn_transf_vector[1]      ? 
_atom_sites.Cartn_transf_vector[2]      ? 
_atom_sites.Cartn_transf_vector[3]      ? 
_atom_sites.Cartn_transform_axes        ? 
_atom_sites.fract_transf_matrix[1][1]   1.000000 
_atom_sites.fract_transf_matrix[1][2]   0.000000 
_atom_sites.fract_transf_matrix[1][3]   0.000000 
_atom_sites.fract_transf_matrix[2][1]   0.000000 
_atom_sites.fract_transf_matrix[2][2]   1.000000 
_atom_sites.fract_transf_matrix[2][3]   0.000000 
_atom_sites.fract_transf_matrix[3][1]   0.000000 
_atom_sites.fract_transf_matrix[3][2]   0.000000 
_atom_sites.fract_transf_matrix[3][3]   1.000000 
_atom_sites.fract_transf_vector[1]      0.00000 
_atom_sites.fract_transf_vector[2]      0.00000 
_atom_sites.fract_transf_vector[3]      0.00000 
_atom_sites.solution_primary            ? 
_atom_sites.solution_secondary          ? 
_atom_sites.solution_hydrogens          ? 
_atom_sites.special_details             ? 
# 
loop_
_atom_type.symbol 
C 
N 
O 
# 
loop_
_atom_site.group_PDB 
_atom_site.id 
_atom_site.type_symbol 
_atom_site.label_atom_id 
_atom_site.label_alt_id 
_atom_site.label_comp_id 
_atom_site.label_asym_id 
_atom_site.label_entity_id 
_atom_site.label_seq_id 
_atom_site.pdbx_PDB_ins_code 
_atom_site.Cartn_x 
_atom_site.Cartn_y 
_atom_site.Cartn_z 
_atom_site.occupancy 
_atom_site.B_iso_or_equiv 
_atom_site.pdbx_formal_charge 
_atom_site.auth_seq_id 
_atom_site.auth_comp_id 
_atom_site.auth_asym_id 
_atom_site.auth_atom_id 
_atom_site.pdbx_PDB_model_num 
ATOM 1   N N   . PHE A 1 35  ? 4.992   -4.688  9.358   1.00 42.34 ? 35  PHE A N   1 
ATOM 2   C CA  . PHE A 1 35  ? 3.624   -5.156  9.557   1.00 45.19 ? 35  PHE A CA  1 
ATOM 3   C C   . PHE A 1 35  ? 2.962   -4.463  10.740  1.00 44.54 ? 35  PHE A C   1 
ATOM 4   O O   . PHE A 1 35  ? 2.653   -5.093  11.744  1.00 48.13 ? 35  PHE A O   1 
ATOM 5   C CB  . PHE A 1 35  ? 3.598   -6.670  9.765   1.00 39.10 ? 35  PHE A CB  1 
ATOM 6   C CG  . PHE A 1 35  ? 4.187   -7.443  8.630   1.00 42.84 ? 35  PHE A CG  1 
ATOM 7   C CD1 . PHE A 1 35  ? 3.915   -7.089  7.325   1.00 41.16 ? 35  PHE A CD1 1 
ATOM 8   C CD2 . PHE A 1 35  ? 5.016   -8.523  8.864   1.00 41.28 ? 35  PHE A CD2 1 
ATOM 9   C CE1 . PHE A 1 35  ? 4.457   -7.794  6.281   1.00 39.87 ? 35  PHE A CE1 1 
ATOM 10  C CE2 . PHE A 1 35  ? 5.561   -9.230  7.815   1.00 37.73 ? 35  PHE A CE2 1 
ATOM 11  C CZ  . PHE A 1 35  ? 5.273   -8.866  6.523   1.00 38.79 ? 35  PHE A CZ  1 
ATOM 12  N N   . ILE A 1 36  ? 2.730   -3.161  10.613  1.00 44.37 ? 36  ILE A N   1 
ATOM 13  C CA  . ILE A 1 36  ? 2.169   -2.385  11.708  1.00 42.21 ? 36  ILE A CA  1 
ATOM 14  C C   . ILE A 1 36  ? 0.790   -1.817  11.406  1.00 43.51 ? 36  ILE A C   1 
ATOM 15  O O   . ILE A 1 36  ? 0.075   -1.446  12.349  1.00 44.59 ? 36  ILE A O   1 
ATOM 16  C CB  . ILE A 1 36  ? 3.128   -1.253  12.131  1.00 40.93 ? 36  ILE A CB  1 
ATOM 17  C CG1 . ILE A 1 36  ? 3.414   -0.329  10.954  1.00 41.18 ? 36  ILE A CG1 1 
ATOM 18  C CG2 . ILE A 1 36  ? 4.417   -1.827  12.674  1.00 37.05 ? 36  ILE A CG2 1 
ATOM 19  C CD1 . ILE A 1 36  ? 4.429   0.706   11.263  1.00 40.20 ? 36  ILE A CD1 1 
ATOM 20  N N   . GLY A 1 37  ? 0.367   -1.735  10.148  1.00 44.05 ? 37  GLY A N   1 
ATOM 21  C CA  . GLY A 1 37  ? -0.896  -1.088  9.858   1.00 45.35 ? 37  GLY A CA  1 
ATOM 22  C C   . GLY A 1 37  ? -2.102  -2.000  9.889   1.00 46.92 ? 37  GLY A C   1 
ATOM 23  O O   . GLY A 1 37  ? -2.462  -2.600  8.876   1.00 49.18 ? 37  GLY A O   1 
ATOM 24  N N   . THR A 1 38  ? -2.768  -2.068  11.040  1.00 47.15 ? 38  THR A N   1 
ATOM 25  C CA  . THR A 1 38  ? -3.929  -2.937  11.177  1.00 46.26 ? 38  THR A CA  1 
ATOM 26  C C   . THR A 1 38  ? -5.185  -2.318  10.583  1.00 46.57 ? 38  THR A C   1 
ATOM 27  O O   . THR A 1 38  ? -6.035  -3.042  10.060  1.00 48.99 ? 38  THR A O   1 
ATOM 28  C CB  . THR A 1 38  ? -4.165  -3.281  12.649  1.00 45.25 ? 38  THR A CB  1 
ATOM 29  O OG1 . THR A 1 38  ? -4.678  -2.138  13.336  1.00 53.97 ? 38  THR A OG1 1 
ATOM 30  C CG2 . THR A 1 38  ? -2.877  -3.698  13.307  1.00 44.99 ? 38  THR A CG2 1 
ATOM 31  N N   . ALA A 1 39  ? -5.321  -1.002  10.646  1.00 47.45 ? 39  ALA A N   1 
ATOM 32  C CA  . ALA A 1 39  ? -6.538  -0.340  10.205  1.00 49.96 ? 39  ALA A CA  1 
ATOM 33  C C   . ALA A 1 39  ? -6.477  0.114   8.755   1.00 48.24 ? 39  ALA A C   1 
ATOM 34  O O   . ALA A 1 39  ? -7.430  0.733   8.278   1.00 52.10 ? 39  ALA A O   1 
ATOM 35  C CB  . ALA A 1 39  ? -6.839  0.854   11.111  1.00 46.33 ? 39  ALA A CB  1 
ATOM 36  N N   . SER A 1 40  ? -5.395  -0.181  8.048   1.00 47.37 ? 40  SER A N   1 
ATOM 37  C CA  . SER A 1 40  ? -5.260  0.249   6.664   1.00 46.54 ? 40  SER A CA  1 
ATOM 38  C C   . SER A 1 40  ? -6.239  -0.501  5.772   1.00 48.62 ? 40  SER A C   1 
ATOM 39  O O   . SER A 1 40  ? -6.519  -1.682  5.984   1.00 54.09 ? 40  SER A O   1 
ATOM 40  C CB  . SER A 1 40  ? -3.829  0.031   6.189   1.00 47.15 ? 40  SER A CB  1 
ATOM 41  O OG  . SER A 1 40  ? -3.726  0.232   4.796   1.00 53.19 ? 40  SER A OG  1 
ATOM 42  N N   . GLN A 1 41  ? -6.772  0.197   4.771   1.00 46.53 ? 41  GLN A N   1 
ATOM 43  C CA  . GLN A 1 41  ? -7.800  -0.363  3.902   1.00 45.79 ? 41  GLN A CA  1 
ATOM 44  C C   . GLN A 1 41  ? -7.266  -0.886  2.580   1.00 42.94 ? 41  GLN A C   1 
ATOM 45  O O   . GLN A 1 41  ? -7.912  -1.731  1.963   1.00 44.59 ? 41  GLN A O   1 
ATOM 46  C CB  . GLN A 1 41  ? -8.876  0.683   3.607   1.00 46.75 ? 41  GLN A CB  1 
ATOM 47  C CG  . GLN A 1 41  ? -9.591  1.206   4.824   1.00 49.44 ? 41  GLN A CG  1 
ATOM 48  C CD  . GLN A 1 41  ? -11.006 0.709   4.916   1.00 52.85 ? 41  GLN A CD  1 
ATOM 49  O OE1 . GLN A 1 41  ? -11.952 1.446   4.656   1.00 52.98 ? 41  GLN A OE1 1 
ATOM 50  N NE2 . GLN A 1 41  ? -11.164 -0.553  5.279   1.00 59.29 ? 41  GLN A NE2 1 
ATOM 51  N N   . SER A 1 42  ? -6.122  -0.406  2.117   1.00 41.11 ? 42  SER A N   1 
ATOM 52  C CA  . SER A 1 42  ? -5.522  -0.903  0.887   1.00 41.99 ? 42  SER A CA  1 
ATOM 53  C C   . SER A 1 42  ? -4.047  -1.168  1.155   1.00 40.46 ? 42  SER A C   1 
ATOM 54  O O   . SER A 1 42  ? -3.258  -0.229  1.291   1.00 40.20 ? 42  SER A O   1 
ATOM 55  C CB  . SER A 1 42  ? -5.727  0.085   -0.261  1.00 38.29 ? 42  SER A CB  1 
ATOM 56  O OG  . SER A 1 42  ? -4.617  0.932   -0.397  1.00 44.41 ? 42  SER A OG  1 
ATOM 57  N N   . ARG A 1 43  ? -3.681  -2.446  1.239   1.00 41.38 ? 43  ARG A N   1 
ATOM 58  C CA  . ARG A 1 43  ? -2.371  -2.839  1.734   1.00 39.44 ? 43  ARG A CA  1 
ATOM 59  C C   . ARG A 1 43  ? -2.018  -4.230  1.216   1.00 37.81 ? 43  ARG A C   1 
ATOM 60  O O   . ARG A 1 43  ? -2.886  -5.094  1.104   1.00 36.99 ? 43  ARG A O   1 
ATOM 61  C CB  . ARG A 1 43  ? -2.348  -2.805  3.268   1.00 38.01 ? 43  ARG A CB  1 
ATOM 62  C CG  . ARG A 1 43  ? -1.316  -3.686  3.927   1.00 39.35 ? 43  ARG A CG  1 
ATOM 63  C CD  . ARG A 1 43  ? -1.447  -3.666  5.437   1.00 43.29 ? 43  ARG A CD  1 
ATOM 64  N NE  . ARG A 1 43  ? -2.553  -4.485  5.916   1.00 45.89 ? 43  ARG A NE  1 
ATOM 65  C CZ  . ARG A 1 43  ? -2.490  -5.793  6.116   1.00 48.15 ? 43  ARG A CZ  1 
ATOM 66  N NH1 . ARG A 1 43  ? -1.385  -6.477  5.874   1.00 51.08 ? 43  ARG A NH1 1 
ATOM 67  N NH2 . ARG A 1 43  ? -3.563  -6.434  6.566   1.00 45.98 ? 43  ARG A NH2 1 
ATOM 68  N N   . VAL A 1 44  ? -0.738  -4.429  0.909   1.00 36.89 ? 44  VAL A N   1 
ATOM 69  C CA  . VAL A 1 44  ? -0.179  -5.729  0.556   1.00 40.56 ? 44  VAL A CA  1 
ATOM 70  C C   . VAL A 1 44  ? 0.913   -6.068  1.563   1.00 40.30 ? 44  VAL A C   1 
ATOM 71  O O   . VAL A 1 44  ? 1.731   -5.209  1.910   1.00 37.66 ? 44  VAL A O   1 
ATOM 72  C CB  . VAL A 1 44  ? 0.380   -5.742  -0.879  1.00 37.86 ? 44  VAL A CB  1 
ATOM 73  C CG1 . VAL A 1 44  ? 1.391   -6.854  -1.047  1.00 35.11 ? 44  VAL A CG1 1 
ATOM 74  C CG2 . VAL A 1 44  ? -0.733  -5.896  -1.883  1.00 34.66 ? 44  VAL A CG2 1 
ATOM 75  N N   . SER A 1 45  ? 0.910   -7.306  2.045   1.00 42.76 ? 45  SER A N   1 
ATOM 76  C CA  . SER A 1 45  ? 1.924   -7.809  2.959   1.00 40.70 ? 45  SER A CA  1 
ATOM 77  C C   . SER A 1 45  ? 2.404   -9.169  2.479   1.00 41.28 ? 45  SER A C   1 
ATOM 78  O O   . SER A 1 45  ? 1.601   -9.997  2.044   1.00 42.27 ? 45  SER A O   1 
ATOM 79  C CB  . SER A 1 45  ? 1.382   -7.934  4.383   1.00 42.44 ? 45  SER A CB  1 
ATOM 80  O OG  . SER A 1 45  ? 1.468   -6.709  5.074   1.00 43.10 ? 45  SER A OG  1 
ATOM 81  N N   . ALA A 1 46  ? 3.712   -9.398  2.562   1.00 42.86 ? 46  ALA A N   1 
ATOM 82  C CA  . ALA A 1 46  ? 4.296   -10.658 2.127   1.00 38.96 ? 46  ALA A CA  1 
ATOM 83  C C   . ALA A 1 46  ? 5.560   -10.943 2.924   1.00 39.00 ? 46  ALA A C   1 
ATOM 84  O O   . ALA A 1 46  ? 6.201   -10.034 3.453   1.00 41.55 ? 46  ALA A O   1 
ATOM 85  C CB  . ALA A 1 46  ? 4.591   -10.644 0.624   1.00 33.28 ? 46  ALA A CB  1 
ATOM 86  N N   . ALA A 1 47  ? 5.916   -12.225 2.998   1.00 38.83 ? 47  ALA A N   1 
ATOM 87  C CA  . ALA A 1 47  ? 7.103   -12.659 3.718   1.00 39.79 ? 47  ALA A CA  1 
ATOM 88  C C   . ALA A 1 47  ? 7.594   -13.986 3.148   1.00 41.51 ? 47  ALA A C   1 
ATOM 89  O O   . ALA A 1 47  ? 6.794   -14.853 2.796   1.00 37.16 ? 47  ALA A O   1 
ATOM 90  C CB  . ALA A 1 47  ? 6.826   -12.788 5.216   1.00 33.00 ? 47  ALA A CB  1 
ATOM 91  N N   . VAL A 1 48  ? 8.915   -14.124 3.049   1.00 45.25 ? 48  VAL A N   1 
ATOM 92  C CA  . VAL A 1 48  ? 9.566   -15.346 2.592   1.00 45.63 ? 48  VAL A CA  1 
ATOM 93  C C   . VAL A 1 48  ? 10.631  -15.728 3.612   1.00 46.24 ? 48  VAL A C   1 
ATOM 94  O O   . VAL A 1 48  ? 11.463  -14.896 3.984   1.00 47.45 ? 48  VAL A O   1 
ATOM 95  C CB  . VAL A 1 48  ? 10.183  -15.177 1.190   1.00 42.05 ? 48  VAL A CB  1 
ATOM 96  C CG1 . VAL A 1 48  ? 11.253  -16.209 0.952   1.00 51.63 ? 48  VAL A CG1 1 
ATOM 97  C CG2 . VAL A 1 48  ? 9.114   -15.292 0.124   1.00 36.84 ? 48  VAL A CG2 1 
ATOM 98  N N   . THR A 1 49  ? 10.602  -16.979 4.064   1.00 48.82 ? 49  THR A N   1 
ATOM 99  C CA  . THR A 1 49  ? 11.490  -17.466 5.110   1.00 49.37 ? 49  THR A CA  1 
ATOM 100 C C   . THR A 1 49  ? 12.072  -18.805 4.676   1.00 50.09 ? 49  THR A C   1 
ATOM 101 O O   . THR A 1 49  ? 11.442  -19.551 3.925   1.00 52.61 ? 49  THR A O   1 
ATOM 102 C CB  . THR A 1 49  ? 10.740  -17.605 6.448   1.00 49.73 ? 49  THR A CB  1 
ATOM 103 O OG1 . THR A 1 49  ? 10.135  -16.355 6.781   1.00 55.51 ? 49  THR A OG1 1 
ATOM 104 C CG2 . THR A 1 49  ? 11.677  -17.981 7.566   1.00 51.70 ? 49  THR A CG2 1 
ATOM 105 N N   . SER A 1 50  ? 13.289  -19.098 5.132   1.00 48.04 ? 50  SER A N   1 
ATOM 106 C CA  . SER A 1 50  ? 13.923  -20.369 4.817   1.00 49.43 ? 50  SER A CA  1 
ATOM 107 C C   . SER A 1 50  ? 14.921  -20.746 5.903   1.00 50.55 ? 50  SER A C   1 
ATOM 108 O O   . SER A 1 50  ? 15.483  -19.881 6.577   1.00 54.40 ? 50  SER A O   1 
ATOM 109 C CB  . SER A 1 50  ? 14.619  -20.330 3.455   1.00 47.27 ? 50  SER A CB  1 
ATOM 110 O OG  . SER A 1 50  ? 15.749  -19.486 3.479   1.00 53.11 ? 50  SER A OG  1 
ATOM 111 N N   . ILE A 1 51  ? 15.124  -22.053 6.074   1.00 47.99 ? 51  ILE A N   1 
ATOM 112 C CA  . ILE A 1 51  ? 16.123  -22.601 6.989   1.00 47.74 ? 51  ILE A CA  1 
ATOM 113 C C   . ILE A 1 51  ? 16.789  -23.778 6.284   1.00 47.51 ? 51  ILE A C   1 
ATOM 114 O O   . ILE A 1 51  ? 16.175  -24.838 6.133   1.00 47.47 ? 51  ILE A O   1 
ATOM 115 C CB  . ILE A 1 51  ? 15.520  -23.052 8.328   1.00 45.47 ? 51  ILE A CB  1 
ATOM 116 C CG1 . ILE A 1 51  ? 14.806  -21.900 9.026   1.00 47.16 ? 51  ILE A CG1 1 
ATOM 117 C CG2 . ILE A 1 51  ? 16.594  -23.594 9.240   1.00 41.63 ? 51  ILE A CG2 1 
ATOM 118 C CD1 . ILE A 1 51  ? 14.063  -22.308 10.259  1.00 44.91 ? 51  ILE A CD1 1 
ATOM 119 N N   . LEU A 1 52  ? 18.045  -23.605 5.879   1.00 47.65 ? 52  LEU A N   1 
ATOM 120 C CA  . LEU A 1 52  ? 18.788  -24.605 5.120   1.00 47.27 ? 52  LEU A CA  1 
ATOM 121 C C   . LEU A 1 52  ? 19.955  -25.132 5.943   1.00 47.85 ? 52  LEU A C   1 
ATOM 122 O O   . LEU A 1 52  ? 20.704  -24.350 6.532   1.00 49.14 ? 52  LEU A O   1 
ATOM 123 C CB  . LEU A 1 52  ? 19.309  -24.020 3.806   1.00 46.35 ? 52  LEU A CB  1 
ATOM 124 C CG  . LEU A 1 52  ? 18.379  -23.163 2.952   1.00 42.83 ? 52  LEU A CG  1 
ATOM 125 C CD1 . LEU A 1 52  ? 19.082  -22.734 1.687   1.00 42.79 ? 52  LEU A CD1 1 
ATOM 126 C CD2 . LEU A 1 52  ? 17.108  -23.906 2.623   1.00 45.45 ? 52  LEU A CD2 1 
ATOM 127 N N   . THR A 1 53  ? 20.118  -26.453 5.970   1.00 50.24 ? 53  THR A N   1 
ATOM 128 C CA  . THR A 1 53  ? 21.197  -27.069 6.727   1.00 48.53 ? 53  THR A CA  1 
ATOM 129 C C   . THR A 1 53  ? 21.641  -28.358 6.051   1.00 48.39 ? 53  THR A C   1 
ATOM 130 O O   . THR A 1 53  ? 20.847  -29.043 5.407   1.00 49.54 ? 53  THR A O   1 
ATOM 131 C CB  . THR A 1 53  ? 20.775  -27.361 8.170   1.00 48.57 ? 53  THR A CB  1 
ATOM 132 O OG1 . THR A 1 53  ? 21.835  -28.028 8.858   1.00 52.64 ? 53  THR A OG1 1 
ATOM 133 C CG2 . THR A 1 53  ? 19.536  -28.228 8.198   1.00 45.06 ? 53  THR A CG2 1 
ATOM 134 N N   . ASP A 1 54  ? 22.925  -28.680 6.206   1.00 49.44 ? 54  ASP A N   1 
ATOM 135 C CA  . ASP A 1 54  ? 23.471  -29.959 5.771   1.00 51.00 ? 54  ASP A CA  1 
ATOM 136 C C   . ASP A 1 54  ? 24.039  -30.766 6.930   1.00 54.31 ? 54  ASP A C   1 
ATOM 137 O O   . ASP A 1 54  ? 24.772  -31.731 6.698   1.00 62.45 ? 54  ASP A O   1 
ATOM 138 C CB  . ASP A 1 54  ? 24.545  -29.758 4.698   1.00 50.16 ? 54  ASP A CB  1 
ATOM 139 C CG  . ASP A 1 54  ? 25.869  -29.303 5.272   1.00 53.13 ? 54  ASP A CG  1 
ATOM 140 O OD1 . ASP A 1 54  ? 25.868  -28.541 6.255   1.00 55.71 ? 54  ASP A OD1 1 
ATOM 141 O OD2 . ASP A 1 54  ? 26.918  -29.713 4.744   1.00 56.04 ? 54  ASP A OD2 1 
ATOM 142 N N   . GLY A 1 55  ? 23.725  -30.395 8.168   1.00 53.27 ? 55  GLY A N   1 
ATOM 143 C CA  . GLY A 1 55  ? 24.228  -31.099 9.328   1.00 53.02 ? 55  GLY A CA  1 
ATOM 144 C C   . GLY A 1 55  ? 25.365  -30.384 10.023  1.00 56.18 ? 55  GLY A C   1 
ATOM 145 O O   . GLY A 1 55  ? 25.420  -30.343 11.253  1.00 62.70 ? 55  GLY A O   1 
ATOM 146 N N   . ASN A 1 56  ? 26.278  -29.815 9.242   1.00 54.33 ? 56  ASN A N   1 
ATOM 147 C CA  . ASN A 1 56  ? 27.441  -29.117 9.771   1.00 48.95 ? 56  ASN A CA  1 
ATOM 148 C C   . ASN A 1 56  ? 27.309  -27.604 9.718   1.00 48.42 ? 56  ASN A C   1 
ATOM 149 O O   . ASN A 1 56  ? 27.839  -26.916 10.593  1.00 50.90 ? 56  ASN A O   1 
ATOM 150 C CB  . ASN A 1 56  ? 28.697  -29.538 9.003   1.00 48.60 ? 56  ASN A CB  1 
ATOM 151 C CG  . ASN A 1 56  ? 29.037  -30.994 9.199   1.00 48.21 ? 56  ASN A CG  1 
ATOM 152 O OD1 . ASN A 1 56  ? 28.373  -31.694 9.953   1.00 57.48 ? 56  ASN A OD1 1 
ATOM 153 N ND2 . ASN A 1 56  ? 30.070  -31.458 8.523   1.00 46.88 ? 56  ASN A ND2 1 
ATOM 154 N N   . ALA A 1 57  ? 26.621  -27.069 8.716   1.00 48.49 ? 57  ALA A N   1 
ATOM 155 C CA  . ALA A 1 57  ? 26.410  -25.639 8.576   1.00 43.46 ? 57  ALA A CA  1 
ATOM 156 C C   . ALA A 1 57  ? 24.924  -25.376 8.391   1.00 46.21 ? 57  ALA A C   1 
ATOM 157 O O   . ALA A 1 57  ? 24.175  -26.257 7.968   1.00 50.38 ? 57  ALA A O   1 
ATOM 158 C CB  . ALA A 1 57  ? 27.202  -25.063 7.396   1.00 37.65 ? 57  ALA A CB  1 
ATOM 159 N N   . ALA A 1 58  ? 24.500  -24.161 8.729   1.00 45.81 ? 58  ALA A N   1 
ATOM 160 C CA  . ALA A 1 58  ? 23.102  -23.778 8.616   1.00 45.87 ? 58  ALA A CA  1 
ATOM 161 C C   . ALA A 1 58  ? 23.000  -22.313 8.216   1.00 50.18 ? 58  ALA A C   1 
ATOM 162 O O   . ALA A 1 58  ? 23.909  -21.518 8.458   1.00 47.46 ? 58  ALA A O   1 
ATOM 163 C CB  . ALA A 1 58  ? 22.344  -24.028 9.923   1.00 39.78 ? 58  ALA A CB  1 
ATOM 164 N N   . ALA A 1 59  ? 21.870  -21.966 7.601   1.00 52.32 ? 59  ALA A N   1 
ATOM 165 C CA  . ALA A 1 59  ? 21.595  -20.597 7.184   1.00 50.77 ? 59  ALA A CA  1 
ATOM 166 C C   . ALA A 1 59  ? 20.105  -20.321 7.308   1.00 52.79 ? 59  ALA A C   1 
ATOM 167 O O   . ALA A 1 59  ? 19.288  -21.086 6.790   1.00 52.82 ? 59  ALA A O   1 
ATOM 168 C CB  . ALA A 1 59  ? 22.064  -20.352 5.747   1.00 45.55 ? 59  ALA A CB  1 
ATOM 169 N N   . THR A 1 60  ? 19.758  -19.228 7.988   1.00 51.83 ? 60  THR A N   1 
ATOM 170 C CA  . THR A 1 60  ? 18.381  -18.773 8.126   1.00 51.45 ? 60  THR A CA  1 
ATOM 171 C C   . THR A 1 60  ? 18.246  -17.417 7.451   1.00 51.32 ? 60  THR A C   1 
ATOM 172 O O   . THR A 1 60  ? 19.061  -16.524 7.688   1.00 50.14 ? 60  THR A O   1 
ATOM 173 C CB  . THR A 1 60  ? 17.968  -18.668 9.596   1.00 48.90 ? 60  THR A CB  1 
ATOM 174 O OG1 . THR A 1 60  ? 18.292  -19.884 10.272  1.00 55.24 ? 60  THR A OG1 1 
ATOM 175 C CG2 . THR A 1 60  ? 16.476  -18.424 9.718   1.00 43.76 ? 60  THR A CG2 1 
ATOM 176 N N   . ASN A 1 61  ? 17.222  -17.268 6.613   1.00 50.20 ? 61  ASN A N   1 
ATOM 177 C CA  . ASN A 1 61  ? 17.008  -16.047 5.851   1.00 47.59 ? 61  ASN A CA  1 
ATOM 178 C C   . ASN A 1 61  ? 15.534  -15.676 5.877   1.00 48.42 ? 61  ASN A C   1 
ATOM 179 O O   . ASN A 1 61  ? 14.663  -16.547 5.897   1.00 50.79 ? 61  ASN A O   1 
ATOM 180 C CB  . ASN A 1 61  ? 17.474  -16.204 4.399   1.00 45.73 ? 61  ASN A CB  1 
ATOM 181 C CG  . ASN A 1 61  ? 18.969  -16.352 4.280   1.00 50.69 ? 61  ASN A CG  1 
ATOM 182 O OD1 . ASN A 1 61  ? 19.721  -15.456 4.643   1.00 53.07 ? 61  ASN A OD1 1 
ATOM 183 N ND2 . ASN A 1 61  ? 19.410  -17.488 3.767   1.00 53.93 ? 61  ASN A ND2 1 
ATOM 184 N N   . SER A 1 62  ? 15.257  -14.374 5.872   1.00 50.42 ? 62  SER A N   1 
ATOM 185 C CA  . SER A 1 62  ? 13.884  -13.896 5.810   1.00 49.10 ? 62  SER A CA  1 
ATOM 186 C C   . SER A 1 62  ? 13.830  -12.545 5.115   1.00 48.83 ? 62  SER A C   1 
ATOM 187 O O   . SER A 1 62  ? 14.782  -11.764 5.163   1.00 49.67 ? 62  SER A O   1 
ATOM 188 C CB  . SER A 1 62  ? 13.247  -13.793 7.199   1.00 46.04 ? 62  SER A CB  1 
ATOM 189 O OG  . SER A 1 62  ? 14.056  -13.043 8.076   1.00 53.87 ? 62  SER A OG  1 
ATOM 190 N N   . PHE A 1 63  ? 12.702  -12.290 4.457   1.00 47.39 ? 63  PHE A N   1 
ATOM 191 C CA  . PHE A 1 63  ? 12.416  -11.019 3.811   1.00 46.76 ? 63  PHE A CA  1 
ATOM 192 C C   . PHE A 1 63  ? 10.959  -10.675 4.065   1.00 46.05 ? 63  PHE A C   1 
ATOM 193 O O   . PHE A 1 63  ? 10.073  -11.479 3.773   1.00 45.10 ? 63  PHE A O   1 
ATOM 194 C CB  . PHE A 1 63  ? 12.700  -11.079 2.305   1.00 42.66 ? 63  PHE A CB  1 
ATOM 195 C CG  . PHE A 1 63  ? 12.193  -9.894  1.536   1.00 44.40 ? 63  PHE A CG  1 
ATOM 196 C CD1 . PHE A 1 63  ? 12.614  -8.614  1.845   1.00 48.67 ? 63  PHE A CD1 1 
ATOM 197 C CD2 . PHE A 1 63  ? 11.313  -10.062 0.487   1.00 43.14 ? 63  PHE A CD2 1 
ATOM 198 C CE1 . PHE A 1 63  ? 12.149  -7.528  1.134   1.00 44.64 ? 63  PHE A CE1 1 
ATOM 199 C CE2 . PHE A 1 63  ? 10.851  -8.981  -0.227  1.00 43.08 ? 63  PHE A CE2 1 
ATOM 200 C CZ  . PHE A 1 63  ? 11.271  -7.714  0.095   1.00 41.45 ? 63  PHE A CZ  1 
ATOM 201 N N   . ALA A 1 64  ? 10.719  -9.495  4.624   1.00 47.09 ? 64  ALA A N   1 
ATOM 202 C CA  . ALA A 1 64  ? 9.375   -9.003  4.881   1.00 46.20 ? 64  ALA A CA  1 
ATOM 203 C C   . ALA A 1 64  ? 9.226   -7.619  4.267   1.00 47.77 ? 64  ALA A C   1 
ATOM 204 O O   . ALA A 1 64  ? 10.166  -6.821  4.283   1.00 47.59 ? 64  ALA A O   1 
ATOM 205 C CB  . ALA A 1 64  ? 9.079   -8.960  6.380   1.00 41.30 ? 64  ALA A CB  1 
ATOM 206 N N   . VAL A 1 65  ? 8.040   -7.339  3.728   1.00 47.50 ? 65  VAL A N   1 
ATOM 207 C CA  . VAL A 1 65  ? 7.794   -6.102  2.999   1.00 44.79 ? 65  VAL A CA  1 
ATOM 208 C C   . VAL A 1 65  ? 6.317   -5.743  3.101   1.00 45.12 ? 65  VAL A C   1 
ATOM 209 O O   . VAL A 1 65  ? 5.458   -6.604  3.303   1.00 42.10 ? 65  VAL A O   1 
ATOM 210 C CB  . VAL A 1 65  ? 8.255   -6.228  1.528   1.00 41.51 ? 65  VAL A CB  1 
ATOM 211 C CG1 . VAL A 1 65  ? 7.315   -7.119  0.748   1.00 37.92 ? 65  VAL A CG1 1 
ATOM 212 C CG2 . VAL A 1 65  ? 8.395   -4.857  0.884   1.00 37.78 ? 65  VAL A CG2 1 
ATOM 213 N N   . GLU A 1 66  ? 6.027   -4.451  2.970   1.00 49.09 ? 66  GLU A N   1 
ATOM 214 C CA  . GLU A 1 66  ? 4.677   -3.939  3.127   1.00 44.73 ? 66  GLU A CA  1 
ATOM 215 C C   . GLU A 1 66  ? 4.529   -2.630  2.367   1.00 43.41 ? 66  GLU A C   1 
ATOM 216 O O   . GLU A 1 66  ? 5.420   -1.781  2.402   1.00 44.63 ? 66  GLU A O   1 
ATOM 217 C CB  . GLU A 1 66  ? 4.350   -3.730  4.601   1.00 43.61 ? 66  GLU A CB  1 
ATOM 218 C CG  . GLU A 1 66  ? 2.908   -3.917  4.931   1.00 47.51 ? 66  GLU A CG  1 
ATOM 219 C CD  . GLU A 1 66  ? 2.447   -2.956  5.984   1.00 60.43 ? 66  GLU A CD  1 
ATOM 220 O OE1 . GLU A 1 66  ? 3.068   -1.886  6.112   1.00 65.63 ? 66  GLU A OE1 1 
ATOM 221 O OE2 . GLU A 1 66  ? 1.475   -3.275  6.696   1.00 64.27 ? 66  GLU A OE2 1 
ATOM 222 N N   . GLN A 1 67  ? 3.391   -2.475  1.696   1.00 42.58 ? 67  GLN A N   1 
ATOM 223 C CA  . GLN A 1 67  ? 3.066   -1.286  0.922   1.00 38.94 ? 67  GLN A CA  1 
ATOM 224 C C   . GLN A 1 67  ? 1.646   -0.849  1.256   1.00 38.60 ? 67  GLN A C   1 
ATOM 225 O O   . GLN A 1 67  ? 0.761   -1.684  1.443   1.00 40.04 ? 67  GLN A O   1 
ATOM 226 C CB  . GLN A 1 67  ? 3.212   -1.558  -0.578  1.00 37.82 ? 67  GLN A CB  1 
ATOM 227 C CG  . GLN A 1 67  ? 3.181   -0.333  -1.468  1.00 39.33 ? 67  GLN A CG  1 
ATOM 228 C CD  . GLN A 1 67  ? 3.755   -0.599  -2.841  1.00 37.09 ? 67  GLN A CD  1 
ATOM 229 O OE1 . GLN A 1 67  ? 4.468   -1.572  -3.044  1.00 48.22 ? 67  GLN A OE1 1 
ATOM 230 N NE2 . GLN A 1 67  ? 3.441   0.262   -3.792  1.00 34.91 ? 67  GLN A NE2 1 
ATOM 231 N N   . VAL A 1 68  ? 1.436   0.460   1.346   1.00 39.90 ? 68  VAL A N   1 
ATOM 232 C CA  . VAL A 1 68  ? 0.165   1.028   1.777   1.00 38.63 ? 68  VAL A CA  1 
ATOM 233 C C   . VAL A 1 68  ? -0.180  2.213   0.882   1.00 41.04 ? 68  VAL A C   1 
ATOM 234 O O   . VAL A 1 68  ? 0.688   3.028   0.557   1.00 42.90 ? 68  VAL A O   1 
ATOM 235 C CB  . VAL A 1 68  ? 0.225   1.431   3.266   1.00 38.36 ? 68  VAL A CB  1 
ATOM 236 C CG1 . VAL A 1 68  ? -0.653  2.616   3.547   1.00 41.57 ? 68  VAL A CG1 1 
ATOM 237 C CG2 . VAL A 1 68  ? -0.182  0.266   4.135   1.00 39.15 ? 68  VAL A CG2 1 
ATOM 238 N N   . LEU A 1 69  ? -1.445  2.301   0.478   1.00 38.88 ? 69  LEU A N   1 
ATOM 239 C CA  . LEU A 1 69  ? -1.956  3.324   -0.419  1.00 38.74 ? 69  LEU A CA  1 
ATOM 240 C C   . LEU A 1 69  ? -3.076  4.122   0.238   1.00 38.82 ? 69  LEU A C   1 
ATOM 241 O O   . LEU A 1 69  ? -3.753  3.622   1.143   1.00 41.75 ? 69  LEU A O   1 
ATOM 242 C CB  . LEU A 1 69  ? -2.500  2.700   -1.713  1.00 41.32 ? 69  LEU A CB  1 
ATOM 243 C CG  . LEU A 1 69  ? -1.615  1.936   -2.688  1.00 39.42 ? 69  LEU A CG  1 
ATOM 244 C CD1 . LEU A 1 69  ? -2.500  1.231   -3.688  1.00 36.49 ? 69  LEU A CD1 1 
ATOM 245 C CD2 . LEU A 1 69  ? -0.672  2.882   -3.376  1.00 40.92 ? 69  LEU A CD2 1 
ATOM 246 N N   . PRO A 1 70  ? -3.314  5.371   -0.207  1.00 39.88 ? 70  PRO A N   1 
ATOM 247 C CA  . PRO A 1 70  ? -4.538  6.078   0.203   1.00 43.32 ? 70  PRO A CA  1 
ATOM 248 C C   . PRO A 1 70  ? -5.770  5.482   -0.467  1.00 41.71 ? 70  PRO A C   1 
ATOM 249 O O   . PRO A 1 70  ? -5.986  5.666   -1.667  1.00 40.55 ? 70  PRO A O   1 
ATOM 250 C CB  . PRO A 1 70  ? -4.292  7.523   -0.247  1.00 40.38 ? 70  PRO A CB  1 
ATOM 251 C CG  . PRO A 1 70  ? -3.161  7.480   -1.205  1.00 35.77 ? 70  PRO A CG  1 
ATOM 252 C CD  . PRO A 1 70  ? -2.515  6.137   -1.176  1.00 39.90 ? 70  PRO A CD  1 
ATOM 253 N N   . SER A 1 71  ? -6.599  4.785   0.313   1.00 42.63 ? 71  SER A N   1 
ATOM 254 C CA  . SER A 1 71  ? -7.561  3.841   -0.248  1.00 42.77 ? 71  SER A CA  1 
ATOM 255 C C   . SER A 1 71  ? -8.709  4.504   -1.004  1.00 43.13 ? 71  SER A C   1 
ATOM 256 O O   . SER A 1 71  ? -9.343  3.845   -1.831  1.00 45.68 ? 71  SER A O   1 
ATOM 257 C CB  . SER A 1 71  ? -8.113  2.949   0.864   1.00 41.46 ? 71  SER A CB  1 
ATOM 258 O OG  . SER A 1 71  ? -9.115  3.612   1.604   1.00 47.97 ? 71  SER A OG  1 
ATOM 259 N N   . SER A 1 72  ? -8.994  5.778   -0.752  1.00 46.76 ? 72  SER A N   1 
ATOM 260 C CA  . SER A 1 72  ? -10.010 6.482   -1.523  1.00 42.28 ? 72  SER A CA  1 
ATOM 261 C C   . SER A 1 72  ? -9.545  6.844   -2.924  1.00 42.85 ? 72  SER A C   1 
ATOM 262 O O   . SER A 1 72  ? -10.369 7.258   -3.743  1.00 43.92 ? 72  SER A O   1 
ATOM 263 C CB  . SER A 1 72  ? -10.440 7.758   -0.801  1.00 39.07 ? 72  SER A CB  1 
ATOM 264 O OG  . SER A 1 72  ? -11.407 7.483   0.188   1.00 47.81 ? 72  SER A OG  1 
ATOM 265 N N   . ASP A 1 73  ? -8.257  6.715   -3.213  1.00 42.96 ? 73  ASP A N   1 
ATOM 266 C CA  . ASP A 1 73  ? -7.695  7.114   -4.494  1.00 40.25 ? 73  ASP A CA  1 
ATOM 267 C C   . ASP A 1 73  ? -7.177  5.948   -5.321  1.00 39.92 ? 73  ASP A C   1 
ATOM 268 O O   . ASP A 1 73  ? -7.332  5.958   -6.541  1.00 42.33 ? 73  ASP A O   1 
ATOM 269 C CB  . ASP A 1 73  ? -6.562  8.123   -4.275  1.00 38.31 ? 73  ASP A CB  1 
ATOM 270 C CG  . ASP A 1 73  ? -7.070  9.496   -3.872  1.00 42.97 ? 73  ASP A CG  1 
ATOM 271 O OD1 . ASP A 1 73  ? -7.928  10.049  -4.581  1.00 45.25 ? 73  ASP A OD1 1 
ATOM 272 O OD2 . ASP A 1 73  ? -6.615  10.021  -2.840  1.00 44.42 ? 73  ASP A OD2 1 
ATOM 273 N N   . TYR A 1 74  ? -6.575  4.939   -4.691  1.00 39.31 ? 74  TYR A N   1 
ATOM 274 C CA  . TYR A 1 74  ? -5.970  3.829   -5.412  1.00 40.05 ? 74  TYR A CA  1 
ATOM 275 C C   . TYR A 1 74  ? -6.231  2.521   -4.676  1.00 40.01 ? 74  TYR A C   1 
ATOM 276 O O   . TYR A 1 74  ? -6.480  2.503   -3.471  1.00 41.21 ? 74  TYR A O   1 
ATOM 277 C CB  . TYR A 1 74  ? -4.461  4.036   -5.597  1.00 39.29 ? 74  TYR A CB  1 
ATOM 278 C CG  . TYR A 1 74  ? -4.113  5.164   -6.532  1.00 38.09 ? 74  TYR A CG  1 
ATOM 279 C CD1 . TYR A 1 74  ? -4.083  4.966   -7.901  1.00 39.89 ? 74  TYR A CD1 1 
ATOM 280 C CD2 . TYR A 1 74  ? -3.810  6.427   -6.048  1.00 38.64 ? 74  TYR A CD2 1 
ATOM 281 C CE1 . TYR A 1 74  ? -3.772  5.990   -8.757  1.00 38.39 ? 74  TYR A CE1 1 
ATOM 282 C CE2 . TYR A 1 74  ? -3.499  7.458   -6.899  1.00 40.09 ? 74  TYR A CE2 1 
ATOM 283 C CZ  . TYR A 1 74  ? -3.476  7.231   -8.253  1.00 40.83 ? 74  TYR A CZ  1 
ATOM 284 O OH  . TYR A 1 74  ? -3.162  8.248   -9.113  1.00 46.11 ? 74  TYR A OH  1 
ATOM 285 N N   . VAL A 1 75  ? -6.170  1.418   -5.425  1.00 41.00 ? 75  VAL A N   1 
ATOM 286 C CA  . VAL A 1 75  ? -6.344  0.072   -4.888  1.00 42.34 ? 75  VAL A CA  1 
ATOM 287 C C   . VAL A 1 75  ? -5.303  -0.854  -5.510  1.00 42.42 ? 75  VAL A C   1 
ATOM 288 O O   . VAL A 1 75  ? -4.617  -0.504  -6.470  1.00 39.48 ? 75  VAL A O   1 
ATOM 289 C CB  . VAL A 1 75  ? -7.763  -0.493  -5.132  1.00 42.22 ? 75  VAL A CB  1 
ATOM 290 C CG1 . VAL A 1 75  ? -8.797  0.272   -4.333  1.00 41.40 ? 75  VAL A CG1 1 
ATOM 291 C CG2 . VAL A 1 75  ? -8.104  -0.482  -6.609  1.00 42.29 ? 75  VAL A CG2 1 
ATOM 292 N N   . PHE A 1 76  ? -5.192  -2.048  -4.938  1.00 42.85 ? 76  PHE A N   1 
ATOM 293 C CA  . PHE A 1 76  ? -4.320  -3.097  -5.450  1.00 41.05 ? 76  PHE A CA  1 
ATOM 294 C C   . PHE A 1 76  ? -5.159  -4.079  -6.259  1.00 42.69 ? 76  PHE A C   1 
ATOM 295 O O   . PHE A 1 76  ? -6.130  -4.640  -5.745  1.00 45.78 ? 76  PHE A O   1 
ATOM 296 C CB  . PHE A 1 76  ? -3.594  -3.816  -4.311  1.00 36.38 ? 76  PHE A CB  1 
ATOM 297 C CG  . PHE A 1 76  ? -2.513  -2.997  -3.660  1.00 36.63 ? 76  PHE A CG  1 
ATOM 298 C CD1 . PHE A 1 76  ? -1.337  -2.715  -4.326  1.00 34.20 ? 76  PHE A CD1 1 
ATOM 299 C CD2 . PHE A 1 76  ? -2.677  -2.510  -2.374  1.00 35.57 ? 76  PHE A CD2 1 
ATOM 300 C CE1 . PHE A 1 76  ? -0.352  -1.961  -3.729  1.00 32.40 ? 76  PHE A CE1 1 
ATOM 301 C CE2 . PHE A 1 76  ? -1.691  -1.761  -1.773  1.00 35.67 ? 76  PHE A CE2 1 
ATOM 302 C CZ  . PHE A 1 76  ? -0.529  -1.483  -2.453  1.00 34.19 ? 76  PHE A CZ  1 
ATOM 303 N N   . SER A 1 77  ? -4.790  -4.277  -7.521  1.00 43.48 ? 77  SER A N   1 
ATOM 304 C CA  . SER A 1 77  ? -5.529  -5.165  -8.412  1.00 44.09 ? 77  SER A CA  1 
ATOM 305 C C   . SER A 1 77  ? -4.552  -5.713  -9.440  1.00 44.70 ? 77  SER A C   1 
ATOM 306 O O   . SER A 1 77  ? -4.038  -4.960  -10.267 1.00 46.43 ? 77  SER A O   1 
ATOM 307 C CB  . SER A 1 77  ? -6.688  -4.439  -9.090  1.00 42.34 ? 77  SER A CB  1 
ATOM 308 O OG  . SER A 1 77  ? -6.901  -4.946  -10.391 1.00 49.33 ? 77  SER A OG  1 
ATOM 309 N N   . GLY A 1 78  ? -4.300  -7.007  -9.388  1.00 46.33 ? 78  GLY A N   1 
ATOM 310 C CA  . GLY A 1 78  ? -3.387  -7.649  -10.303 1.00 44.67 ? 78  GLY A CA  1 
ATOM 311 C C   . GLY A 1 78  ? -2.614  -8.729  -9.589  1.00 46.20 ? 78  GLY A C   1 
ATOM 312 O O   . GLY A 1 78  ? -3.009  -9.195  -8.525  1.00 54.38 ? 78  GLY A O   1 
ATOM 313 N N   . VAL A 1 79  ? -1.497  -9.121  -10.180 1.00 42.33 ? 79  VAL A N   1 
ATOM 314 C CA  . VAL A 1 79  ? -0.678  -10.202 -9.651  1.00 45.10 ? 79  VAL A CA  1 
ATOM 315 C C   . VAL A 1 79  ? 0.324   -9.632  -8.658  1.00 43.57 ? 79  VAL A C   1 
ATOM 316 O O   . VAL A 1 79  ? 1.081   -8.711  -8.981  1.00 47.23 ? 79  VAL A O   1 
ATOM 317 C CB  . VAL A 1 79  ? 0.039   -10.954 -10.784 1.00 45.23 ? 79  VAL A CB  1 
ATOM 318 C CG1 . VAL A 1 79  ? 0.809   -12.123 -10.225 1.00 45.80 ? 79  VAL A CG1 1 
ATOM 319 C CG2 . VAL A 1 79  ? -0.957  -11.431 -11.805 1.00 45.68 ? 79  VAL A CG2 1 
ATOM 320 N N   . VAL A 1 80  ? 0.327   -10.175 -7.450  1.00 44.01 ? 80  VAL A N   1 
ATOM 321 C CA  . VAL A 1 80  ? 1.329   -9.845  -6.447  1.00 45.17 ? 80  VAL A CA  1 
ATOM 322 C C   . VAL A 1 80  ? 2.464   -10.848 -6.570  1.00 47.53 ? 80  VAL A C   1 
ATOM 323 O O   . VAL A 1 80  ? 2.234   -12.061 -6.566  1.00 45.89 ? 80  VAL A O   1 
ATOM 324 C CB  . VAL A 1 80  ? 0.723   -9.859  -5.036  1.00 44.49 ? 80  VAL A CB  1 
ATOM 325 C CG1 . VAL A 1 80  ? 1.812   -9.752  -3.987  1.00 41.22 ? 80  VAL A CG1 1 
ATOM 326 C CG2 . VAL A 1 80  ? -0.273  -8.735  -4.884  1.00 41.26 ? 80  VAL A CG2 1 
ATOM 327 N N   . ALA A 1 81  ? 3.688   -10.344 -6.693  1.00 49.82 ? 81  ALA A N   1 
ATOM 328 C CA  . ALA A 1 81  ? 4.841   -11.166 -7.015  1.00 46.40 ? 81  ALA A CA  1 
ATOM 329 C C   . ALA A 1 81  ? 6.031   -10.788 -6.148  1.00 46.72 ? 81  ALA A C   1 
ATOM 330 O O   . ALA A 1 81  ? 6.302   -9.606  -5.925  1.00 46.48 ? 81  ALA A O   1 
ATOM 331 C CB  . ALA A 1 81  ? 5.208   -11.034 -8.493  1.00 43.28 ? 81  ALA A CB  1 
ATOM 332 N N   . VAL A 1 82  ? 6.747   -11.805 -5.680  1.00 44.83 ? 82  VAL A N   1 
ATOM 333 C CA  . VAL A 1 82  ? 7.960   -11.643 -4.889  1.00 44.50 ? 82  VAL A CA  1 
ATOM 334 C C   . VAL A 1 82  ? 9.051   -12.511 -5.503  1.00 45.47 ? 82  VAL A C   1 
ATOM 335 O O   . VAL A 1 82  ? 8.784   -13.626 -5.959  1.00 46.48 ? 82  VAL A O   1 
ATOM 336 C CB  . VAL A 1 82  ? 7.723   -12.008 -3.407  1.00 44.29 ? 82  VAL A CB  1 
ATOM 337 C CG1 . VAL A 1 82  ? 9.022   -12.085 -2.645  1.00 44.29 ? 82  VAL A CG1 1 
ATOM 338 C CG2 . VAL A 1 82  ? 6.820   -10.998 -2.762  1.00 41.74 ? 82  VAL A CG2 1 
ATOM 339 N N   . GLN A 1 83  ? 10.271  -11.979 -5.549  1.00 47.71 ? 83  GLN A N   1 
ATOM 340 C CA  . GLN A 1 83  ? 11.456  -12.718 -5.950  1.00 49.01 ? 83  GLN A CA  1 
ATOM 341 C C   . GLN A 1 83  ? 12.604  -12.339 -5.026  1.00 45.86 ? 83  GLN A C   1 
ATOM 342 O O   . GLN A 1 83  ? 12.717  -11.189 -4.602  1.00 45.62 ? 83  GLN A O   1 
ATOM 343 C CB  . GLN A 1 83  ? 11.841  -12.437 -7.407  1.00 44.19 ? 83  GLN A CB  1 
ATOM 344 C CG  . GLN A 1 83  ? 10.918  -13.060 -8.429  1.00 46.81 ? 83  GLN A CG  1 
ATOM 345 C CD  . GLN A 1 83  ? 11.472  -12.992 -9.830  1.00 50.30 ? 83  GLN A CD  1 
ATOM 346 O OE1 . GLN A 1 83  ? 12.589  -12.534 -10.043 1.00 53.67 ? 83  GLN A OE1 1 
ATOM 347 N NE2 . GLN A 1 83  ? 10.693  -13.448 -10.796 1.00 48.91 ? 83  GLN A NE2 1 
ATOM 348 N N   . VAL A 1 84  ? 13.446  -13.321 -4.704  1.00 44.96 ? 84  VAL A N   1 
ATOM 349 C CA  . VAL A 1 84  ? 14.640  -13.103 -3.899  1.00 43.67 ? 84  VAL A CA  1 
ATOM 350 C C   . VAL A 1 84  ? 15.840  -13.696 -4.622  1.00 43.56 ? 84  VAL A C   1 
ATOM 351 O O   . VAL A 1 84  ? 15.715  -14.561 -5.490  1.00 47.03 ? 84  VAL A O   1 
ATOM 352 C CB  . VAL A 1 84  ? 14.530  -13.697 -2.475  1.00 42.12 ? 84  VAL A CB  1 
ATOM 353 C CG1 . VAL A 1 84  ? 13.793  -12.743 -1.550  1.00 39.98 ? 84  VAL A CG1 1 
ATOM 354 C CG2 . VAL A 1 84  ? 13.861  -15.053 -2.502  1.00 42.26 ? 84  VAL A CG2 1 
ATOM 355 N N   . SER A 1 85  ? 17.018  -13.216 -4.243  1.00 45.50 ? 85  SER A N   1 
ATOM 356 C CA  . SER A 1 85  ? 18.277  -13.601 -4.865  1.00 42.80 ? 85  SER A CA  1 
ATOM 357 C C   . SER A 1 85  ? 19.243  -14.069 -3.784  1.00 44.25 ? 85  SER A C   1 
ATOM 358 O O   . SER A 1 85  ? 19.552  -13.313 -2.860  1.00 46.52 ? 85  SER A O   1 
ATOM 359 C CB  . SER A 1 85  ? 18.850  -12.420 -5.645  1.00 45.23 ? 85  SER A CB  1 
ATOM 360 O OG  . SER A 1 85  ? 18.793  -12.649 -7.035  1.00 51.44 ? 85  SER A OG  1 
ATOM 361 N N   . TYR A 1 86  ? 19.724  -15.304 -3.902  1.00 42.04 ? 86  TYR A N   1 
ATOM 362 C CA  . TYR A 1 86  ? 20.628  -15.903 -2.926  1.00 43.07 ? 86  TYR A CA  1 
ATOM 363 C C   . TYR A 1 86  ? 22.042  -15.954 -3.487  1.00 46.25 ? 86  TYR A C   1 
ATOM 364 O O   . TYR A 1 86  ? 22.251  -16.432 -4.603  1.00 49.59 ? 86  TYR A O   1 
ATOM 365 C CB  . TYR A 1 86  ? 20.186  -17.316 -2.549  1.00 41.55 ? 86  TYR A CB  1 
ATOM 366 C CG  . TYR A 1 86  ? 19.043  -17.392 -1.574  1.00 44.84 ? 86  TYR A CG  1 
ATOM 367 C CD1 . TYR A 1 86  ? 17.730  -17.283 -2.007  1.00 43.41 ? 86  TYR A CD1 1 
ATOM 368 C CD2 . TYR A 1 86  ? 19.272  -17.592 -0.220  1.00 46.23 ? 86  TYR A CD2 1 
ATOM 369 C CE1 . TYR A 1 86  ? 16.683  -17.357 -1.123  1.00 45.51 ? 86  TYR A CE1 1 
ATOM 370 C CE2 . TYR A 1 86  ? 18.231  -17.673 0.672   1.00 46.20 ? 86  TYR A CE2 1 
ATOM 371 C CZ  . TYR A 1 86  ? 16.936  -17.554 0.215   1.00 48.51 ? 86  TYR A CZ  1 
ATOM 372 O OH  . TYR A 1 86  ? 15.892  -17.628 1.098   1.00 51.41 ? 86  TYR A OH  1 
ATOM 373 N N   . ALA A 1 87  ? 23.009  -15.491 -2.701  1.00 48.28 ? 87  ALA A N   1 
ATOM 374 C CA  . ALA A 1 87  ? 24.407  -15.470 -3.101  1.00 47.57 ? 87  ALA A CA  1 
ATOM 375 C C   . ALA A 1 87  ? 25.122  -16.716 -2.599  1.00 50.60 ? 87  ALA A C   1 
ATOM 376 O O   . ALA A 1 87  ? 24.838  -17.210 -1.505  1.00 52.49 ? 87  ALA A O   1 
ATOM 377 C CB  . ALA A 1 87  ? 25.108  -14.218 -2.571  1.00 41.81 ? 87  ALA A CB  1 
ATOM 378 N N   . THR A 1 88  ? 26.050  -17.224 -3.405  1.00 51.61 ? 88  THR A N   1 
ATOM 379 C CA  . THR A 1 88  ? 26.880  -18.353 -3.012  1.00 51.93 ? 88  THR A CA  1 
ATOM 380 C C   . THR A 1 88  ? 28.330  -17.940 -2.780  1.00 51.01 ? 88  THR A C   1 
ATOM 381 O O   . THR A 1 88  ? 29.230  -18.778 -2.846  1.00 53.56 ? 88  THR A O   1 
ATOM 382 C CB  . THR A 1 88  ? 26.790  -19.479 -4.046  1.00 53.82 ? 88  THR A CB  1 
ATOM 383 O OG1 . THR A 1 88  ? 27.041  -18.976 -5.362  1.00 57.40 ? 88  THR A OG1 1 
ATOM 384 C CG2 . THR A 1 88  ? 25.417  -20.096 -4.028  1.00 48.33 ? 88  THR A CG2 1 
ATOM 385 N N   . THR A 1 89  ? 28.569  -16.659 -2.487  1.00 53.43 ? 89  THR A N   1 
ATOM 386 C CA  . THR A 1 89  ? 29.910  -16.102 -2.371  1.00 51.49 ? 89  THR A CA  1 
ATOM 387 C C   . THR A 1 89  ? 30.250  -15.656 -0.952  1.00 54.60 ? 89  THR A C   1 
ATOM 388 O O   . THR A 1 89  ? 31.157  -14.841 -0.765  1.00 59.13 ? 89  THR A O   1 
ATOM 389 C CB  . THR A 1 89  ? 30.074  -14.927 -3.334  1.00 50.82 ? 89  THR A CB  1 
ATOM 390 O OG1 . THR A 1 89  ? 28.889  -14.128 -3.314  1.00 54.38 ? 89  THR A OG1 1 
ATOM 391 C CG2 . THR A 1 89  ? 30.308  -15.421 -4.737  1.00 53.29 ? 89  THR A CG2 1 
ATOM 392 N N   . ILE A 1 90  ? 29.548  -16.171 0.053   1.00 54.16 ? 90  ILE A N   1 
ATOM 393 C CA  . ILE A 1 90  ? 29.767  -15.794 1.444   1.00 50.57 ? 90  ILE A CA  1 
ATOM 394 C C   . ILE A 1 90  ? 30.072  -17.052 2.241   1.00 51.64 ? 90  ILE A C   1 
ATOM 395 O O   . ILE A 1 90  ? 29.352  -18.050 2.132   1.00 55.07 ? 90  ILE A O   1 
ATOM 396 C CB  . ILE A 1 90  ? 28.551  -15.056 2.033   1.00 48.97 ? 90  ILE A CB  1 
ATOM 397 C CG1 . ILE A 1 90  ? 28.064  -13.967 1.079   1.00 45.15 ? 90  ILE A CG1 1 
ATOM 398 C CG2 . ILE A 1 90  ? 28.894  -14.452 3.370   1.00 48.53 ? 90  ILE A CG2 1 
ATOM 399 C CD1 . ILE A 1 90  ? 28.963  -12.777 1.014   1.00 41.15 ? 90  ILE A CD1 1 
ATOM 400 N N   . SER A 1 91  ? 31.135  -17.005 3.038   1.00 50.13 ? 91  SER A N   1 
ATOM 401 C CA  . SER A 1 91  ? 31.559  -18.131 3.850   1.00 46.96 ? 91  SER A CA  1 
ATOM 402 C C   . SER A 1 91  ? 31.646  -17.720 5.312   1.00 46.25 ? 91  SER A C   1 
ATOM 403 O O   . SER A 1 91  ? 31.824  -16.547 5.641   1.00 51.14 ? 91  SER A O   1 
ATOM 404 C CB  . SER A 1 91  ? 32.924  -18.671 3.407   1.00 48.68 ? 91  SER A CB  1 
ATOM 405 O OG  . SER A 1 91  ? 32.848  -19.405 2.209   1.00 51.22 ? 91  SER A OG  1 
ATOM 406 N N   . VAL A 1 92  ? 31.520  -18.711 6.186   1.00 43.83 ? 92  VAL A N   1 
ATOM 407 C CA  . VAL A 1 92  ? 31.794  -18.563 7.609   1.00 43.69 ? 92  VAL A CA  1 
ATOM 408 C C   . VAL A 1 92  ? 32.878  -19.569 7.958   1.00 44.82 ? 92  VAL A C   1 
ATOM 409 O O   . VAL A 1 92  ? 32.686  -20.775 7.783   1.00 49.38 ? 92  VAL A O   1 
ATOM 410 C CB  . VAL A 1 92  ? 30.537  -18.786 8.466   1.00 41.38 ? 92  VAL A CB  1 
ATOM 411 C CG1 . VAL A 1 92  ? 30.870  -18.695 9.933   1.00 37.86 ? 92  VAL A CG1 1 
ATOM 412 C CG2 . VAL A 1 92  ? 29.474  -17.776 8.117   1.00 41.90 ? 92  VAL A CG2 1 
ATOM 413 N N   . GLY A 1 93  ? 34.016  -19.080 8.439   1.00 42.29 ? 93  GLY A N   1 
ATOM 414 C CA  . GLY A 1 93  ? 35.084  -19.980 8.818   1.00 44.01 ? 93  GLY A CA  1 
ATOM 415 C C   . GLY A 1 93  ? 36.476  -19.458 8.542   1.00 48.81 ? 93  GLY A C   1 
ATOM 416 O O   . GLY A 1 93  ? 36.825  -18.360 8.972   1.00 52.12 ? 93  GLY A O   1 
ATOM 417 N N   . VAL A 1 94  ? 37.285  -20.234 7.827   1.00 49.19 ? 94  VAL A N   1 
ATOM 418 C CA  . VAL A 1 94  ? 38.665  -19.845 7.571   1.00 48.59 ? 94  VAL A CA  1 
ATOM 419 C C   . VAL A 1 94  ? 38.845  -19.479 6.104   1.00 54.60 ? 94  VAL A C   1 
ATOM 420 O O   . VAL A 1 94  ? 39.168  -20.334 5.276   1.00 63.71 ? 94  VAL A O   1 
ATOM 421 C CB  . VAL A 1 94  ? 39.640  -20.962 7.987   1.00 45.44 ? 94  VAL A CB  1 
ATOM 422 C CG1 . VAL A 1 94  ? 41.067  -20.519 7.793   1.00 49.25 ? 94  VAL A CG1 1 
ATOM 423 C CG2 . VAL A 1 94  ? 39.413  -21.351 9.429   1.00 45.24 ? 94  VAL A CG2 1 
ATOM 424 N N   . GLY A 1 95  ? 38.655  -18.203 5.783   1.00 51.19 ? 95  GLY A N   1 
ATOM 425 C CA  . GLY A 1 95  ? 38.924  -17.714 4.442   1.00 51.11 ? 95  GLY A CA  1 
ATOM 426 C C   . GLY A 1 95  ? 38.067  -18.383 3.392   1.00 52.51 ? 95  GLY A C   1 
ATOM 427 O O   . GLY A 1 95  ? 36.873  -18.625 3.583   1.00 52.98 ? 95  GLY A O   1 
ATOM 428 N N   . THR A 1 96  ? 38.686  -18.683 2.250   1.00 55.16 ? 96  THR A N   1 
ATOM 429 C CA  . THR A 1 96  ? 38.003  -19.400 1.184   1.00 54.96 ? 96  THR A CA  1 
ATOM 430 C C   . THR A 1 96  ? 37.710  -20.849 1.550   1.00 51.51 ? 96  THR A C   1 
ATOM 431 O O   . THR A 1 96  ? 36.965  -21.515 0.827   1.00 49.28 ? 96  THR A O   1 
ATOM 432 C CB  . THR A 1 96  ? 38.830  -19.328 -0.103  1.00 54.03 ? 96  THR A CB  1 
ATOM 433 O OG1 . THR A 1 96  ? 40.225  -19.356 0.211   1.00 57.39 ? 96  THR A OG1 1 
ATOM 434 C CG2 . THR A 1 96  ? 38.531  -18.043 -0.834  1.00 53.69 ? 96  THR A CG2 1 
ATOM 435 N N   . ALA A 1 97  ? 38.265  -21.345 2.649   1.00 53.26 ? 97  ALA A N   1 
ATOM 436 C CA  . ALA A 1 97  ? 38.031  -22.709 3.095   1.00 52.02 ? 97  ALA A CA  1 
ATOM 437 C C   . ALA A 1 97  ? 36.847  -22.837 4.043   1.00 53.27 ? 97  ALA A C   1 
ATOM 438 O O   . ALA A 1 97  ? 36.598  -23.932 4.546   1.00 56.93 ? 97  ALA A O   1 
ATOM 439 C CB  . ALA A 1 97  ? 39.288  -23.264 3.768   1.00 48.09 ? 97  ALA A CB  1 
ATOM 440 N N   . GLY A 1 98  ? 36.124  -21.755 4.309   1.00 49.23 ? 98  GLY A N   1 
ATOM 441 C CA  . GLY A 1 98  ? 34.977  -21.827 5.186   1.00 46.76 ? 98  GLY A CA  1 
ATOM 442 C C   . GLY A 1 98  ? 33.772  -22.477 4.532   1.00 48.40 ? 98  GLY A C   1 
ATOM 443 O O   . GLY A 1 98  ? 33.706  -22.675 3.323   1.00 53.95 ? 98  GLY A O   1 
ATOM 444 N N   . ALA A 1 99  ? 32.796  -22.812 5.365   1.00 45.55 ? 99  ALA A N   1 
ATOM 445 C CA  . ALA A 1 99  ? 31.551  -23.386 4.878   1.00 44.19 ? 99  ALA A CA  1 
ATOM 446 C C   . ALA A 1 99  ? 30.763  -22.362 4.069   1.00 43.98 ? 99  ALA A C   1 
ATOM 447 O O   . ALA A 1 99  ? 30.818  -21.159 4.327   1.00 46.36 ? 99  ALA A O   1 
ATOM 448 C CB  . ALA A 1 99  ? 30.710  -23.891 6.045   1.00 40.67 ? 99  ALA A CB  1 
ATOM 449 N N   . LEU A 1 100 ? 30.022  -22.849 3.082   1.00 45.87 ? 100 LEU A N   1 
ATOM 450 C CA  . LEU A 1 100 ? 29.218  -21.991 2.222   1.00 47.74 ? 100 LEU A CA  1 
ATOM 451 C C   . LEU A 1 100 ? 27.834  -21.819 2.838   1.00 48.51 ? 100 LEU A C   1 
ATOM 452 O O   . LEU A 1 100 ? 27.121  -22.801 3.058   1.00 47.50 ? 100 LEU A O   1 
ATOM 453 C CB  . LEU A 1 100 ? 29.126  -22.572 0.812   1.00 47.01 ? 100 LEU A CB  1 
ATOM 454 C CG  . LEU A 1 100 ? 27.952  -22.229 -0.107  1.00 48.71 ? 100 LEU A CG  1 
ATOM 455 C CD1 . LEU A 1 100 ? 27.837  -20.750 -0.366  1.00 51.47 ? 100 LEU A CD1 1 
ATOM 456 C CD2 . LEU A 1 100 ? 28.087  -22.972 -1.412  1.00 45.25 ? 100 LEU A CD2 1 
ATOM 457 N N   . THR A 1 101 ? 27.464  -20.572 3.117   1.00 49.40 ? 101 THR A N   1 
ATOM 458 C CA  . THR A 1 101 ? 26.189  -20.240 3.752   1.00 47.81 ? 101 THR A CA  1 
ATOM 459 C C   . THR A 1 101 ? 25.447  -19.227 2.892   1.00 47.77 ? 101 THR A C   1 
ATOM 460 O O   . THR A 1 101 ? 25.774  -18.028 2.925   1.00 53.02 ? 101 THR A O   1 
ATOM 461 C CB  . THR A 1 101 ? 26.404  -19.693 5.157   1.00 47.29 ? 101 THR A CB  1 
ATOM 462 O OG1 . THR A 1 101 ? 27.528  -18.811 5.157   1.00 52.15 ? 101 THR A OG1 1 
ATOM 463 C CG2 . THR A 1 101 ? 26.659  -20.813 6.141   1.00 41.19 ? 101 THR A CG2 1 
ATOM 464 N N   . PRO A 1 102 ? 24.453  -19.655 2.120   1.00 49.19 ? 102 PRO A N   1 
ATOM 465 C CA  . PRO A 1 102 ? 23.745  -18.718 1.238   1.00 49.47 ? 102 PRO A CA  1 
ATOM 466 C C   . PRO A 1 102 ? 22.986  -17.650 2.011   1.00 51.19 ? 102 PRO A C   1 
ATOM 467 O O   . PRO A 1 102 ? 22.438  -17.897 3.085   1.00 54.36 ? 102 PRO A O   1 
ATOM 468 C CB  . PRO A 1 102 ? 22.783  -19.618 0.458   1.00 47.30 ? 102 PRO A CB  1 
ATOM 469 C CG  . PRO A 1 102 ? 22.674  -20.862 1.247   1.00 45.02 ? 102 PRO A CG  1 
ATOM 470 C CD  . PRO A 1 102 ? 23.932  -21.027 2.020   1.00 45.82 ? 102 PRO A CD  1 
ATOM 471 N N   . VAL A 1 103 ? 22.955  -16.445 1.435   1.00 49.15 ? 103 VAL A N   1 
ATOM 472 C CA  . VAL A 1 103 ? 22.270  -15.298 2.019   1.00 48.65 ? 103 VAL A CA  1 
ATOM 473 C C   . VAL A 1 103 ? 21.440  -14.618 0.943   1.00 50.42 ? 103 VAL A C   1 
ATOM 474 O O   . VAL A 1 103 ? 21.671  -14.792 -0.252  1.00 52.62 ? 103 VAL A O   1 
ATOM 475 C CB  . VAL A 1 103 ? 23.241  -14.267 2.642   1.00 46.07 ? 103 VAL A CB  1 
ATOM 476 C CG1 . VAL A 1 103 ? 23.238  -14.367 4.141   1.00 47.16 ? 103 VAL A CG1 1 
ATOM 477 C CG2 . VAL A 1 103 ? 24.637  -14.447 2.093   1.00 44.96 ? 103 VAL A CG2 1 
ATOM 478 N N   . ILE A 1 104 ? 20.475  -13.824 1.383   1.00 48.22 ? 104 ILE A N   1 
ATOM 479 C CA  . ILE A 1 104 ? 19.689  -12.984 0.486   1.00 46.50 ? 104 ILE A CA  1 
ATOM 480 C C   . ILE A 1 104 ? 20.395  -11.642 0.338   1.00 45.18 ? 104 ILE A C   1 
ATOM 481 O O   . ILE A 1 104 ? 20.678  -10.967 1.333   1.00 49.13 ? 104 ILE A O   1 
ATOM 482 C CB  . ILE A 1 104 ? 18.257  -12.797 1.018   1.00 42.87 ? 104 ILE A CB  1 
ATOM 483 C CG1 . ILE A 1 104 ? 17.559  -14.143 1.198   1.00 41.83 ? 104 ILE A CG1 1 
ATOM 484 C CG2 . ILE A 1 104 ? 17.455  -11.900 0.096   1.00 41.95 ? 104 ILE A CG2 1 
ATOM 485 C CD1 . ILE A 1 104 ? 16.146  -14.027 1.718   1.00 39.66 ? 104 ILE A CD1 1 
ATOM 486 N N   . THR A 1 105 ? 20.688  -11.253 -0.900  1.00 40.69 ? 105 THR A N   1 
ATOM 487 C CA  . THR A 1 105 ? 21.287  -9.955  -1.160  1.00 41.86 ? 105 THR A CA  1 
ATOM 488 C C   . THR A 1 105 ? 20.425  -9.044  -2.028  1.00 42.93 ? 105 THR A C   1 
ATOM 489 O O   . THR A 1 105 ? 20.760  -7.866  -2.164  1.00 44.17 ? 105 THR A O   1 
ATOM 490 C CB  . THR A 1 105 ? 22.682  -10.109 -1.797  1.00 46.08 ? 105 THR A CB  1 
ATOM 491 O OG1 . THR A 1 105 ? 22.585  -10.721 -3.084  1.00 53.12 ? 105 THR A OG1 1 
ATOM 492 C CG2 . THR A 1 105 ? 23.592  -10.943 -0.921  1.00 40.71 ? 105 THR A CG2 1 
ATOM 493 N N   . ALA A 1 106 ? 19.331  -9.540  -2.600  1.00 45.83 ? 106 ALA A N   1 
ATOM 494 C CA  . ALA A 1 106 ? 18.389  -8.711  -3.340  1.00 44.76 ? 106 ALA A CA  1 
ATOM 495 C C   . ALA A 1 106 ? 16.988  -9.294  -3.210  1.00 43.20 ? 106 ALA A C   1 
ATOM 496 O O   . ALA A 1 106 ? 16.804  -10.507 -3.306  1.00 41.03 ? 106 ALA A O   1 
ATOM 497 C CB  . ALA A 1 106 ? 18.773  -8.600  -4.819  1.00 37.79 ? 106 ALA A CB  1 
ATOM 498 N N   . ALA A 1 107 ? 16.004  -8.423  -3.000  1.00 45.93 ? 107 ALA A N   1 
ATOM 499 C CA  . ALA A 1 107 ? 14.604  -8.825  -2.958  1.00 42.88 ? 107 ALA A CA  1 
ATOM 500 C C   . ALA A 1 107 ? 13.744  -7.752  -3.612  1.00 44.62 ? 107 ALA A C   1 
ATOM 501 O O   . ALA A 1 107 ? 14.104  -6.576  -3.627  1.00 47.52 ? 107 ALA A O   1 
ATOM 502 C CB  . ALA A 1 107 ? 14.139  -9.086  -1.524  1.00 39.00 ? 107 ALA A CB  1 
ATOM 503 N N   . GLU A 1 108 ? 12.597  -8.168  -4.153  1.00 46.04 ? 108 GLU A N   1 
ATOM 504 C CA  . GLU A 1 108 ? 11.739  -7.267  -4.912  1.00 45.72 ? 108 GLU A CA  1 
ATOM 505 C C   . GLU A 1 108 ? 10.275  -7.636  -4.715  1.00 45.03 ? 108 GLU A C   1 
ATOM 506 O O   . GLU A 1 108 ? 9.945   -8.743  -4.291  1.00 47.68 ? 108 GLU A O   1 
ATOM 507 C CB  . GLU A 1 108 ? 12.082  -7.291  -6.403  1.00 46.62 ? 108 GLU A CB  1 
ATOM 508 C CG  . GLU A 1 108 ? 13.228  -6.401  -6.773  1.00 51.24 ? 108 GLU A CG  1 
ATOM 509 C CD  . GLU A 1 108 ? 13.507  -6.407  -8.245  1.00 58.33 ? 108 GLU A CD  1 
ATOM 510 O OE1 . GLU A 1 108 ? 12.628  -6.832  -9.014  1.00 65.47 ? 108 GLU A OE1 1 
ATOM 511 O OE2 . GLU A 1 108 ? 14.606  -5.981  -8.638  1.00 68.74 ? 108 GLU A OE2 1 
ATOM 512 N N   . LEU A 1 109 ? 9.395   -6.694  -5.059  1.00 43.99 ? 109 LEU A N   1 
ATOM 513 C CA  . LEU A 1 109 ? 7.954   -6.891  -4.970  1.00 43.32 ? 109 LEU A CA  1 
ATOM 514 C C   . LEU A 1 109 ? 7.247   -6.215  -6.137  1.00 46.85 ? 109 LEU A C   1 
ATOM 515 O O   . LEU A 1 109 ? 7.604   -5.101  -6.525  1.00 46.73 ? 109 LEU A O   1 
ATOM 516 C CB  . LEU A 1 109 ? 7.395   -6.339  -3.653  1.00 41.18 ? 109 LEU A CB  1 
ATOM 517 C CG  . LEU A 1 109 ? 5.876   -6.326  -3.475  1.00 41.42 ? 109 LEU A CG  1 
ATOM 518 C CD1 . LEU A 1 109 ? 5.385   -7.688  -3.072  1.00 40.33 ? 109 LEU A CD1 1 
ATOM 519 C CD2 . LEU A 1 109 ? 5.462   -5.306  -2.449  1.00 35.13 ? 109 LEU A CD2 1 
ATOM 520 N N   . THR A 1 110 ? 6.245   -6.893  -6.693  1.00 47.09 ? 110 THR A N   1 
ATOM 521 C CA  . THR A 1 110 ? 5.251   -6.262  -7.553  1.00 46.02 ? 110 THR A CA  1 
ATOM 522 C C   . THR A 1 110 ? 3.954   -6.111  -6.769  1.00 45.45 ? 110 THR A C   1 
ATOM 523 O O   . THR A 1 110 ? 3.511   -7.052  -6.108  1.00 46.03 ? 110 THR A O   1 
ATOM 524 C CB  . THR A 1 110 ? 4.961   -7.067  -8.825  1.00 50.05 ? 110 THR A CB  1 
ATOM 525 O OG1 . THR A 1 110 ? 6.143   -7.715  -9.338  1.00 58.42 ? 110 THR A OG1 1 
ATOM 526 C CG2 . THR A 1 110 ? 4.280   -6.185  -9.863  1.00 45.10 ? 110 THR A CG2 1 
ATOM 527 N N   . ALA A 1 111 ? 3.347   -4.929  -6.845  1.00 48.90 ? 111 ALA A N   1 
ATOM 528 C CA  . ALA A 1 111 ? 2.016   -4.702  -6.281  1.00 40.90 ? 111 ALA A CA  1 
ATOM 529 C C   . ALA A 1 111 ? 1.291   -3.716  -7.180  1.00 39.59 ? 111 ALA A C   1 
ATOM 530 O O   . ALA A 1 111 ? 1.494   -2.500  -7.085  1.00 47.88 ? 111 ALA A O   1 
ATOM 531 C CB  . ALA A 1 111 ? 2.090   -4.188  -4.845  1.00 36.11 ? 111 ALA A CB  1 
ATOM 532 N N   . PRO A 1 112 ? 0.450   -4.207  -8.088  1.00 40.77 ? 112 PRO A N   1 
ATOM 533 C CA  . PRO A 1 112 ? -0.162  -3.321  -9.086  1.00 42.08 ? 112 PRO A CA  1 
ATOM 534 C C   . PRO A 1 112 ? -1.121  -2.316  -8.466  1.00 42.24 ? 112 PRO A C   1 
ATOM 535 O O   . PRO A 1 112 ? -1.922  -2.646  -7.592  1.00 42.22 ? 112 PRO A O   1 
ATOM 536 C CB  . PRO A 1 112 ? -0.898  -4.289  -10.017 1.00 41.88 ? 112 PRO A CB  1 
ATOM 537 C CG  . PRO A 1 112 ? -0.291  -5.609  -9.761  1.00 40.26 ? 112 PRO A CG  1 
ATOM 538 C CD  . PRO A 1 112 ? 0.106   -5.614  -8.328  1.00 41.09 ? 112 PRO A CD  1 
ATOM 539 N N   . VAL A 1 113 ? -1.041  -1.082  -8.948  1.00 42.60 ? 113 VAL A N   1 
ATOM 540 C CA  . VAL A 1 113 ? -1.779  0.045   -8.395  1.00 41.08 ? 113 VAL A CA  1 
ATOM 541 C C   . VAL A 1 113 ? -2.746  0.544   -9.457  1.00 41.83 ? 113 VAL A C   1 
ATOM 542 O O   . VAL A 1 113 ? -2.350  0.769   -10.605 1.00 41.26 ? 113 VAL A O   1 
ATOM 543 C CB  . VAL A 1 113 ? -0.827  1.164   -7.931  1.00 41.28 ? 113 VAL A CB  1 
ATOM 544 C CG1 . VAL A 1 113 ? -1.583  2.436   -7.634  1.00 43.85 ? 113 VAL A CG1 1 
ATOM 545 C CG2 . VAL A 1 113 ? -0.052  0.722   -6.713  1.00 35.94 ? 113 VAL A CG2 1 
ATOM 546 N N   . VAL A 1 114 ? -4.012  0.692   -9.077  1.00 43.17 ? 114 VAL A N   1 
ATOM 547 C CA  . VAL A 1 114 ? -5.094  1.019   -9.998  1.00 41.61 ? 114 VAL A CA  1 
ATOM 548 C C   . VAL A 1 114 ? -5.984  2.076   -9.353  1.00 41.88 ? 114 VAL A C   1 
ATOM 549 O O   . VAL A 1 114 ? -6.192  2.067   -8.136  1.00 41.15 ? 114 VAL A O   1 
ATOM 550 C CB  . VAL A 1 114 ? -5.895  -0.248  -10.380 1.00 44.71 ? 114 VAL A CB  1 
ATOM 551 C CG1 . VAL A 1 114 ? -7.199  0.104   -11.043 1.00 47.54 ? 114 VAL A CG1 1 
ATOM 552 C CG2 . VAL A 1 114 ? -5.077  -1.133  -11.301 1.00 42.31 ? 114 VAL A CG2 1 
ATOM 553 N N   . VAL A 1 115 ? -6.497  2.998   -10.173 1.00 42.93 ? 115 VAL A N   1 
ATOM 554 C CA  . VAL A 1 115 ? -7.380  4.055   -9.686  1.00 44.50 ? 115 VAL A CA  1 
ATOM 555 C C   . VAL A 1 115 ? -8.685  3.469   -9.157  1.00 46.61 ? 115 VAL A C   1 
ATOM 556 O O   . VAL A 1 115 ? -9.296  2.590   -9.777  1.00 52.65 ? 115 VAL A O   1 
ATOM 557 C CB  . VAL A 1 115 ? -7.641  5.069   -10.812 1.00 42.73 ? 115 VAL A CB  1 
ATOM 558 C CG1 . VAL A 1 115 ? -8.707  6.066   -10.417 1.00 44.89 ? 115 VAL A CG1 1 
ATOM 559 C CG2 . VAL A 1 115 ? -6.373  5.788   -11.180 1.00 42.95 ? 115 VAL A CG2 1 
ATOM 560 N N   . ASN A 1 116 ? -9.121  3.963   -8.000  1.00 44.14 ? 116 ASN A N   1 
ATOM 561 C CA  . ASN A 1 116 ? -10.373 3.520   -7.396  1.00 45.65 ? 116 ASN A CA  1 
ATOM 562 C C   . ASN A 1 116 ? -11.565 3.997   -8.220  1.00 48.90 ? 116 ASN A C   1 
ATOM 563 O O   . ASN A 1 116 ? -11.674 5.181   -8.542  1.00 50.73 ? 116 ASN A O   1 
ATOM 564 C CB  . ASN A 1 116 ? -10.465 4.049   -5.966  1.00 44.34 ? 116 ASN A CB  1 
ATOM 565 C CG  . ASN A 1 116 ? -11.560 3.388   -5.160  1.00 47.99 ? 116 ASN A CG  1 
ATOM 566 O OD1 . ASN A 1 116 ? -12.495 2.815   -5.706  1.00 53.31 ? 116 ASN A OD1 1 
ATOM 567 N ND2 . ASN A 1 116 ? -11.446 3.467   -3.846  1.00 46.65 ? 116 ASN A ND2 1 
ATOM 568 N N   . ALA A 1 117 ? -12.470 3.072   -8.547  1.00 51.48 ? 117 ALA A N   1 
ATOM 569 C CA  . ALA A 1 117 ? -13.591 3.349   -9.441  1.00 50.57 ? 117 ALA A CA  1 
ATOM 570 C C   . ALA A 1 117 ? -14.880 2.719   -8.933  1.00 49.88 ? 117 ALA A C   1 
ATOM 571 O O   . ALA A 1 117 ? -15.719 2.279   -9.722  1.00 51.79 ? 117 ALA A O   1 
ATOM 572 C CB  . ALA A 1 117 ? -13.298 2.857   -10.854 1.00 43.71 ? 117 ALA A CB  1 
ATOM 573 N N   . GLY A 1 118 ? -15.065 2.664   -7.619  1.00 45.27 ? 118 GLY A N   1 
ATOM 574 C CA  . GLY A 1 118 ? -16.306 2.143   -7.076  1.00 44.37 ? 118 GLY A CA  1 
ATOM 575 C C   . GLY A 1 118 ? -17.392 3.200   -7.037  1.00 48.14 ? 118 GLY A C   1 
ATOM 576 O O   . GLY A 1 118 ? -17.132 4.382   -6.830  1.00 54.95 ? 118 GLY A O   1 
ATOM 577 N N   . THR A 1 119 ? -18.640 2.772   -7.231  1.00 47.72 ? 119 THR A N   1 
ATOM 578 C CA  . THR A 1 119 ? -19.742 3.723   -7.307  1.00 49.95 ? 119 THR A CA  1 
ATOM 579 C C   . THR A 1 119 ? -20.731 3.635   -6.147  1.00 46.84 ? 119 THR A C   1 
ATOM 580 O O   . THR A 1 119 ? -21.838 4.162   -6.262  1.00 51.37 ? 119 THR A O   1 
ATOM 581 C CB  . THR A 1 119 ? -20.489 3.600   -8.643  1.00 53.99 ? 119 THR A CB  1 
ATOM 582 O OG1 . THR A 1 119 ? -20.626 2.240   -9.064  1.00 49.33 ? 119 THR A OG1 1 
ATOM 583 C CG2 . THR A 1 119 ? -19.750 4.352   -9.729  1.00 57.72 ? 119 THR A CG2 1 
ATOM 584 N N   . GLN A 1 120 ? -20.372 3.004   -5.034  1.00 45.44 ? 120 GLN A N   1 
ATOM 585 C CA  . GLN A 1 120 ? -21.257 3.013   -3.876  1.00 42.90 ? 120 GLN A CA  1 
ATOM 586 C C   . GLN A 1 120 ? -21.219 4.378   -3.203  1.00 42.59 ? 120 GLN A C   1 
ATOM 587 O O   . GLN A 1 120 ? -20.157 4.980   -3.048  1.00 51.76 ? 120 GLN A O   1 
ATOM 588 C CB  . GLN A 1 120 ? -20.881 1.918   -2.879  1.00 47.25 ? 120 GLN A CB  1 
ATOM 589 C CG  . GLN A 1 120 ? -21.130 0.504   -3.378  1.00 48.59 ? 120 GLN A CG  1 
ATOM 590 C CD  . GLN A 1 120 ? -22.580 0.081   -3.298  1.00 50.89 ? 120 GLN A CD  1 
ATOM 591 O OE1 . GLN A 1 120 ? -23.462 0.890   -3.039  1.00 56.18 ? 120 GLN A OE1 1 
ATOM 592 N NE2 . GLN A 1 120 ? -22.833 -1.195  -3.530  1.00 50.99 ? 120 GLN A NE2 1 
ATOM 593 N N   . LEU A 1 121 ? -22.387 4.853   -2.791  1.00 43.68 ? 121 LEU A N   1 
ATOM 594 C CA  . LEU A 1 121 ? -22.596 6.261   -2.477  1.00 43.02 ? 121 LEU A CA  1 
ATOM 595 C C   . LEU A 1 121 ? -22.282 6.572   -1.019  1.00 39.22 ? 121 LEU A C   1 
ATOM 596 O O   . LEU A 1 121 ? -22.744 5.875   -0.114  1.00 38.11 ? 121 LEU A O   1 
ATOM 597 C CB  . LEU A 1 121 ? -24.040 6.655   -2.786  1.00 42.29 ? 121 LEU A CB  1 
ATOM 598 C CG  . LEU A 1 121 ? -24.490 6.690   -4.243  1.00 38.42 ? 121 LEU A CG  1 
ATOM 599 C CD1 . LEU A 1 121 ? -25.862 7.278   -4.343  1.00 42.55 ? 121 LEU A CD1 1 
ATOM 600 C CD2 . LEU A 1 121 ? -23.532 7.497   -5.066  1.00 47.09 ? 121 LEU A CD2 1 
ATOM 601 N N   . THR A 1 122 ? -21.503 7.628   -0.804  1.00 38.68 ? 122 THR A N   1 
ATOM 602 C CA  . THR A 1 122 ? -21.336 8.242   0.504   1.00 40.07 ? 122 THR A CA  1 
ATOM 603 C C   . THR A 1 122 ? -21.923 9.647   0.473   1.00 40.01 ? 122 THR A C   1 
ATOM 604 O O   . THR A 1 122 ? -22.099 10.244  -0.589  1.00 40.08 ? 122 THR A O   1 
ATOM 605 C CB  . THR A 1 122 ? -19.863 8.297   0.936   1.00 39.14 ? 122 THR A CB  1 
ATOM 606 O OG1 . THR A 1 122 ? -19.139 9.181   0.080   1.00 49.67 ? 122 THR A OG1 1 
ATOM 607 C CG2 . THR A 1 122 ? -19.238 6.931   0.870   1.00 38.05 ? 122 THR A CG2 1 
ATOM 608 N N   . VAL A 1 123 ? -22.265 10.158  1.657   1.00 38.93 ? 123 VAL A N   1 
ATOM 609 C CA  . VAL A 1 123 ? -22.823 11.505  1.752   1.00 40.13 ? 123 VAL A CA  1 
ATOM 610 C C   . VAL A 1 123 ? -21.793 12.539  1.308   1.00 39.85 ? 123 VAL A C   1 
ATOM 611 O O   . VAL A 1 123 ? -22.123 13.514  0.624   1.00 42.06 ? 123 VAL A O   1 
ATOM 612 C CB  . VAL A 1 123 ? -23.335 11.765  3.183   1.00 38.10 ? 123 VAL A CB  1 
ATOM 613 C CG1 . VAL A 1 123 ? -23.382 13.247  3.494   1.00 34.58 ? 123 VAL A CG1 1 
ATOM 614 C CG2 . VAL A 1 123 ? -24.701 11.151  3.372   1.00 36.22 ? 123 VAL A CG2 1 
ATOM 615 N N   . GLU A 1 124 ? -20.529 12.332  1.677   1.00 38.18 ? 124 GLU A N   1 
ATOM 616 C CA  . GLU A 1 124 ? -19.476 13.259  1.275   1.00 42.26 ? 124 GLU A CA  1 
ATOM 617 C C   . GLU A 1 124 ? -19.298 13.289  -0.241  1.00 43.07 ? 124 GLU A C   1 
ATOM 618 O O   . GLU A 1 124 ? -19.141 14.364  -0.834  1.00 42.97 ? 124 GLU A O   1 
ATOM 619 C CB  . GLU A 1 124 ? -18.166 12.885  1.970   1.00 40.51 ? 124 GLU A CB  1 
ATOM 620 C CG  . GLU A 1 124 ? -16.953 13.606  1.431   1.00 44.93 ? 124 GLU A CG  1 
ATOM 621 C CD  . GLU A 1 124 ? -16.019 14.081  2.516   1.00 48.87 ? 124 GLU A CD  1 
ATOM 622 O OE1 . GLU A 1 124 ? -16.062 13.524  3.627   1.00 54.89 ? 124 GLU A OE1 1 
ATOM 623 O OE2 . GLU A 1 124 ? -15.239 15.012  2.258   1.00 51.34 ? 124 GLU A OE2 1 
ATOM 624 N N   . ARG A 1 125 ? -19.318 12.124  -0.889  1.00 40.50 ? 125 ARG A N   1 
ATOM 625 C CA  . ARG A 1 125 ? -19.107 12.089  -2.332  1.00 40.52 ? 125 ARG A CA  1 
ATOM 626 C C   . ARG A 1 125 ? -20.255 12.761  -3.077  1.00 46.61 ? 125 ARG A C   1 
ATOM 627 O O   . ARG A 1 125 ? -20.032 13.502  -4.042  1.00 51.94 ? 125 ARG A O   1 
ATOM 628 C CB  . ARG A 1 125 ? -18.927 10.649  -2.800  1.00 40.13 ? 125 ARG A CB  1 
ATOM 629 C CG  . ARG A 1 125 ? -17.500 10.159  -2.728  1.00 42.22 ? 125 ARG A CG  1 
ATOM 630 C CD  . ARG A 1 125 ? -17.392 8.707   -3.132  1.00 44.37 ? 125 ARG A CD  1 
ATOM 631 N NE  . ARG A 1 125 ? -16.170 8.096   -2.629  1.00 46.94 ? 125 ARG A NE  1 
ATOM 632 C CZ  . ARG A 1 125 ? -15.897 6.800   -2.684  1.00 49.04 ? 125 ARG A CZ  1 
ATOM 633 N NH1 . ARG A 1 125 ? -16.740 5.937   -3.218  1.00 50.90 ? 125 ARG A NH1 1 
ATOM 634 N NH2 . ARG A 1 125 ? -14.749 6.362   -2.182  1.00 49.66 ? 125 ARG A NH2 1 
ATOM 635 N N   . ALA A 1 126 ? -21.490 12.530  -2.632  1.00 45.88 ? 126 ALA A N   1 
ATOM 636 C CA  . ALA A 1 126 ? -22.636 13.171  -3.263  1.00 41.34 ? 126 ALA A CA  1 
ATOM 637 C C   . ALA A 1 126 ? -22.634 14.676  -3.029  1.00 40.19 ? 126 ALA A C   1 
ATOM 638 O O   . ALA A 1 126 ? -23.015 15.448  -3.915  1.00 42.40 ? 126 ALA A O   1 
ATOM 639 C CB  . ALA A 1 126 ? -23.930 12.543  -2.749  1.00 40.48 ? 126 ALA A CB  1 
ATOM 640 N N   . THR A 1 127 ? -22.237 15.111  -1.832  1.00 40.07 ? 127 THR A N   1 
ATOM 641 C CA  . THR A 1 127 ? -22.170 16.541  -1.556  1.00 41.24 ? 127 THR A CA  1 
ATOM 642 C C   . THR A 1 127 ? -21.121 17.217  -2.429  1.00 42.80 ? 127 THR A C   1 
ATOM 643 O O   . THR A 1 127 ? -21.363 18.296  -2.987  1.00 42.52 ? 127 THR A O   1 
ATOM 644 C CB  . THR A 1 127 ? -21.877 16.770  -0.073  1.00 39.11 ? 127 THR A CB  1 
ATOM 645 O OG1 . THR A 1 127 ? -22.734 15.944  0.719   1.00 39.59 ? 127 THR A OG1 1 
ATOM 646 C CG2 . THR A 1 127 ? -22.113 18.207  0.294   1.00 35.28 ? 127 THR A CG2 1 
ATOM 647 N N   . ALA A 1 128 ? -19.957 16.582  -2.582  1.00 41.71 ? 128 ALA A N   1 
ATOM 648 C CA  . ALA A 1 128 ? -18.932 17.118  -3.470  1.00 42.22 ? 128 ALA A CA  1 
ATOM 649 C C   . ALA A 1 128 ? -19.419 17.163  -4.911  1.00 43.90 ? 128 ALA A C   1 
ATOM 650 O O   . ALA A 1 128 ? -19.127 18.114  -5.646  1.00 45.42 ? 128 ALA A O   1 
ATOM 651 C CB  . ALA A 1 128 ? -17.658 16.286  -3.357  1.00 40.33 ? 128 ALA A CB  1 
ATOM 652 N N   . ASP A 1 129 ? -20.162 16.139  -5.337  1.00 44.62 ? 129 ASP A N   1 
ATOM 653 C CA  . ASP A 1 129 ? -20.689 16.133  -6.696  1.00 45.66 ? 129 ASP A CA  1 
ATOM 654 C C   . ASP A 1 129 ? -21.680 17.273  -6.900  1.00 44.97 ? 129 ASP A C   1 
ATOM 655 O O   . ASP A 1 129 ? -21.681 17.921  -7.952  1.00 43.99 ? 129 ASP A O   1 
ATOM 656 C CB  . ASP A 1 129 ? -21.297 14.755  -6.991  1.00 48.68 ? 129 ASP A CB  1 
ATOM 657 C CG  . ASP A 1 129 ? -22.145 14.705  -8.256  1.00 58.35 ? 129 ASP A CG  1 
ATOM 658 O OD1 . ASP A 1 129 ? -22.882 15.640  -8.606  1.00 62.16 ? 129 ASP A OD1 1 
ATOM 659 O OD2 . ASP A 1 129 ? -22.021 13.693  -8.958  1.00 63.11 ? 129 ASP A OD2 1 
ATOM 660 N N   . ALA A 1 130 ? -22.535 17.531  -5.910  1.00 44.76 ? 130 ALA A N   1 
ATOM 661 C CA  . ALA A 1 130 ? -23.467 18.649  -6.022  1.00 40.89 ? 130 ALA A CA  1 
ATOM 662 C C   . ALA A 1 130 ? -22.725 19.978  -6.099  1.00 41.69 ? 130 ALA A C   1 
ATOM 663 O O   . ALA A 1 130 ? -23.104 20.867  -6.874  1.00 44.28 ? 130 ALA A O   1 
ATOM 664 C CB  . ALA A 1 130 ? -24.444 18.644  -4.847  1.00 36.83 ? 130 ALA A CB  1 
ATOM 665 N N   . ILE A 1 131 ? -21.664 20.128  -5.304  1.00 40.39 ? 131 ILE A N   1 
ATOM 666 C CA  . ILE A 1 131 ? -20.856 21.344  -5.362  1.00 39.13 ? 131 ILE A CA  1 
ATOM 667 C C   . ILE A 1 131 ? -20.249 21.519  -6.750  1.00 41.13 ? 131 ILE A C   1 
ATOM 668 O O   . ILE A 1 131 ? -20.228 22.626  -7.301  1.00 42.06 ? 131 ILE A O   1 
ATOM 669 C CB  . ILE A 1 131 ? -19.775 21.311  -4.265  1.00 38.92 ? 131 ILE A CB  1 
ATOM 670 C CG1 . ILE A 1 131 ? -20.393 21.565  -2.896  1.00 38.48 ? 131 ILE A CG1 1 
ATOM 671 C CG2 . ILE A 1 131 ? -18.692 22.326  -4.534  1.00 39.11 ? 131 ILE A CG2 1 
ATOM 672 C CD1 . ILE A 1 131 ? -19.582 21.011  -1.762  1.00 36.81 ? 131 ILE A CD1 1 
ATOM 673 N N   . SER A 1 132 ? -19.746 20.429  -7.334  1.00 41.80 ? 132 SER A N   1 
ATOM 674 C CA  . SER A 1 132 ? -19.171 20.495  -8.675  1.00 42.73 ? 132 SER A CA  1 
ATOM 675 C C   . SER A 1 132 ? -20.221 20.869  -9.719  1.00 42.34 ? 132 SER A C   1 
ATOM 676 O O   . SER A 1 132 ? -19.946 21.659  -10.631 1.00 44.12 ? 132 SER A O   1 
ATOM 677 C CB  . SER A 1 132 ? -18.501 19.160  -9.019  1.00 46.48 ? 132 SER A CB  1 
ATOM 678 O OG  . SER A 1 132 ? -18.205 19.067  -10.399 1.00 54.96 ? 132 SER A OG  1 
ATOM 679 N N   . LYS A 1 133 ? -21.426 20.308  -9.603  1.00 42.27 ? 133 LYS A N   1 
ATOM 680 C CA  . LYS A 1 133 ? -22.495 20.638  -10.542 1.00 43.37 ? 133 LYS A CA  1 
ATOM 681 C C   . LYS A 1 133 ? -22.873 22.109  -10.458 1.00 44.27 ? 133 LYS A C   1 
ATOM 682 O O   . LYS A 1 133 ? -23.073 22.764  -11.486 1.00 41.43 ? 133 LYS A O   1 
ATOM 683 C CB  . LYS A 1 133 ? -23.725 19.778  -10.279 1.00 40.31 ? 133 LYS A CB  1 
ATOM 684 C CG  . LYS A 1 133 ? -23.629 18.373  -10.795 1.00 43.02 ? 133 LYS A CG  1 
ATOM 685 C CD  . LYS A 1 133 ? -24.727 17.522  -10.211 1.00 44.17 ? 133 LYS A CD  1 
ATOM 686 C CE  . LYS A 1 133 ? -25.308 16.607  -11.241 1.00 39.65 ? 133 LYS A CE  1 
ATOM 687 N NZ  . LYS A 1 133 ? -24.607 15.313  -11.233 1.00 41.30 ? 133 LYS A NZ  1 
ATOM 688 N N   . ALA A 1 134 ? -22.987 22.638  -9.239  1.00 41.39 ? 134 ALA A N   1 
ATOM 689 C CA  . ALA A 1 134 ? -23.287 24.056  -9.081  1.00 44.04 ? 134 ALA A CA  1 
ATOM 690 C C   . ALA A 1 134 ? -22.162 24.923  -9.636  1.00 43.87 ? 134 ALA A C   1 
ATOM 691 O O   . ALA A 1 134 ? -22.418 25.958  -10.261 1.00 43.51 ? 134 ALA A O   1 
ATOM 692 C CB  . ALA A 1 134 ? -23.547 24.381  -7.612  1.00 41.84 ? 134 ALA A CB  1 
ATOM 693 N N   . ALA A 1 135 ? -20.909 24.510  -9.430  1.00 43.50 ? 135 ALA A N   1 
ATOM 694 C CA  . ALA A 1 135 ? -19.783 25.319  -9.878  1.00 43.13 ? 135 ALA A CA  1 
ATOM 695 C C   . ALA A 1 135 ? -19.627 25.304  -11.392 1.00 44.25 ? 135 ALA A C   1 
ATOM 696 O O   . ALA A 1 135 ? -19.061 26.243  -11.960 1.00 45.35 ? 135 ALA A O   1 
ATOM 697 C CB  . ALA A 1 135 ? -18.496 24.843  -9.208  1.00 39.49 ? 135 ALA A CB  1 
ATOM 698 N N   . THR A 1 136 ? -20.109 24.258  -12.062 1.00 42.74 ? 136 THR A N   1 
ATOM 699 C CA  . THR A 1 136 ? -20.006 24.213  -13.518 1.00 44.39 ? 136 THR A CA  1 
ATOM 700 C C   . THR A 1 136 ? -20.942 25.216  -14.193 1.00 45.93 ? 136 THR A C   1 
ATOM 701 O O   . THR A 1 136 ? -20.678 25.645  -15.321 1.00 45.67 ? 136 THR A O   1 
ATOM 702 C CB  . THR A 1 136 ? -20.275 22.790  -14.009 1.00 43.66 ? 136 THR A CB  1 
ATOM 703 O OG1 . THR A 1 136 ? -19.549 21.871  -13.191 1.00 50.68 ? 136 THR A OG1 1 
ATOM 704 C CG2 . THR A 1 136 ? -19.826 22.614  -15.437 1.00 40.11 ? 136 THR A CG2 1 
ATOM 705 N N   . GLY A 1 137 ? -22.022 25.609  -13.525 1.00 44.12 ? 137 GLY A N   1 
ATOM 706 C CA  . GLY A 1 137 ? -22.935 26.616  -14.019 1.00 46.03 ? 137 GLY A CA  1 
ATOM 707 C C   . GLY A 1 137 ? -22.726 28.019  -13.489 1.00 50.81 ? 137 GLY A C   1 
ATOM 708 O O   . GLY A 1 137 ? -23.611 28.864  -13.661 1.00 55.39 ? 137 GLY A O   1 
ATOM 709 N N   . SER A 1 138 ? -21.579 28.297  -12.869 1.00 51.67 ? 138 SER A N   1 
ATOM 710 C CA  . SER A 1 138 ? -21.248 29.552  -12.189 1.00 51.20 ? 138 SER A CA  1 
ATOM 711 C C   . SER A 1 138 ? -22.302 29.970  -11.168 1.00 48.71 ? 138 SER A C   1 
ATOM 712 O O   . SER A 1 138 ? -22.519 31.161  -10.955 1.00 50.09 ? 138 SER A O   1 
ATOM 713 C CB  . SER A 1 138 ? -20.989 30.720  -13.158 1.00 54.87 ? 138 SER A CB  1 
ATOM 714 O OG  . SER A 1 138 ? -21.533 30.557  -14.456 1.00 66.47 ? 138 SER A OG  1 
ATOM 715 N N   . ARG A 1 139 ? -22.953 29.016  -10.508 1.00 48.34 ? 139 ARG A N   1 
ATOM 716 C CA  . ARG A 1 139 ? -23.873 29.333  -9.416  1.00 50.35 ? 139 ARG A CA  1 
ATOM 717 C C   . ARG A 1 139 ? -23.129 29.206  -8.088  1.00 49.65 ? 139 ARG A C   1 
ATOM 718 O O   . ARG A 1 139 ? -23.339 28.295  -7.288  1.00 48.89 ? 139 ARG A O   1 
ATOM 719 C CB  . ARG A 1 139 ? -25.106 28.442  -9.477  1.00 49.14 ? 139 ARG A CB  1 
ATOM 720 C CG  . ARG A 1 139 ? -25.616 28.250  -10.883 1.00 52.96 ? 139 ARG A CG  1 
ATOM 721 C CD  . ARG A 1 139 ? -27.029 27.719  -10.935 1.00 49.46 ? 139 ARG A CD  1 
ATOM 722 N NE  . ARG A 1 139 ? -27.255 27.007  -12.186 1.00 54.44 ? 139 ARG A NE  1 
ATOM 723 C CZ  . ARG A 1 139 ? -27.988 27.457  -13.193 1.00 49.77 ? 139 ARG A CZ  1 
ATOM 724 N NH1 . ARG A 1 139 ? -28.633 28.606  -13.121 1.00 48.93 ? 139 ARG A NH1 1 
ATOM 725 N NH2 . ARG A 1 139 ? -28.075 26.733  -14.301 1.00 50.51 ? 139 ARG A NH2 1 
ATOM 726 N N   . PHE A 1 140 ? -22.233 30.168  -7.869  1.00 52.90 ? 140 PHE A N   1 
ATOM 727 C CA  . PHE A 1 140 ? -21.373 30.143  -6.696  1.00 49.91 ? 140 PHE A CA  1 
ATOM 728 C C   . PHE A 1 140 ? -22.132 30.463  -5.417  1.00 49.87 ? 140 PHE A C   1 
ATOM 729 O O   . PHE A 1 140 ? -21.647 30.142  -4.330  1.00 49.71 ? 140 PHE A O   1 
ATOM 730 C CB  . PHE A 1 140 ? -20.200 31.104  -6.898  1.00 46.14 ? 140 PHE A CB  1 
ATOM 731 C CG  . PHE A 1 140 ? -19.343 30.767  -8.090  1.00 47.49 ? 140 PHE A CG  1 
ATOM 732 C CD1 . PHE A 1 140 ? -18.578 29.618  -8.105  1.00 45.66 ? 140 PHE A CD1 1 
ATOM 733 C CD2 . PHE A 1 140 ? -19.307 31.596  -9.198  1.00 48.11 ? 140 PHE A CD2 1 
ATOM 734 C CE1 . PHE A 1 140 ? -17.796 29.304  -9.197  1.00 43.53 ? 140 PHE A CE1 1 
ATOM 735 C CE2 . PHE A 1 140 ? -18.526 31.282  -10.292 1.00 46.30 ? 140 PHE A CE2 1 
ATOM 736 C CZ  . PHE A 1 140 ? -17.775 30.135  -10.290 1.00 43.81 ? 140 PHE A CZ  1 
ATOM 737 N N   . GLY A 1 141 ? -23.315 31.069  -5.518  1.00 49.20 ? 141 GLY A N   1 
ATOM 738 C CA  . GLY A 1 141 ? -24.157 31.214  -4.344  1.00 46.83 ? 141 GLY A CA  1 
ATOM 739 C C   . GLY A 1 141 ? -24.641 29.879  -3.812  1.00 51.17 ? 141 GLY A C   1 
ATOM 740 O O   . GLY A 1 141 ? -24.715 29.673  -2.602  1.00 52.89 ? 141 GLY A O   1 
ATOM 741 N N   . ASP A 1 142 ? -24.956 28.946  -4.710  1.00 52.68 ? 142 ASP A N   1 
ATOM 742 C CA  . ASP A 1 142 ? -25.352 27.607  -4.283  1.00 47.98 ? 142 ASP A CA  1 
ATOM 743 C C   . ASP A 1 142 ? -24.171 26.836  -3.717  1.00 47.24 ? 142 ASP A C   1 
ATOM 744 O O   . ASP A 1 142 ? -24.323 26.061  -2.765  1.00 48.60 ? 142 ASP A O   1 
ATOM 745 C CB  . ASP A 1 142 ? -25.968 26.855  -5.454  1.00 49.31 ? 142 ASP A CB  1 
ATOM 746 C CG  . ASP A 1 142 ? -27.315 27.396  -5.832  1.00 61.20 ? 142 ASP A CG  1 
ATOM 747 O OD1 . ASP A 1 142 ? -27.974 27.990  -4.959  1.00 69.43 ? 142 ASP A OD1 1 
ATOM 748 O OD2 . ASP A 1 142 ? -27.715 27.240  -7.001  1.00 71.13 ? 142 ASP A OD2 1 
ATOM 749 N N   . VAL A 1 143 ? -22.987 27.024  -4.295  1.00 46.76 ? 143 VAL A N   1 
ATOM 750 C CA  . VAL A 1 143 ? -21.784 26.426  -3.730  1.00 46.60 ? 143 VAL A CA  1 
ATOM 751 C C   . VAL A 1 143 ? -21.570 26.932  -2.312  1.00 44.31 ? 143 VAL A C   1 
ATOM 752 O O   . VAL A 1 143 ? -21.330 26.154  -1.383  1.00 46.46 ? 143 VAL A O   1 
ATOM 753 C CB  . VAL A 1 143 ? -20.565 26.722  -4.622  1.00 43.81 ? 143 VAL A CB  1 
ATOM 754 C CG1 . VAL A 1 143 ? -19.291 26.300  -3.930  1.00 39.94 ? 143 VAL A CG1 1 
ATOM 755 C CG2 . VAL A 1 143 ? -20.707 26.025  -5.953  1.00 41.86 ? 143 VAL A CG2 1 
ATOM 756 N N   . SER A 1 144 ? -21.688 28.246  -2.128  1.00 44.27 ? 144 SER A N   1 
ATOM 757 C CA  . SER A 1 144 ? -21.534 28.842  -0.809  1.00 43.87 ? 144 SER A CA  1 
ATOM 758 C C   . SER A 1 144 ? -22.596 28.333  0.160   1.00 44.55 ? 144 SER A C   1 
ATOM 759 O O   . SER A 1 144 ? -22.301 28.082  1.331   1.00 44.12 ? 144 SER A O   1 
ATOM 760 C CB  . SER A 1 144 ? -21.585 30.364  -0.934  1.00 43.07 ? 144 SER A CB  1 
ATOM 761 O OG  . SER A 1 144 ? -22.053 30.968  0.251   1.00 50.46 ? 144 SER A OG  1 
ATOM 762 N N   . GLY A 1 145 ? -23.837 28.179  -0.310  1.00 43.49 ? 145 GLY A N   1 
ATOM 763 C CA  . GLY A 1 145 ? -24.890 27.656  0.546   1.00 41.28 ? 145 GLY A CA  1 
ATOM 764 C C   . GLY A 1 145 ? -24.626 26.236  1.008   1.00 42.79 ? 145 GLY A C   1 
ATOM 765 O O   . GLY A 1 145 ? -24.793 25.914  2.189   1.00 44.29 ? 145 GLY A O   1 
ATOM 766 N N   . ILE A 1 146 ? -24.194 25.374  0.090   1.00 38.26 ? 146 ILE A N   1 
ATOM 767 C CA  . ILE A 1 146 ? -23.883 23.999  0.460   1.00 40.16 ? 146 ILE A CA  1 
ATOM 768 C C   . ILE A 1 146 ? -22.696 23.954  1.416   1.00 42.36 ? 146 ILE A C   1 
ATOM 769 O O   . ILE A 1 146 ? -22.694 23.188  2.384   1.00 45.35 ? 146 ILE A O   1 
ATOM 770 C CB  . ILE A 1 146 ? -23.644 23.147  -0.799  1.00 40.05 ? 146 ILE A CB  1 
ATOM 771 C CG1 . ILE A 1 146 ? -24.928 23.028  -1.623  1.00 36.14 ? 146 ILE A CG1 1 
ATOM 772 C CG2 . ILE A 1 146 ? -23.132 21.779  -0.419  1.00 36.99 ? 146 ILE A CG2 1 
ATOM 773 C CD1 . ILE A 1 146 ? -24.702 22.552  -3.042  1.00 34.34 ? 146 ILE A CD1 1 
ATOM 774 N N   . VAL A 1 147 ? -21.677 24.779  1.172   1.00 40.26 ? 147 VAL A N   1 
ATOM 775 C CA  . VAL A 1 147 ? -20.499 24.781  2.036   1.00 39.26 ? 147 VAL A CA  1 
ATOM 776 C C   . VAL A 1 147 ? -20.851 25.290  3.430   1.00 44.84 ? 147 VAL A C   1 
ATOM 777 O O   . VAL A 1 147 ? -20.332 24.797  4.439   1.00 42.23 ? 147 VAL A O   1 
ATOM 778 C CB  . VAL A 1 147 ? -19.380 25.609  1.382   1.00 40.74 ? 147 VAL A CB  1 
ATOM 779 C CG1 . VAL A 1 147 ? -18.232 25.810  2.336   1.00 42.15 ? 147 VAL A CG1 1 
ATOM 780 C CG2 . VAL A 1 147 ? -18.901 24.924  0.121   1.00 38.17 ? 147 VAL A CG2 1 
ATOM 781 N N   . ARG A 1 148 ? -21.743 26.280  3.504   1.00 47.70 ? 148 ARG A N   1 
ATOM 782 C CA  . ARG A 1 148 ? -22.237 26.782  4.780   1.00 45.96 ? 148 ARG A CA  1 
ATOM 783 C C   . ARG A 1 148 ? -22.995 25.706  5.545   1.00 47.65 ? 148 ARG A C   1 
ATOM 784 O O   . ARG A 1 148 ? -22.833 25.566  6.761   1.00 47.20 ? 148 ARG A O   1 
ATOM 785 C CB  . ARG A 1 148 ? -23.143 27.985  4.524   1.00 49.64 ? 148 ARG A CB  1 
ATOM 786 C CG  . ARG A 1 148 ? -23.276 28.939  5.664   1.00 50.69 ? 148 ARG A CG  1 
ATOM 787 C CD  . ARG A 1 148 ? -23.972 30.222  5.246   1.00 50.56 ? 148 ARG A CD  1 
ATOM 788 N NE  . ARG A 1 148 ? -24.613 30.138  3.942   1.00 48.75 ? 148 ARG A NE  1 
ATOM 789 C CZ  . ARG A 1 148 ? -24.281 30.871  2.888   1.00 49.48 ? 148 ARG A CZ  1 
ATOM 790 N NH1 . ARG A 1 148 ? -23.270 31.717  2.926   1.00 48.00 ? 148 ARG A NH1 1 
ATOM 791 N NH2 . ARG A 1 148 ? -24.980 30.748  1.767   1.00 52.88 ? 148 ARG A NH2 1 
ATOM 792 N N   . ALA A 1 149 ? -23.840 24.946  4.849   1.00 45.40 ? 149 ALA A N   1 
ATOM 793 C CA  . ALA A 1 149 ? -24.590 23.886  5.514   1.00 40.94 ? 149 ALA A CA  1 
ATOM 794 C C   . ALA A 1 149 ? -23.678 22.749  5.965   1.00 45.61 ? 149 ALA A C   1 
ATOM 795 O O   . ALA A 1 149 ? -23.917 22.133  7.005   1.00 46.55 ? 149 ALA A O   1 
ATOM 796 C CB  . ALA A 1 149 ? -25.684 23.365  4.591   1.00 37.13 ? 149 ALA A CB  1 
ATOM 797 N N   . TRP A 1 150 ? -22.634 22.452  5.190   1.00 45.54 ? 150 TRP A N   1 
ATOM 798 C CA  . TRP A 1 150 ? -21.716 21.377  5.554   1.00 40.55 ? 150 TRP A CA  1 
ATOM 799 C C   . TRP A 1 150 ? -20.847 21.761  6.744   1.00 44.81 ? 150 TRP A C   1 
ATOM 800 O O   . TRP A 1 150 ? -20.718 20.995  7.704   1.00 48.56 ? 150 TRP A O   1 
ATOM 801 C CB  . TRP A 1 150 ? -20.852 21.012  4.348   1.00 39.60 ? 150 TRP A CB  1 
ATOM 802 C CG  . TRP A 1 150 ? -19.748 20.036  4.613   1.00 43.03 ? 150 TRP A CG  1 
ATOM 803 C CD1 . TRP A 1 150 ? -18.470 20.328  4.969   1.00 43.63 ? 150 TRP A CD1 1 
ATOM 804 C CD2 . TRP A 1 150 ? -19.815 18.608  4.499   1.00 45.01 ? 150 TRP A CD2 1 
ATOM 805 N NE1 . TRP A 1 150 ? -17.739 19.176  5.103   1.00 44.19 ? 150 TRP A NE1 1 
ATOM 806 C CE2 . TRP A 1 150 ? -18.541 18.106  4.816   1.00 42.14 ? 150 TRP A CE2 1 
ATOM 807 C CE3 . TRP A 1 150 ? -20.832 17.708  4.172   1.00 37.96 ? 150 TRP A CE3 1 
ATOM 808 C CZ2 . TRP A 1 150 ? -18.259 16.749  4.817   1.00 40.27 ? 150 TRP A CZ2 1 
ATOM 809 C CZ3 . TRP A 1 150 ? -20.548 16.364  4.170   1.00 35.92 ? 150 TRP A CZ3 1 
ATOM 810 C CH2 . TRP A 1 150 ? -19.273 15.895  4.488   1.00 39.69 ? 150 TRP A CH2 1 
ATOM 811 N N   . SER A 1 151 ? -20.244 22.950  6.705   1.00 48.27 ? 151 SER A N   1 
ATOM 812 C CA  . SER A 1 151 ? -19.227 23.298  7.692   1.00 44.30 ? 151 SER A CA  1 
ATOM 813 C C   . SER A 1 151 ? -19.826 23.642  9.052   1.00 45.19 ? 151 SER A C   1 
ATOM 814 O O   . SER A 1 151 ? -19.279 23.247  10.085  1.00 45.89 ? 151 SER A O   1 
ATOM 815 C CB  . SER A 1 151 ? -18.372 24.453  7.174   1.00 45.82 ? 151 SER A CB  1 
ATOM 816 O OG  . SER A 1 151 ? -19.076 25.677  7.196   1.00 53.92 ? 151 SER A OG  1 
ATOM 817 N N   . ALA A 1 152 ? -20.939 24.372  9.082   1.00 45.23 ? 152 ALA A N   1 
ATOM 818 C CA  . ALA A 1 152 ? -21.531 24.796  10.342  1.00 44.08 ? 152 ALA A CA  1 
ATOM 819 C C   . ALA A 1 152 ? -23.025 24.535  10.450  1.00 46.48 ? 152 ALA A C   1 
ATOM 820 O O   . ALA A 1 152 ? -23.619 24.890  11.471  1.00 49.57 ? 152 ALA A O   1 
ATOM 821 C CB  . ALA A 1 152 ? -21.274 26.290  10.581  1.00 41.18 ? 152 ALA A CB  1 
ATOM 822 N N   . GLY A 1 153 ? -23.648 23.942  9.439   1.00 44.62 ? 153 GLY A N   1 
ATOM 823 C CA  . GLY A 1 153 ? -25.080 23.686  9.492   1.00 44.86 ? 153 GLY A CA  1 
ATOM 824 C C   . GLY A 1 153 ? -25.947 24.923  9.584   1.00 47.23 ? 153 GLY A C   1 
ATOM 825 O O   . GLY A 1 153 ? -26.939 24.925  10.320  1.00 50.52 ? 153 GLY A O   1 
ATOM 826 N N   . THR A 1 154 ? -25.604 25.972  8.849   1.00 47.32 ? 154 THR A N   1 
ATOM 827 C CA  . THR A 1 154 ? -26.328 27.233  8.875   1.00 50.99 ? 154 THR A CA  1 
ATOM 828 C C   . THR A 1 154 ? -27.003 27.468  7.528   1.00 52.80 ? 154 THR A C   1 
ATOM 829 O O   . THR A 1 154 ? -26.971 26.621  6.636   1.00 54.39 ? 154 THR A O   1 
ATOM 830 C CB  . THR A 1 154 ? -25.389 28.384  9.242   1.00 48.95 ? 154 THR A CB  1 
ATOM 831 O OG1 . THR A 1 154 ? -24.149 28.226  8.553   1.00 52.38 ? 154 THR A OG1 1 
ATOM 832 C CG2 . THR A 1 154 ? -25.116 28.402  10.730  1.00 44.32 ? 154 THR A CG2 1 
ATOM 833 N N   . SER A 1 155 ? -27.644 28.628  7.394   1.00 51.51 ? 155 SER A N   1 
ATOM 834 C CA  . SER A 1 155 ? -28.329 29.005  6.166   1.00 50.34 ? 155 SER A CA  1 
ATOM 835 C C   . SER A 1 155 ? -28.115 30.492  5.920   1.00 51.84 ? 155 SER A C   1 
ATOM 836 O O   . SER A 1 155 ? -27.446 31.178  6.694   1.00 59.05 ? 155 SER A O   1 
ATOM 837 C CB  . SER A 1 155 ? -29.820 28.648  6.227   1.00 50.28 ? 155 SER A CB  1 
ATOM 838 O OG  . SER A 1 155 ? -30.424 29.169  7.389   1.00 55.26 ? 155 SER A OG  1 
ATOM 839 N N   . VAL A 1 156 ? -28.694 30.996  4.828   1.00 49.06 ? 156 VAL A N   1 
ATOM 840 C CA  . VAL A 1 156 ? -28.404 32.358  4.393   1.00 43.82 ? 156 VAL A CA  1 
ATOM 841 C C   . VAL A 1 156 ? -28.994 33.383  5.361   1.00 45.06 ? 156 VAL A C   1 
ATOM 842 O O   . VAL A 1 156 ? -28.364 34.400  5.659   1.00 47.84 ? 156 VAL A O   1 
ATOM 843 C CB  . VAL A 1 156 ? -28.879 32.568  2.939   1.00 39.09 ? 156 VAL A CB  1 
ATOM 844 C CG1 . VAL A 1 156 ? -30.387 32.695  2.843   1.00 37.55 ? 156 VAL A CG1 1 
ATOM 845 C CG2 . VAL A 1 156 ? -28.195 33.768  2.319   1.00 37.56 ? 156 VAL A CG2 1 
ATOM 846 N N   . LEU A 1 157 ? -30.189 33.129  5.887   1.00 48.01 ? 157 LEU A N   1 
ATOM 847 C CA  . LEU A 1 157 ? -30.844 34.076  6.779   1.00 50.24 ? 157 LEU A CA  1 
ATOM 848 C C   . LEU A 1 157 ? -30.527 33.839  8.246   1.00 56.90 ? 157 LEU A C   1 
ATOM 849 O O   . LEU A 1 157 ? -30.979 34.612  9.092   1.00 63.60 ? 157 LEU A O   1 
ATOM 850 C CB  . LEU A 1 157 ? -32.359 34.038  6.585   1.00 46.55 ? 157 LEU A CB  1 
ATOM 851 C CG  . LEU A 1 157 ? -32.925 34.879  5.447   1.00 39.90 ? 157 LEU A CG  1 
ATOM 852 C CD1 . LEU A 1 157 ? -34.422 34.971  5.549   1.00 44.85 ? 157 LEU A CD1 1 
ATOM 853 C CD2 . LEU A 1 157 ? -32.314 36.247  5.455   1.00 41.40 ? 157 LEU A CD2 1 
ATOM 854 N N   . ASP A 1 158 ? -29.778 32.797  8.570   1.00 61.12 ? 158 ASP A N   1 
ATOM 855 C CA  . ASP A 1 158 ? -29.441 32.519  9.955   1.00 72.44 ? 158 ASP A CA  1 
ATOM 856 C C   . ASP A 1 158 ? -28.525 33.598  10.515  1.00 78.42 ? 158 ASP A C   1 
ATOM 857 O O   . ASP A 1 158 ? -28.993 34.613  11.029  1.00 85.58 ? 158 ASP A O   1 
ATOM 858 C CB  . ASP A 1 158 ? -28.782 31.144  10.083  1.00 76.27 ? 158 ASP A CB  1 
ATOM 859 C CG  . ASP A 1 158 ? -29.775 30.050  10.422  1.00 83.57 ? 158 ASP A CG  1 
ATOM 860 O OD1 . ASP A 1 158 ? -30.934 30.380  10.753  1.00 87.11 ? 158 ASP A OD1 1 
ATOM 861 O OD2 . ASP A 1 158 ? -29.399 28.861  10.358  1.00 83.01 ? 158 ASP A OD2 1 
# 
